data_9L3D
#
_entry.id   9L3D
#
_cell.length_a   117.038
_cell.length_b   119.841
_cell.length_c   106.445
_cell.angle_alpha   90.000
_cell.angle_beta   90.000
_cell.angle_gamma   90.000
#
_symmetry.space_group_name_H-M   'P 21 21 2'
#
loop_
_entity.id
_entity.type
_entity.pdbx_description
1 polymer 'Glycoside hydrolase superfamily'
2 branched alpha-D-mannopyranose-(1-3)-alpha-D-mannopyranose-(1-6)-[alpha-D-mannopyranose-(1-3)]beta-D-mannopyranose-(1-4)-2-acetamido-2-deoxy-beta-D-glucopyranose-(1-4)-2-acetamido-2-deoxy-beta-D-glucopyranose
3 branched alpha-D-mannopyranose-(1-2)-alpha-D-mannopyranose-(1-2)-alpha-D-mannopyranose-(1-3)-[alpha-D-mannopyranose-(1-3)-alpha-D-mannopyranose-(1-6)]beta-D-mannopyranose-(1-4)-2-acetamido-2-deoxy-beta-D-glucopyranose-(1-4)-2-acetamido-2-deoxy-beta-D-glucopyranose
4 branched alpha-D-mannopyranose-(1-3)-[alpha-D-mannopyranose-(1-6)]alpha-D-mannopyranose-(1-6)-[alpha-D-mannopyranose-(1-3)]beta-D-mannopyranose-(1-4)-2-acetamido-2-deoxy-beta-D-glucopyranose-(1-4)-2-acetamido-2-deoxy-beta-D-glucopyranose
5 branched alpha-D-mannopyranose-(1-2)-alpha-D-mannopyranose-(1-2)-[alpha-D-mannopyranose-(1-6)]alpha-D-mannopyranose-(1-3)-[alpha-D-mannopyranose-(1-3)-[alpha-D-mannopyranose-(1-6)]alpha-D-mannopyranose-(1-6)]beta-D-mannopyranose-(1-4)-2-acetamido-2-deoxy-beta-D-glucopyranose-(1-4)-2-acetamido-2-deoxy-beta-D-glucopyranose
6 branched 2-acetamido-2-deoxy-beta-D-glucopyranose-(1-4)-2-acetamido-2-deoxy-beta-D-glucopyranose
7 non-polymer alpha-D-mannopyranose
8 non-polymer 2-acetamido-2-deoxy-beta-D-glucopyranose
9 non-polymer GLYCEROL
10 water water
#
_entity_poly.entity_id   1
_entity_poly.type   'polypeptide(L)'
_entity_poly.pdbx_seq_one_letter_code
;MRFPSIFTAVLFAASSALAAPVNTTTEDETAQIPAEAVIGYSDLEGDFDVAVLPFSNSTNNGLLFINTTIASIAAKEEGV
SLEKREAEALSANCTGSFDAISASDFVANINPGWNLGNSLDATPNEDSWNNPTVQESTFDYVKAAGFKSVRLPVTWTHHF
TSESPDWTVDPKWLQRVSDVIDMITSRGLYTIVNVHHDSWEWADVTKSDANITQIEQKFEKLWYQIGTKLACKSSMVAFE
TINEPPCNTAEDGAKINKFNEIFLRAINRAGGFNAKRVVNLVGGGMDSVKTSQWFKTPANITNPWALQFHFYSPYDFIFS
AWGKTIWGSDSDKSELDSTLGLLRGNFTDVPIVLGEFDASPTNTEPAARWKYHDYLIRSTKKYNMSPIIWDNGLDHLDRS
SGIWRDPVSIEIITNGNETNSLPDSTVDTSAPSQSSSAYIYHKVGTEVTDQTLPFIFNDNTLVSIQDSKGTTLKADTDYT
VSGSNITFPASFLSTYYSETSEPGLLPNFTLKFSSGASPVVQLVQWDTPTLSKTSAAASSISGSDLSIPITWKGLPKLAT
VKALLNNGTYLVDDFTQWFGPFGEARTTYSNQWNWDDKNVILTQATVEAVVAAGQDTVFTFEFFPRVDTTTNTVNFTLTV
VDHHHHHH
;
_entity_poly.pdbx_strand_id   A,B
#
loop_
_chem_comp.id
_chem_comp.type
_chem_comp.name
_chem_comp.formula
BMA D-saccharide, beta linking beta-D-mannopyranose 'C6 H12 O6'
GOL non-polymer GLYCEROL 'C3 H8 O3'
MAN D-saccharide, alpha linking alpha-D-mannopyranose 'C6 H12 O6'
NAG D-saccharide, beta linking 2-acetamido-2-deoxy-beta-D-glucopyranose 'C8 H15 N O6'
#
# COMPACT_ATOMS: atom_id res chain seq x y z
N ALA A 92 -11.26 17.47 -19.34
CA ALA A 92 -9.91 17.00 -19.00
C ALA A 92 -8.97 17.26 -20.17
N ASN A 93 -7.79 17.80 -19.87
CA ASN A 93 -6.78 18.05 -20.88
C ASN A 93 -5.49 17.31 -20.52
N CYS A 94 -4.90 16.66 -21.52
CA CYS A 94 -3.71 15.86 -21.36
C CYS A 94 -2.53 16.53 -22.04
N THR A 95 -1.35 16.43 -21.42
CA THR A 95 -0.13 17.00 -21.96
C THR A 95 0.88 15.99 -22.46
N GLY A 96 0.72 14.71 -22.14
CA GLY A 96 1.62 13.72 -22.68
C GLY A 96 1.40 13.50 -24.16
N SER A 97 2.01 12.44 -24.65
CA SER A 97 1.68 11.90 -25.97
C SER A 97 0.81 10.68 -25.77
N PHE A 98 0.28 10.16 -26.87
CA PHE A 98 -0.55 8.96 -26.83
C PHE A 98 -0.25 8.15 -28.07
N ASP A 99 0.19 6.90 -27.87
CA ASP A 99 0.53 6.03 -29.00
C ASP A 99 -0.70 5.17 -29.31
N ALA A 100 -1.45 5.55 -30.34
CA ALA A 100 -2.68 4.84 -30.65
C ALA A 100 -2.39 3.40 -31.02
N ILE A 101 -3.23 2.48 -30.55
CA ILE A 101 -3.07 1.07 -30.84
C ILE A 101 -4.43 0.49 -31.21
N SER A 102 -4.45 -0.38 -32.22
CA SER A 102 -5.66 -1.08 -32.59
C SER A 102 -6.04 -2.12 -31.51
N ALA A 103 -7.32 -2.50 -31.49
CA ALA A 103 -7.74 -3.51 -30.52
C ALA A 103 -7.05 -4.83 -30.78
N SER A 104 -6.88 -5.18 -32.06
N SER A 104 -6.85 -5.20 -32.05
CA SER A 104 -6.21 -6.43 -32.42
CA SER A 104 -6.20 -6.48 -32.33
C SER A 104 -4.79 -6.45 -31.86
C SER A 104 -4.75 -6.48 -31.89
N ASP A 105 -4.04 -5.35 -32.05
CA ASP A 105 -2.66 -5.27 -31.57
C ASP A 105 -2.61 -5.26 -30.04
N PHE A 106 -3.54 -4.56 -29.39
CA PHE A 106 -3.62 -4.58 -27.94
C PHE A 106 -3.84 -5.99 -27.43
N VAL A 107 -4.83 -6.69 -28.00
CA VAL A 107 -5.16 -8.02 -27.51
C VAL A 107 -4.00 -8.98 -27.74
N ALA A 108 -3.27 -8.82 -28.84
CA ALA A 108 -2.06 -9.60 -29.04
C ALA A 108 -1.02 -9.29 -27.97
N ASN A 109 -0.84 -8.00 -27.64
CA ASN A 109 0.23 -7.55 -26.76
C ASN A 109 0.00 -7.93 -25.29
N ILE A 110 -1.25 -8.14 -24.86
CA ILE A 110 -1.52 -8.44 -23.46
C ILE A 110 -1.43 -9.92 -23.12
N ASN A 111 -1.24 -10.79 -24.11
CA ASN A 111 -1.27 -12.23 -23.89
C ASN A 111 0.06 -12.69 -23.30
N PRO A 112 0.07 -13.29 -22.10
CA PRO A 112 -1.04 -13.57 -21.19
C PRO A 112 -1.16 -12.58 -20.04
N GLY A 113 -2.36 -12.49 -19.44
CA GLY A 113 -2.59 -11.59 -18.33
C GLY A 113 -2.82 -12.33 -17.02
N TRP A 114 -2.78 -11.57 -15.94
CA TRP A 114 -3.02 -12.05 -14.58
C TRP A 114 -3.91 -11.05 -13.87
N ASN A 115 -4.85 -11.55 -13.06
CA ASN A 115 -5.75 -10.73 -12.26
C ASN A 115 -5.19 -10.45 -10.87
N LEU A 116 -5.24 -9.17 -10.46
CA LEU A 116 -5.06 -8.77 -9.06
C LEU A 116 -6.38 -8.94 -8.30
N GLY A 117 -6.72 -10.19 -8.04
CA GLY A 117 -8.02 -10.50 -7.47
C GLY A 117 -8.11 -10.24 -5.97
N ASN A 118 -9.33 -10.01 -5.52
CA ASN A 118 -9.65 -9.83 -4.10
C ASN A 118 -8.79 -8.72 -3.50
N SER A 119 -8.63 -7.62 -4.25
CA SER A 119 -7.91 -6.47 -3.72
C SER A 119 -8.76 -5.22 -3.88
N LEU A 120 -8.54 -4.46 -4.96
CA LEU A 120 -9.38 -3.29 -5.19
C LEU A 120 -10.82 -3.65 -5.46
N ASP A 121 -11.11 -4.93 -5.76
CA ASP A 121 -12.45 -5.47 -5.88
C ASP A 121 -13.05 -5.95 -4.57
N ALA A 122 -12.25 -6.09 -3.50
CA ALA A 122 -12.75 -6.51 -2.19
C ALA A 122 -13.59 -5.40 -1.55
N THR A 123 -14.47 -5.80 -0.63
CA THR A 123 -15.42 -4.85 -0.06
C THR A 123 -15.41 -4.90 1.47
N PRO A 124 -15.50 -3.73 2.13
CA PRO A 124 -15.55 -2.39 1.53
C PRO A 124 -14.18 -1.83 1.13
N ASN A 125 -13.08 -2.36 1.69
CA ASN A 125 -11.74 -1.83 1.48
C ASN A 125 -10.84 -2.87 0.82
N GLU A 126 -9.72 -2.41 0.28
CA GLU A 126 -8.86 -3.32 -0.47
C GLU A 126 -8.24 -4.40 0.40
N ASP A 127 -8.19 -4.21 1.71
CA ASP A 127 -7.67 -5.23 2.61
C ASP A 127 -8.79 -5.92 3.40
N SER A 128 -10.02 -5.86 2.90
CA SER A 128 -11.17 -6.35 3.65
C SER A 128 -11.33 -7.87 3.55
N TRP A 129 -10.82 -8.48 2.49
CA TRP A 129 -10.87 -9.92 2.29
C TRP A 129 -9.49 -10.52 2.65
N ASN A 130 -8.96 -11.45 1.87
CA ASN A 130 -7.76 -12.19 2.27
C ASN A 130 -6.45 -11.46 1.94
N ASN A 131 -6.51 -10.34 1.24
CA ASN A 131 -5.21 -9.85 0.82
C ASN A 131 -4.86 -8.58 1.61
N PRO A 132 -3.60 -8.36 1.93
CA PRO A 132 -3.21 -7.08 2.53
C PRO A 132 -3.28 -5.96 1.51
N THR A 133 -2.97 -4.76 1.96
CA THR A 133 -2.84 -3.61 1.07
C THR A 133 -1.89 -3.91 -0.09
N VAL A 134 -2.29 -3.47 -1.29
CA VAL A 134 -1.53 -3.77 -2.50
C VAL A 134 -0.18 -3.07 -2.45
N GLN A 135 0.88 -3.82 -2.74
CA GLN A 135 2.23 -3.27 -2.73
C GLN A 135 2.82 -3.49 -4.12
N GLU A 136 3.69 -2.57 -4.54
CA GLU A 136 4.12 -2.52 -5.93
C GLU A 136 5.04 -3.68 -6.31
N SER A 137 5.75 -4.29 -5.35
CA SER A 137 6.60 -5.43 -5.70
C SER A 137 5.78 -6.59 -6.22
N THR A 138 4.48 -6.64 -5.91
CA THR A 138 3.64 -7.69 -6.46
C THR A 138 3.75 -7.74 -7.98
N PHE A 139 3.88 -6.57 -8.62
CA PHE A 139 3.91 -6.50 -10.08
C PHE A 139 5.29 -6.85 -10.65
N ASP A 140 6.34 -6.69 -9.85
CA ASP A 140 7.65 -7.24 -10.21
C ASP A 140 7.57 -8.76 -10.41
N TYR A 141 6.86 -9.46 -9.51
CA TYR A 141 6.75 -10.91 -9.61
C TYR A 141 5.95 -11.31 -10.83
N VAL A 142 4.81 -10.65 -11.04
CA VAL A 142 3.99 -10.90 -12.21
C VAL A 142 4.80 -10.71 -13.49
N LYS A 143 5.51 -9.58 -13.58
CA LYS A 143 6.35 -9.34 -14.76
C LYS A 143 7.38 -10.45 -14.93
N ALA A 144 8.03 -10.86 -13.82
CA ALA A 144 9.12 -11.82 -13.91
C ALA A 144 8.63 -13.19 -14.35
N ALA A 145 7.37 -13.52 -14.08
CA ALA A 145 6.83 -14.82 -14.46
C ALA A 145 6.48 -14.93 -15.95
N GLY A 146 6.53 -13.82 -16.68
CA GLY A 146 6.24 -13.82 -18.10
C GLY A 146 4.88 -13.30 -18.49
N PHE A 147 4.09 -12.78 -17.55
CA PHE A 147 2.83 -12.14 -17.92
C PHE A 147 3.11 -10.79 -18.58
N LYS A 148 2.22 -10.42 -19.52
CA LYS A 148 2.35 -9.18 -20.25
C LYS A 148 1.36 -8.12 -19.79
N SER A 149 0.40 -8.48 -18.95
CA SER A 149 -0.68 -7.59 -18.61
C SER A 149 -1.26 -7.98 -17.26
N VAL A 150 -1.93 -7.02 -16.64
CA VAL A 150 -2.61 -7.21 -15.35
C VAL A 150 -4.03 -6.70 -15.51
N ARG A 151 -5.01 -7.53 -15.19
CA ARG A 151 -6.39 -7.09 -15.11
C ARG A 151 -6.62 -6.62 -13.68
N LEU A 152 -7.22 -5.43 -13.55
CA LEU A 152 -7.36 -4.71 -12.28
C LEU A 152 -8.85 -4.59 -11.96
N PRO A 153 -9.43 -5.62 -11.33
CA PRO A 153 -10.83 -5.51 -10.88
C PRO A 153 -10.96 -4.47 -9.78
N VAL A 154 -11.92 -3.57 -9.95
CA VAL A 154 -12.20 -2.54 -8.95
C VAL A 154 -13.69 -2.58 -8.65
N THR A 155 -14.03 -2.68 -7.37
CA THR A 155 -15.40 -2.55 -6.89
C THR A 155 -15.58 -1.14 -6.33
N TRP A 156 -16.53 -0.39 -6.89
CA TRP A 156 -16.71 1.02 -6.55
C TRP A 156 -17.81 1.24 -5.53
N THR A 157 -18.68 0.24 -5.33
CA THR A 157 -19.84 0.30 -4.43
C THR A 157 -19.61 1.06 -3.12
N HIS A 158 -18.52 0.75 -2.42
CA HIS A 158 -18.32 1.30 -1.07
C HIS A 158 -17.40 2.52 -1.05
N HIS A 159 -17.28 3.22 -2.19
CA HIS A 159 -16.40 4.39 -2.26
C HIS A 159 -17.13 5.61 -2.81
N PHE A 160 -18.46 5.59 -2.79
CA PHE A 160 -19.26 6.77 -3.13
C PHE A 160 -19.43 7.63 -1.87
N THR A 161 -19.28 8.95 -2.04
CA THR A 161 -19.51 9.87 -0.94
C THR A 161 -20.79 10.66 -1.09
N SER A 162 -21.55 10.42 -2.16
CA SER A 162 -22.89 10.98 -2.27
C SER A 162 -23.74 10.02 -3.08
N GLU A 163 -25.05 10.20 -2.98
CA GLU A 163 -25.96 9.39 -3.78
C GLU A 163 -26.53 10.21 -4.92
N SER A 164 -27.83 10.07 -5.17
CA SER A 164 -28.43 10.76 -6.29
C SER A 164 -28.35 12.27 -6.07
N PRO A 165 -28.10 13.07 -7.13
CA PRO A 165 -27.89 12.71 -8.52
C PRO A 165 -26.42 12.67 -8.95
N ASP A 166 -25.49 13.07 -8.09
CA ASP A 166 -24.09 13.20 -8.47
C ASP A 166 -23.31 11.90 -8.35
N TRP A 167 -23.63 11.05 -7.37
CA TRP A 167 -22.92 9.77 -7.18
C TRP A 167 -21.41 9.99 -7.16
N THR A 168 -20.98 10.97 -6.37
CA THR A 168 -19.56 11.33 -6.31
C THR A 168 -18.74 10.19 -5.74
N VAL A 169 -17.65 9.83 -6.43
CA VAL A 169 -16.68 8.86 -5.94
C VAL A 169 -15.63 9.57 -5.11
N ASP A 170 -15.27 8.99 -3.98
CA ASP A 170 -14.20 9.51 -3.14
C ASP A 170 -12.97 9.80 -3.99
N PRO A 171 -12.44 11.03 -3.98
CA PRO A 171 -11.22 11.28 -4.77
C PRO A 171 -10.02 10.50 -4.27
N LYS A 172 -9.99 10.11 -2.99
CA LYS A 172 -8.90 9.28 -2.48
C LYS A 172 -8.95 7.88 -3.08
N TRP A 173 -10.16 7.37 -3.37
CA TRP A 173 -10.24 6.06 -4.02
C TRP A 173 -9.87 6.16 -5.50
N LEU A 174 -10.34 7.20 -6.20
CA LEU A 174 -9.91 7.40 -7.58
C LEU A 174 -8.40 7.54 -7.66
N GLN A 175 -7.79 8.22 -6.68
CA GLN A 175 -6.34 8.36 -6.65
C GLN A 175 -5.67 7.01 -6.42
N ARG A 176 -6.24 6.18 -5.55
CA ARG A 176 -5.69 4.85 -5.30
C ARG A 176 -5.70 4.00 -6.58
N VAL A 177 -6.84 3.96 -7.28
CA VAL A 177 -6.91 3.25 -8.55
C VAL A 177 -5.88 3.81 -9.53
N SER A 178 -5.82 5.13 -9.67
CA SER A 178 -4.85 5.73 -10.58
C SER A 178 -3.42 5.30 -10.23
N ASP A 179 -3.06 5.32 -8.93
CA ASP A 179 -1.67 5.01 -8.58
C ASP A 179 -1.32 3.55 -8.83
N VAL A 180 -2.28 2.65 -8.59
CA VAL A 180 -2.04 1.23 -8.84
C VAL A 180 -1.89 0.96 -10.33
N ILE A 181 -2.71 1.59 -11.15
CA ILE A 181 -2.52 1.51 -12.60
C ILE A 181 -1.09 1.94 -12.97
N ASP A 182 -0.61 3.03 -12.37
CA ASP A 182 0.74 3.51 -12.64
C ASP A 182 1.80 2.49 -12.21
N MET A 183 1.55 1.79 -11.09
CA MET A 183 2.45 0.71 -10.68
C MET A 183 2.59 -0.33 -11.77
N ILE A 184 1.49 -0.63 -12.46
CA ILE A 184 1.49 -1.68 -13.48
C ILE A 184 2.18 -1.19 -14.75
N THR A 185 1.76 -0.05 -15.29
CA THR A 185 2.30 0.38 -16.57
C THR A 185 3.76 0.81 -16.47
N SER A 186 4.20 1.35 -15.31
CA SER A 186 5.61 1.73 -15.23
C SER A 186 6.54 0.53 -15.25
N ARG A 187 6.04 -0.67 -14.93
CA ARG A 187 6.82 -1.89 -15.09
C ARG A 187 6.67 -2.49 -16.48
N GLY A 188 5.99 -1.82 -17.41
CA GLY A 188 5.84 -2.29 -18.77
C GLY A 188 4.68 -3.23 -19.01
N LEU A 189 3.76 -3.34 -18.07
CA LEU A 189 2.63 -4.25 -18.20
C LEU A 189 1.39 -3.49 -18.64
N TYR A 190 0.62 -4.08 -19.54
CA TYR A 190 -0.68 -3.52 -19.92
C TYR A 190 -1.67 -3.68 -18.77
N THR A 191 -2.73 -2.87 -18.78
CA THR A 191 -3.78 -2.94 -17.76
C THR A 191 -5.15 -2.90 -18.39
N ILE A 192 -6.09 -3.62 -17.77
CA ILE A 192 -7.52 -3.47 -17.99
C ILE A 192 -8.15 -3.21 -16.65
N VAL A 193 -8.90 -2.11 -16.53
CA VAL A 193 -9.59 -1.71 -15.29
C VAL A 193 -11.09 -1.67 -15.56
N ASN A 194 -11.89 -1.97 -14.54
CA ASN A 194 -13.31 -2.23 -14.78
C ASN A 194 -14.18 -1.70 -13.65
N VAL A 195 -15.48 -1.95 -13.79
CA VAL A 195 -16.42 -1.92 -12.69
C VAL A 195 -16.75 -3.37 -12.36
N HIS A 196 -16.57 -3.79 -11.10
CA HIS A 196 -16.53 -5.22 -10.76
C HIS A 196 -17.75 -5.58 -9.94
N HIS A 197 -17.64 -5.74 -8.62
CA HIS A 197 -18.75 -6.33 -7.87
C HIS A 197 -19.97 -5.42 -7.76
N ASP A 198 -19.82 -4.14 -8.13
CA ASP A 198 -20.97 -3.28 -8.42
C ASP A 198 -22.03 -4.02 -9.22
N SER A 199 -21.59 -4.89 -10.12
CA SER A 199 -22.47 -5.61 -11.05
C SER A 199 -23.66 -6.27 -10.34
N TRP A 200 -23.41 -6.91 -9.20
CA TRP A 200 -24.51 -7.50 -8.45
C TRP A 200 -24.89 -6.73 -7.20
N GLU A 201 -23.99 -5.90 -6.66
CA GLU A 201 -24.32 -5.17 -5.43
C GLU A 201 -25.35 -4.06 -5.67
N TRP A 202 -25.28 -3.37 -6.81
CA TRP A 202 -26.31 -2.36 -7.09
C TRP A 202 -26.78 -2.30 -8.53
N ALA A 203 -26.08 -2.89 -9.49
CA ALA A 203 -26.41 -2.71 -10.90
C ALA A 203 -27.12 -3.93 -11.49
N ASP A 204 -27.68 -4.80 -10.65
CA ASP A 204 -28.32 -6.04 -11.08
C ASP A 204 -29.67 -5.75 -11.73
N VAL A 205 -29.73 -5.83 -13.06
CA VAL A 205 -30.98 -5.52 -13.76
C VAL A 205 -31.99 -6.66 -13.67
N THR A 206 -31.61 -7.82 -13.12
CA THR A 206 -32.53 -8.95 -13.05
C THR A 206 -33.34 -8.98 -11.76
N LYS A 207 -33.08 -8.10 -10.79
CA LYS A 207 -33.86 -8.13 -9.56
C LYS A 207 -35.21 -7.45 -9.78
N SER A 208 -36.26 -8.02 -9.18
CA SER A 208 -37.63 -7.58 -9.48
C SER A 208 -37.89 -6.15 -9.06
N ASP A 209 -37.22 -5.69 -8.00
CA ASP A 209 -37.38 -4.35 -7.46
C ASP A 209 -36.37 -3.34 -8.01
N ALA A 210 -35.58 -3.74 -9.01
CA ALA A 210 -34.52 -2.88 -9.52
C ALA A 210 -35.09 -1.61 -10.14
N ASN A 211 -34.51 -0.46 -9.78
CA ASN A 211 -34.87 0.81 -10.41
C ASN A 211 -33.87 1.01 -11.55
N ILE A 212 -34.27 0.63 -12.76
CA ILE A 212 -33.35 0.64 -13.91
C ILE A 212 -32.89 2.04 -14.27
N THR A 213 -33.75 3.04 -14.09
CA THR A 213 -33.33 4.43 -14.36
C THR A 213 -32.16 4.82 -13.48
N GLN A 214 -32.26 4.54 -12.18
CA GLN A 214 -31.19 4.92 -11.26
C GLN A 214 -29.91 4.15 -11.55
N ILE A 215 -30.03 2.86 -11.88
CA ILE A 215 -28.86 2.07 -12.24
C ILE A 215 -28.13 2.71 -13.42
N GLU A 216 -28.88 3.02 -14.49
CA GLU A 216 -28.26 3.69 -15.64
C GLU A 216 -27.61 5.00 -15.24
N GLN A 217 -28.28 5.78 -14.38
CA GLN A 217 -27.78 7.10 -14.04
C GLN A 217 -26.50 7.01 -13.21
N LYS A 218 -26.51 6.17 -12.18
CA LYS A 218 -25.32 5.97 -11.36
C LYS A 218 -24.17 5.39 -12.18
N PHE A 219 -24.47 4.42 -13.05
CA PHE A 219 -23.44 3.84 -13.92
C PHE A 219 -22.81 4.89 -14.82
N GLU A 220 -23.63 5.80 -15.38
CA GLU A 220 -23.05 6.81 -16.26
C GLU A 220 -22.17 7.79 -15.47
N LYS A 221 -22.64 8.22 -14.29
CA LYS A 221 -21.83 9.11 -13.46
C LYS A 221 -20.52 8.43 -13.06
N LEU A 222 -20.60 7.15 -12.72
CA LEU A 222 -19.42 6.42 -12.28
C LEU A 222 -18.36 6.38 -13.37
N TRP A 223 -18.74 5.95 -14.59
CA TRP A 223 -17.76 5.85 -15.67
C TRP A 223 -17.31 7.22 -16.17
N TYR A 224 -18.15 8.25 -16.03
CA TYR A 224 -17.67 9.60 -16.33
C TYR A 224 -16.54 9.99 -15.38
N GLN A 225 -16.68 9.65 -14.09
CA GLN A 225 -15.66 10.04 -13.12
C GLN A 225 -14.40 9.20 -13.26
N ILE A 226 -14.56 7.86 -13.39
CA ILE A 226 -13.42 6.99 -13.70
C ILE A 226 -12.73 7.49 -14.97
N GLY A 227 -13.50 7.65 -16.06
CA GLY A 227 -12.93 8.10 -17.32
C GLY A 227 -12.24 9.45 -17.21
N THR A 228 -12.77 10.34 -16.37
CA THR A 228 -12.10 11.63 -16.17
C THR A 228 -10.74 11.44 -15.48
N LYS A 229 -10.75 10.76 -14.32
CA LYS A 229 -9.51 10.51 -13.58
C LYS A 229 -8.45 9.81 -14.44
N LEU A 230 -8.87 8.86 -15.28
CA LEU A 230 -7.96 8.04 -16.05
C LEU A 230 -7.84 8.49 -17.51
N ALA A 231 -8.31 9.70 -17.84
CA ALA A 231 -8.38 10.18 -19.21
C ALA A 231 -7.03 10.24 -19.89
N CYS A 232 -5.97 10.53 -19.12
CA CYS A 232 -4.65 10.77 -19.69
C CYS A 232 -3.72 9.57 -19.57
N LYS A 233 -4.23 8.40 -19.17
CA LYS A 233 -3.40 7.21 -19.18
C LYS A 233 -3.01 6.85 -20.60
N SER A 234 -1.85 6.21 -20.73
CA SER A 234 -1.35 5.77 -22.02
C SER A 234 -2.27 4.72 -22.66
N SER A 235 -1.94 4.34 -23.90
CA SER A 235 -2.73 3.34 -24.61
C SER A 235 -2.57 1.94 -24.02
N MET A 236 -1.63 1.74 -23.08
CA MET A 236 -1.53 0.44 -22.42
C MET A 236 -2.63 0.21 -21.40
N VAL A 237 -3.48 1.21 -21.14
CA VAL A 237 -4.58 1.10 -20.19
C VAL A 237 -5.90 1.02 -20.98
N ALA A 238 -6.60 -0.11 -20.84
CA ALA A 238 -7.93 -0.27 -21.42
C ALA A 238 -8.99 -0.24 -20.32
N PHE A 239 -10.23 0.05 -20.73
CA PHE A 239 -11.39 0.10 -19.86
C PHE A 239 -12.33 -1.06 -20.21
N GLU A 240 -12.94 -1.67 -19.20
CA GLU A 240 -13.87 -2.78 -19.40
C GLU A 240 -15.22 -2.44 -18.76
N THR A 241 -16.29 -2.56 -19.54
CA THR A 241 -17.61 -2.02 -19.16
C THR A 241 -18.01 -2.39 -17.74
N ILE A 242 -18.20 -3.69 -17.47
CA ILE A 242 -18.69 -4.15 -16.17
C ILE A 242 -18.50 -5.67 -16.09
N ASN A 243 -18.27 -6.18 -14.88
CA ASN A 243 -17.91 -7.59 -14.70
C ASN A 243 -19.16 -8.46 -14.60
N GLU A 244 -19.20 -9.55 -15.37
CA GLU A 244 -20.19 -10.62 -15.25
C GLU A 244 -21.58 -10.11 -14.90
N PRO A 245 -22.16 -9.20 -15.68
CA PRO A 245 -23.44 -8.60 -15.29
C PRO A 245 -24.57 -9.61 -15.33
N PRO A 246 -25.33 -9.74 -14.24
CA PRO A 246 -26.39 -10.73 -14.21
C PRO A 246 -27.36 -10.54 -15.37
N CYS A 247 -27.68 -11.64 -16.04
CA CYS A 247 -28.42 -11.57 -17.29
C CYS A 247 -28.97 -12.94 -17.62
N ASN A 248 -30.30 -13.07 -17.62
CA ASN A 248 -30.97 -14.35 -17.83
C ASN A 248 -31.78 -14.46 -19.11
N THR A 249 -32.20 -13.34 -19.70
CA THR A 249 -33.15 -13.33 -20.79
C THR A 249 -32.68 -12.35 -21.86
N ALA A 250 -33.24 -12.47 -23.06
CA ALA A 250 -32.92 -11.50 -24.11
C ALA A 250 -33.28 -10.09 -23.69
N GLU A 251 -34.33 -9.93 -22.90
CA GLU A 251 -34.67 -8.59 -22.42
C GLU A 251 -33.56 -8.06 -21.52
N ASP A 252 -33.03 -8.91 -20.64
CA ASP A 252 -31.84 -8.55 -19.88
C ASP A 252 -30.66 -8.24 -20.81
N GLY A 253 -30.49 -9.05 -21.85
CA GLY A 253 -29.36 -8.84 -22.75
C GLY A 253 -29.38 -7.51 -23.47
N ALA A 254 -30.58 -6.97 -23.74
CA ALA A 254 -30.65 -5.62 -24.28
C ALA A 254 -30.10 -4.63 -23.28
N LYS A 255 -30.40 -4.85 -22.00
CA LYS A 255 -29.94 -3.93 -20.97
C LYS A 255 -28.42 -4.00 -20.84
N ILE A 256 -27.82 -5.17 -21.06
CA ILE A 256 -26.37 -5.26 -21.01
C ILE A 256 -25.76 -4.51 -22.19
N ASN A 257 -26.40 -4.58 -23.36
CA ASN A 257 -25.97 -3.76 -24.49
C ASN A 257 -26.02 -2.28 -24.15
N LYS A 258 -27.06 -1.88 -23.39
CA LYS A 258 -27.16 -0.49 -22.97
C LYS A 258 -26.02 -0.10 -22.04
N PHE A 259 -25.58 -1.04 -21.18
CA PHE A 259 -24.41 -0.77 -20.35
C PHE A 259 -23.21 -0.40 -21.21
N ASN A 260 -22.99 -1.14 -22.29
CA ASN A 260 -21.87 -0.86 -23.17
C ASN A 260 -21.99 0.52 -23.80
N GLU A 261 -23.22 0.91 -24.13
CA GLU A 261 -23.44 2.22 -24.77
C GLU A 261 -23.27 3.36 -23.78
N ILE A 262 -23.83 3.21 -22.59
CA ILE A 262 -23.72 4.23 -21.55
C ILE A 262 -22.26 4.46 -21.24
N PHE A 263 -21.51 3.34 -21.14
CA PHE A 263 -20.08 3.36 -20.85
C PHE A 263 -19.30 4.10 -21.92
N LEU A 264 -19.54 3.76 -23.21
CA LEU A 264 -18.85 4.44 -24.30
C LEU A 264 -19.12 5.93 -24.30
N ARG A 265 -20.36 6.33 -24.00
CA ARG A 265 -20.72 7.74 -24.07
C ARG A 265 -20.12 8.51 -22.91
N ALA A 266 -20.08 7.89 -21.73
CA ALA A 266 -19.52 8.54 -20.54
C ALA A 266 -18.03 8.82 -20.69
N ILE A 267 -17.27 7.82 -21.14
CA ILE A 267 -15.82 7.98 -21.23
C ILE A 267 -15.47 8.89 -22.37
N ASN A 268 -16.30 8.92 -23.41
CA ASN A 268 -16.04 9.84 -24.51
C ASN A 268 -16.31 11.28 -24.10
N ARG A 269 -17.37 11.54 -23.32
CA ARG A 269 -17.54 12.90 -22.79
C ARG A 269 -16.43 13.26 -21.80
N ALA A 270 -15.88 12.27 -21.11
CA ALA A 270 -14.82 12.58 -20.16
C ALA A 270 -13.59 13.16 -20.87
N GLY A 271 -13.32 12.71 -22.10
CA GLY A 271 -12.30 13.37 -22.89
C GLY A 271 -10.89 12.81 -22.74
N GLY A 272 -9.91 13.70 -22.72
CA GLY A 272 -8.53 13.26 -22.73
C GLY A 272 -8.27 12.38 -23.93
N PHE A 273 -7.61 11.24 -23.71
CA PHE A 273 -7.30 10.28 -24.77
C PHE A 273 -8.37 9.22 -24.94
N ASN A 274 -9.50 9.32 -24.23
CA ASN A 274 -10.40 8.17 -24.13
C ASN A 274 -11.03 7.80 -25.47
N ALA A 275 -11.18 8.78 -26.41
CA ALA A 275 -11.84 8.47 -27.66
C ALA A 275 -11.11 7.41 -28.47
N LYS A 276 -9.78 7.32 -28.30
CA LYS A 276 -8.98 6.31 -28.97
C LYS A 276 -8.45 5.24 -28.02
N ARG A 277 -9.02 5.16 -26.81
CA ARG A 277 -8.61 4.17 -25.84
C ARG A 277 -9.23 2.81 -26.16
N VAL A 278 -8.45 1.75 -26.01
CA VAL A 278 -8.98 0.40 -26.21
C VAL A 278 -9.99 0.11 -25.10
N VAL A 279 -11.10 -0.53 -25.47
CA VAL A 279 -12.13 -0.91 -24.51
C VAL A 279 -12.49 -2.38 -24.68
N ASN A 280 -13.04 -2.95 -23.60
CA ASN A 280 -13.54 -4.33 -23.56
C ASN A 280 -15.04 -4.29 -23.30
N LEU A 281 -15.83 -4.64 -24.32
CA LEU A 281 -17.28 -4.69 -24.16
C LEU A 281 -17.68 -6.07 -23.70
N VAL A 282 -18.88 -6.17 -23.13
CA VAL A 282 -19.24 -7.39 -22.43
C VAL A 282 -20.65 -7.81 -22.80
N GLY A 283 -20.90 -9.12 -22.68
CA GLY A 283 -22.23 -9.69 -22.75
C GLY A 283 -22.67 -10.20 -21.39
N GLY A 284 -23.88 -10.74 -21.38
CA GLY A 284 -24.53 -11.18 -20.15
C GLY A 284 -23.72 -12.20 -19.39
N GLY A 285 -23.62 -12.01 -18.08
CA GLY A 285 -22.78 -12.84 -17.22
C GLY A 285 -21.37 -13.05 -17.73
N MET A 286 -20.98 -12.37 -18.81
CA MET A 286 -19.69 -12.61 -19.48
C MET A 286 -19.57 -14.07 -19.91
N ASP A 287 -20.72 -14.68 -20.17
CA ASP A 287 -20.83 -16.06 -20.59
C ASP A 287 -20.80 -16.16 -22.12
N SER A 288 -20.11 -17.17 -22.65
CA SER A 288 -19.94 -17.29 -24.09
C SER A 288 -21.29 -17.39 -24.82
N VAL A 289 -22.24 -18.17 -24.30
CA VAL A 289 -23.50 -18.39 -25.00
C VAL A 289 -24.40 -17.16 -24.92
N LYS A 290 -24.58 -16.60 -23.72
CA LYS A 290 -25.39 -15.39 -23.57
C LYS A 290 -24.83 -14.26 -24.43
N THR A 291 -23.49 -14.14 -24.49
CA THR A 291 -22.87 -13.15 -25.34
C THR A 291 -23.22 -13.41 -26.80
N SER A 292 -23.02 -14.66 -27.24
CA SER A 292 -23.35 -15.03 -28.61
C SER A 292 -24.82 -14.76 -28.91
N GLN A 293 -25.69 -14.97 -27.94
CA GLN A 293 -27.11 -14.85 -28.22
C GLN A 293 -27.56 -13.41 -28.31
N TRP A 294 -27.08 -12.55 -27.40
CA TRP A 294 -27.68 -11.24 -27.22
C TRP A 294 -26.76 -10.06 -27.45
N PHE A 295 -25.44 -10.25 -27.49
CA PHE A 295 -24.56 -9.10 -27.69
C PHE A 295 -24.74 -8.49 -29.08
N LYS A 296 -24.77 -7.17 -29.14
CA LYS A 296 -24.78 -6.44 -30.42
C LYS A 296 -23.79 -5.28 -30.33
N THR A 297 -22.96 -5.13 -31.36
CA THR A 297 -22.00 -4.02 -31.39
C THR A 297 -22.75 -2.69 -31.21
N PRO A 298 -22.31 -1.83 -30.30
CA PRO A 298 -22.94 -0.51 -30.18
C PRO A 298 -22.86 0.26 -31.48
N ALA A 299 -24.00 0.80 -31.91
CA ALA A 299 -24.07 1.53 -33.17
C ALA A 299 -23.07 2.69 -33.18
N ASN A 300 -22.44 2.90 -34.34
CA ASN A 300 -21.49 3.98 -34.58
C ASN A 300 -20.32 3.98 -33.59
N ILE A 301 -19.93 2.82 -33.07
CA ILE A 301 -18.82 2.79 -32.13
C ILE A 301 -17.56 3.29 -32.81
N THR A 302 -16.76 4.08 -32.10
CA THR A 302 -15.51 4.57 -32.66
C THR A 302 -14.28 4.28 -31.82
N ASN A 303 -14.42 3.81 -30.58
CA ASN A 303 -13.28 3.32 -29.82
C ASN A 303 -12.79 2.02 -30.45
N PRO A 304 -11.48 1.78 -30.46
CA PRO A 304 -11.01 0.41 -30.70
C PRO A 304 -11.58 -0.50 -29.62
N TRP A 305 -12.14 -1.64 -30.02
CA TRP A 305 -12.86 -2.42 -29.03
C TRP A 305 -12.62 -3.91 -29.20
N ALA A 306 -12.69 -4.61 -28.08
CA ALA A 306 -12.59 -6.05 -28.00
C ALA A 306 -13.74 -6.56 -27.14
N LEU A 307 -14.08 -7.84 -27.32
CA LEU A 307 -15.08 -8.50 -26.49
C LEU A 307 -14.36 -9.27 -25.39
N GLN A 308 -14.84 -9.17 -24.15
CA GLN A 308 -14.29 -9.94 -23.06
C GLN A 308 -15.34 -10.95 -22.58
N PHE A 309 -14.90 -12.19 -22.39
CA PHE A 309 -15.72 -13.19 -21.71
C PHE A 309 -14.88 -13.91 -20.65
N HIS A 310 -15.57 -14.62 -19.75
CA HIS A 310 -14.95 -15.45 -18.73
C HIS A 310 -15.32 -16.90 -18.98
N PHE A 311 -14.43 -17.82 -18.57
CA PHE A 311 -14.61 -19.24 -18.83
C PHE A 311 -14.28 -20.04 -17.57
N TYR A 312 -15.30 -20.64 -16.96
CA TYR A 312 -15.09 -21.44 -15.77
C TYR A 312 -15.79 -22.78 -15.93
N SER A 313 -15.66 -23.39 -17.11
CA SER A 313 -16.28 -24.66 -17.43
C SER A 313 -15.22 -25.74 -17.56
N PRO A 314 -15.55 -27.02 -17.30
CA PRO A 314 -16.86 -27.53 -16.86
C PRO A 314 -17.08 -27.25 -15.39
N TYR A 315 -18.30 -26.86 -15.03
CA TYR A 315 -18.62 -26.57 -13.63
C TYR A 315 -18.08 -27.63 -12.68
N ASP A 316 -18.27 -28.91 -13.00
CA ASP A 316 -18.06 -29.93 -11.99
C ASP A 316 -16.58 -30.06 -11.63
N PHE A 317 -15.70 -30.01 -12.62
CA PHE A 317 -14.27 -30.04 -12.32
C PHE A 317 -13.79 -28.74 -11.68
N ILE A 318 -14.25 -27.59 -12.21
CA ILE A 318 -13.65 -26.32 -11.78
C ILE A 318 -14.09 -25.97 -10.38
N PHE A 319 -15.34 -26.27 -10.03
CA PHE A 319 -15.86 -25.96 -8.71
C PHE A 319 -15.84 -27.16 -7.77
N SER A 320 -15.25 -28.28 -8.17
CA SER A 320 -15.23 -29.49 -7.35
C SER A 320 -16.64 -29.89 -6.91
N ALA A 321 -17.51 -30.07 -7.90
CA ALA A 321 -18.89 -30.47 -7.67
C ALA A 321 -19.05 -31.96 -7.95
N TRP A 322 -19.88 -32.61 -7.13
CA TRP A 322 -20.36 -33.98 -7.40
C TRP A 322 -19.21 -35.00 -7.56
N GLY A 323 -18.15 -34.82 -6.78
CA GLY A 323 -17.02 -35.74 -6.79
C GLY A 323 -16.17 -35.76 -8.04
N LYS A 324 -16.32 -34.79 -8.94
CA LYS A 324 -15.49 -34.78 -10.14
C LYS A 324 -14.08 -34.35 -9.79
N THR A 325 -13.11 -35.27 -9.94
CA THR A 325 -11.71 -34.99 -9.62
C THR A 325 -10.78 -35.36 -10.76
N ILE A 326 -11.31 -35.48 -11.97
CA ILE A 326 -10.52 -35.85 -13.14
C ILE A 326 -10.95 -34.94 -14.29
N TRP A 327 -10.05 -34.76 -15.26
CA TRP A 327 -10.35 -34.00 -16.47
C TRP A 327 -9.38 -34.42 -17.57
N GLY A 328 -9.87 -34.60 -18.80
CA GLY A 328 -8.97 -34.89 -19.91
C GLY A 328 -9.41 -35.95 -20.90
N SER A 329 -10.66 -36.39 -20.80
CA SER A 329 -11.18 -37.34 -21.76
C SER A 329 -11.45 -36.64 -23.10
N ASP A 330 -11.75 -37.46 -24.12
CA ASP A 330 -12.05 -36.90 -25.44
C ASP A 330 -13.27 -36.00 -25.39
N SER A 331 -14.29 -36.39 -24.63
CA SER A 331 -15.48 -35.56 -24.52
C SER A 331 -15.24 -34.31 -23.68
N ASP A 332 -14.41 -34.40 -22.61
CA ASP A 332 -14.02 -33.19 -21.89
C ASP A 332 -13.44 -32.16 -22.84
N LYS A 333 -12.50 -32.60 -23.66
CA LYS A 333 -11.84 -31.71 -24.62
C LYS A 333 -12.84 -31.17 -25.65
N SER A 334 -13.76 -32.03 -26.12
CA SER A 334 -14.73 -31.59 -27.12
C SER A 334 -15.65 -30.52 -26.58
N GLU A 335 -16.10 -30.66 -25.32
N GLU A 335 -16.11 -30.67 -25.33
CA GLU A 335 -16.97 -29.67 -24.71
CA GLU A 335 -16.97 -29.67 -24.71
C GLU A 335 -16.26 -28.32 -24.59
C GLU A 335 -16.25 -28.32 -24.60
N LEU A 336 -14.98 -28.34 -24.18
CA LEU A 336 -14.21 -27.11 -24.07
C LEU A 336 -13.96 -26.48 -25.44
N ASP A 337 -13.48 -27.29 -26.39
CA ASP A 337 -13.18 -26.75 -27.72
C ASP A 337 -14.43 -26.19 -28.38
N SER A 338 -15.56 -26.87 -28.19
CA SER A 338 -16.82 -26.41 -28.76
C SER A 338 -17.26 -25.08 -28.14
N THR A 339 -17.17 -24.95 -26.82
CA THR A 339 -17.64 -23.73 -26.18
C THR A 339 -16.89 -22.50 -26.68
N LEU A 340 -15.58 -22.60 -26.78
CA LEU A 340 -14.77 -21.50 -27.32
C LEU A 340 -15.04 -21.28 -28.80
N GLY A 341 -15.21 -22.37 -29.57
CA GLY A 341 -15.36 -22.25 -31.01
C GLY A 341 -16.70 -21.67 -31.44
N LEU A 342 -17.76 -21.99 -30.71
CA LEU A 342 -19.05 -21.38 -30.99
C LEU A 342 -19.03 -19.87 -30.68
N LEU A 343 -18.29 -19.47 -29.64
CA LEU A 343 -18.12 -18.03 -29.39
C LEU A 343 -17.37 -17.37 -30.54
N ARG A 344 -16.19 -17.90 -30.88
CA ARG A 344 -15.42 -17.35 -31.99
C ARG A 344 -16.23 -17.38 -33.29
N GLY A 345 -17.02 -18.44 -33.52
CA GLY A 345 -17.84 -18.55 -34.72
C GLY A 345 -18.94 -17.51 -34.83
N ASN A 346 -19.34 -16.91 -33.72
CA ASN A 346 -20.30 -15.82 -33.70
C ASN A 346 -19.65 -14.43 -33.82
N PHE A 347 -18.32 -14.34 -33.71
CA PHE A 347 -17.63 -13.05 -33.69
C PHE A 347 -16.34 -13.18 -34.50
N THR A 348 -16.50 -13.47 -35.79
CA THR A 348 -15.40 -14.00 -36.57
C THR A 348 -14.24 -13.03 -36.70
N ASP A 349 -14.51 -11.73 -36.64
CA ASP A 349 -13.44 -10.76 -36.81
C ASP A 349 -13.31 -9.81 -35.62
N VAL A 350 -13.72 -10.25 -34.44
CA VAL A 350 -13.67 -9.43 -33.23
C VAL A 350 -12.51 -9.91 -32.37
N PRO A 351 -11.63 -9.01 -31.90
CA PRO A 351 -10.64 -9.43 -30.91
C PRO A 351 -11.33 -9.86 -29.62
N ILE A 352 -10.87 -10.98 -29.05
CA ILE A 352 -11.52 -11.55 -27.87
C ILE A 352 -10.52 -11.67 -26.72
N VAL A 353 -10.94 -11.23 -25.54
CA VAL A 353 -10.20 -11.35 -24.31
C VAL A 353 -10.94 -12.35 -23.42
N LEU A 354 -10.27 -13.44 -23.08
CA LEU A 354 -10.74 -14.32 -22.00
C LEU A 354 -10.22 -13.71 -20.70
N GLY A 355 -11.08 -12.96 -20.01
CA GLY A 355 -10.64 -12.11 -18.92
C GLY A 355 -10.41 -12.83 -17.61
N GLU A 356 -11.03 -14.00 -17.43
CA GLU A 356 -10.85 -14.83 -16.23
C GLU A 356 -10.99 -16.31 -16.59
N PHE A 357 -10.11 -17.13 -16.02
CA PHE A 357 -10.25 -18.58 -15.98
C PHE A 357 -9.33 -19.04 -14.86
N ASP A 358 -9.59 -20.26 -14.36
CA ASP A 358 -8.69 -20.88 -13.39
C ASP A 358 -9.20 -22.24 -12.95
N ALA A 359 -8.39 -23.27 -13.14
CA ALA A 359 -8.49 -24.50 -12.36
C ALA A 359 -7.60 -24.26 -11.14
N SER A 360 -8.21 -23.92 -10.00
CA SER A 360 -7.40 -23.44 -8.88
C SER A 360 -6.60 -24.57 -8.25
N PRO A 361 -5.32 -24.36 -7.97
CA PRO A 361 -4.55 -25.36 -7.21
C PRO A 361 -5.15 -25.67 -5.83
N THR A 362 -5.99 -24.79 -5.28
CA THR A 362 -6.54 -25.03 -3.95
C THR A 362 -7.43 -26.28 -3.93
N ASN A 363 -8.26 -26.46 -4.97
CA ASN A 363 -9.24 -27.54 -4.96
C ASN A 363 -9.07 -28.59 -6.07
N THR A 364 -8.36 -28.30 -7.15
CA THR A 364 -8.27 -29.25 -8.27
C THR A 364 -7.03 -30.13 -8.18
N GLU A 365 -7.15 -31.36 -8.72
CA GLU A 365 -6.02 -32.29 -8.76
C GLU A 365 -5.01 -31.84 -9.81
N PRO A 366 -3.70 -31.85 -9.50
CA PRO A 366 -2.73 -31.22 -10.41
C PRO A 366 -2.67 -31.78 -11.84
N ALA A 367 -2.66 -33.10 -12.00
CA ALA A 367 -2.53 -33.67 -13.36
C ALA A 367 -3.72 -33.26 -14.22
N ALA A 368 -4.92 -33.25 -13.64
CA ALA A 368 -6.09 -32.82 -14.37
C ALA A 368 -6.03 -31.32 -14.64
N ARG A 369 -5.63 -30.57 -13.62
CA ARG A 369 -5.46 -29.12 -13.76
C ARG A 369 -4.49 -28.77 -14.89
N TRP A 370 -3.37 -29.50 -14.99
CA TRP A 370 -2.39 -29.17 -16.00
C TRP A 370 -2.83 -29.60 -17.40
N LYS A 371 -3.53 -30.73 -17.51
CA LYS A 371 -4.11 -31.08 -18.79
C LYS A 371 -5.12 -30.02 -19.23
N TYR A 372 -5.88 -29.49 -18.27
CA TYR A 372 -6.93 -28.52 -18.55
C TYR A 372 -6.35 -27.17 -18.97
N HIS A 373 -5.41 -26.64 -18.18
CA HIS A 373 -4.79 -25.38 -18.56
C HIS A 373 -4.05 -25.54 -19.89
N ASP A 374 -3.41 -26.69 -20.10
CA ASP A 374 -2.73 -26.91 -21.37
C ASP A 374 -3.75 -26.91 -22.52
N TYR A 375 -4.87 -27.63 -22.36
CA TYR A 375 -5.85 -27.70 -23.44
C TYR A 375 -6.56 -26.37 -23.63
N LEU A 376 -6.78 -25.62 -22.56
CA LEU A 376 -7.39 -24.30 -22.68
C LEU A 376 -6.49 -23.34 -23.45
N ILE A 377 -5.21 -23.31 -23.09
CA ILE A 377 -4.27 -22.45 -23.81
C ILE A 377 -4.19 -22.85 -25.27
N ARG A 378 -4.17 -24.17 -25.54
CA ARG A 378 -4.15 -24.64 -26.95
C ARG A 378 -5.36 -24.12 -27.69
N SER A 379 -6.49 -24.01 -26.99
CA SER A 379 -7.74 -23.64 -27.64
C SER A 379 -7.85 -22.12 -27.81
N THR A 380 -7.38 -21.34 -26.82
CA THR A 380 -7.27 -19.90 -27.03
C THR A 380 -6.33 -19.59 -28.19
N LYS A 381 -5.33 -20.44 -28.42
CA LYS A 381 -4.44 -20.21 -29.55
C LYS A 381 -5.10 -20.57 -30.87
N LYS A 382 -5.87 -21.67 -30.90
CA LYS A 382 -6.64 -22.04 -32.08
C LYS A 382 -7.60 -20.92 -32.51
N TYR A 383 -8.30 -20.33 -31.54
CA TYR A 383 -9.37 -19.37 -31.79
C TYR A 383 -8.94 -17.93 -31.53
N ASN A 384 -7.62 -17.68 -31.46
CA ASN A 384 -7.04 -16.34 -31.36
C ASN A 384 -7.63 -15.53 -30.20
N MET A 385 -7.59 -16.10 -29.01
CA MET A 385 -8.09 -15.48 -27.80
C MET A 385 -6.91 -15.19 -26.88
N SER A 386 -6.94 -14.07 -26.15
CA SER A 386 -5.89 -13.77 -25.19
C SER A 386 -6.38 -14.08 -23.79
N PRO A 387 -5.72 -14.99 -23.06
CA PRO A 387 -6.20 -15.41 -21.74
C PRO A 387 -5.59 -14.61 -20.58
N ILE A 388 -6.40 -14.48 -19.55
CA ILE A 388 -6.01 -13.80 -18.31
C ILE A 388 -6.44 -14.70 -17.16
N ILE A 389 -5.49 -15.16 -16.36
CA ILE A 389 -5.81 -16.14 -15.34
C ILE A 389 -6.39 -15.44 -14.11
N TRP A 390 -7.38 -16.05 -13.48
CA TRP A 390 -7.88 -15.49 -12.23
C TRP A 390 -7.01 -16.01 -11.09
N ASP A 391 -6.66 -15.10 -10.17
CA ASP A 391 -5.89 -15.43 -8.97
C ASP A 391 -6.38 -14.53 -7.85
N ASN A 392 -6.91 -15.13 -6.78
CA ASN A 392 -7.51 -14.40 -5.67
C ASN A 392 -6.53 -14.10 -4.55
N GLY A 393 -5.24 -14.36 -4.75
CA GLY A 393 -4.22 -14.20 -3.75
C GLY A 393 -3.81 -15.50 -3.09
N LEU A 394 -4.74 -16.44 -2.98
CA LEU A 394 -4.44 -17.76 -2.46
C LEU A 394 -4.31 -18.81 -3.56
N ASP A 395 -4.72 -18.50 -4.80
CA ASP A 395 -4.71 -19.50 -5.85
C ASP A 395 -3.29 -19.73 -6.38
N HIS A 396 -2.59 -18.66 -6.77
CA HIS A 396 -1.32 -18.77 -7.49
C HIS A 396 -0.17 -18.00 -6.83
N LEU A 397 0.01 -16.72 -7.13
CA LEU A 397 1.16 -16.00 -6.58
C LEU A 397 0.96 -15.73 -5.08
N ASP A 398 1.98 -16.01 -4.29
CA ASP A 398 2.03 -15.54 -2.91
C ASP A 398 2.71 -14.17 -2.94
N ARG A 399 1.93 -13.13 -2.68
CA ARG A 399 2.49 -11.79 -2.90
C ARG A 399 3.52 -11.41 -1.83
N SER A 400 3.50 -12.07 -0.66
CA SER A 400 4.50 -11.76 0.36
C SER A 400 5.86 -12.34 0.00
N SER A 401 5.90 -13.49 -0.66
CA SER A 401 7.18 -14.14 -0.93
C SER A 401 7.61 -14.11 -2.38
N GLY A 402 6.69 -13.88 -3.32
CA GLY A 402 7.02 -14.03 -4.73
C GLY A 402 7.01 -15.45 -5.24
N ILE A 403 6.55 -16.39 -4.44
CA ILE A 403 6.49 -17.79 -4.84
C ILE A 403 5.17 -18.05 -5.56
N TRP A 404 5.23 -18.69 -6.72
CA TRP A 404 4.04 -19.16 -7.41
C TRP A 404 3.71 -20.55 -6.89
N ARG A 405 2.51 -20.71 -6.32
CA ARG A 405 2.16 -21.97 -5.69
C ARG A 405 2.09 -23.11 -6.70
N ASP A 406 1.76 -22.81 -7.95
CA ASP A 406 1.67 -23.82 -9.00
C ASP A 406 2.53 -23.30 -10.16
N PRO A 407 3.83 -23.59 -10.13
CA PRO A 407 4.70 -23.06 -11.18
C PRO A 407 4.46 -23.69 -12.54
N VAL A 408 3.92 -24.92 -12.59
CA VAL A 408 3.70 -25.60 -13.87
C VAL A 408 2.62 -24.88 -14.67
N SER A 409 1.49 -24.55 -14.03
CA SER A 409 0.43 -23.83 -14.70
C SER A 409 0.96 -22.53 -15.29
N ILE A 410 1.75 -21.80 -14.50
CA ILE A 410 2.23 -20.49 -14.95
C ILE A 410 3.12 -20.64 -16.17
N GLU A 411 4.03 -21.61 -16.15
CA GLU A 411 4.82 -21.95 -17.33
C GLU A 411 3.94 -22.26 -18.54
N ILE A 412 2.89 -23.07 -18.34
CA ILE A 412 1.98 -23.42 -19.43
C ILE A 412 1.33 -22.16 -20.01
N ILE A 413 0.89 -21.26 -19.14
CA ILE A 413 0.13 -20.09 -19.59
C ILE A 413 1.05 -19.04 -20.22
N THR A 414 2.30 -18.92 -19.78
CA THR A 414 3.19 -17.87 -20.23
C THR A 414 4.11 -18.31 -21.37
N ASN A 415 4.00 -19.55 -21.81
CA ASN A 415 4.82 -20.05 -22.92
C ASN A 415 3.90 -20.88 -23.83
N GLY A 416 2.94 -20.19 -24.46
CA GLY A 416 1.93 -20.81 -25.29
C GLY A 416 2.39 -21.24 -26.67
N ASN A 417 3.60 -20.89 -27.06
CA ASN A 417 4.18 -21.35 -28.30
C ASN A 417 4.95 -22.67 -28.15
N GLU A 418 4.81 -23.35 -27.02
CA GLU A 418 5.65 -24.51 -26.72
C GLU A 418 4.74 -25.69 -26.39
N THR A 419 5.10 -26.88 -26.87
CA THR A 419 4.36 -28.10 -26.55
C THR A 419 4.77 -28.64 -25.19
N ASN A 420 3.78 -28.95 -24.36
CA ASN A 420 4.02 -29.42 -23.00
C ASN A 420 3.89 -30.93 -22.90
N SER A 421 4.85 -31.56 -22.24
CA SER A 421 4.74 -32.95 -21.82
C SER A 421 4.11 -33.01 -20.43
N LEU A 422 3.10 -33.87 -20.27
CA LEU A 422 2.27 -33.81 -19.08
C LEU A 422 2.12 -35.18 -18.43
N PRO A 423 1.99 -35.22 -17.11
CA PRO A 423 1.63 -36.48 -16.44
C PRO A 423 0.24 -36.91 -16.90
N ASP A 424 0.11 -38.19 -17.24
CA ASP A 424 -1.20 -38.74 -17.53
C ASP A 424 -1.99 -38.92 -16.23
N SER A 425 -3.23 -39.37 -16.36
CA SER A 425 -4.15 -39.50 -15.23
C SER A 425 -5.44 -40.13 -15.72
N THR A 426 -6.16 -40.78 -14.81
CA THR A 426 -7.47 -41.31 -15.14
C THR A 426 -8.37 -40.20 -15.68
N VAL A 427 -9.07 -40.47 -16.78
CA VAL A 427 -10.08 -39.56 -17.31
C VAL A 427 -11.40 -40.26 -17.58
N ASP A 428 -11.51 -41.57 -17.28
CA ASP A 428 -12.71 -42.40 -17.37
C ASP A 428 -13.58 -42.26 -16.13
N THR A 429 -14.77 -41.66 -16.26
CA THR A 429 -15.66 -41.55 -15.10
C THR A 429 -16.23 -42.89 -14.65
N SER A 430 -16.11 -43.93 -15.45
CA SER A 430 -16.58 -45.24 -15.03
C SER A 430 -15.48 -46.06 -14.36
N ALA A 431 -14.25 -45.54 -14.29
CA ALA A 431 -13.16 -46.31 -13.71
C ALA A 431 -13.33 -46.42 -12.20
N PRO A 432 -13.21 -47.62 -11.62
CA PRO A 432 -13.35 -47.79 -10.17
C PRO A 432 -12.10 -47.44 -9.37
N SER A 433 -11.06 -46.96 -10.04
CA SER A 433 -9.85 -46.46 -9.39
C SER A 433 -9.36 -45.24 -10.17
N GLN A 434 -8.78 -44.26 -9.48
CA GLN A 434 -8.27 -43.07 -10.15
C GLN A 434 -6.78 -42.93 -9.87
N SER A 435 -5.99 -42.74 -10.91
CA SER A 435 -4.55 -42.57 -10.83
C SER A 435 -4.14 -41.20 -11.35
N SER A 436 -2.94 -40.78 -10.97
CA SER A 436 -2.41 -39.47 -11.40
C SER A 436 -0.89 -39.52 -11.37
N SER A 437 -0.25 -39.23 -12.50
CA SER A 437 1.21 -39.19 -12.57
C SER A 437 1.81 -37.87 -12.06
N ALA A 438 1.00 -37.01 -11.46
CA ALA A 438 1.50 -35.86 -10.72
C ALA A 438 1.94 -36.24 -9.30
N TYR A 439 1.89 -37.53 -8.97
CA TYR A 439 2.13 -37.96 -7.60
C TYR A 439 2.84 -39.31 -7.63
N ILE A 440 3.69 -39.53 -6.64
CA ILE A 440 4.08 -40.87 -6.23
C ILE A 440 3.50 -41.07 -4.83
N TYR A 441 2.58 -42.04 -4.73
CA TYR A 441 1.84 -42.28 -3.51
C TYR A 441 2.41 -43.54 -2.86
N HIS A 442 2.53 -43.53 -1.53
CA HIS A 442 2.86 -44.75 -0.81
C HIS A 442 2.10 -44.83 0.51
N LYS A 443 1.45 -45.96 0.77
CA LYS A 443 0.67 -46.09 1.99
C LYS A 443 1.55 -46.51 3.17
N VAL A 444 1.32 -45.89 4.33
CA VAL A 444 1.99 -46.32 5.56
C VAL A 444 1.70 -47.80 5.82
N GLY A 445 2.74 -48.54 6.23
CA GLY A 445 2.61 -49.96 6.50
C GLY A 445 2.53 -50.87 5.30
N THR A 446 2.90 -50.41 4.10
CA THR A 446 3.05 -51.28 2.95
C THR A 446 4.49 -51.23 2.47
N GLU A 447 4.91 -52.28 1.77
CA GLU A 447 6.27 -52.29 1.29
C GLU A 447 6.47 -51.24 0.20
N VAL A 448 7.69 -50.75 0.10
CA VAL A 448 8.06 -49.82 -0.95
C VAL A 448 8.26 -50.61 -2.23
N THR A 449 7.56 -50.22 -3.29
CA THR A 449 7.61 -50.90 -4.58
C THR A 449 8.00 -49.91 -5.67
N ASP A 450 8.42 -50.46 -6.82
CA ASP A 450 8.57 -49.68 -8.04
C ASP A 450 7.32 -48.86 -8.31
N GLN A 451 7.49 -47.65 -8.84
CA GLN A 451 6.32 -46.90 -9.29
C GLN A 451 6.54 -46.42 -10.72
N THR A 452 5.59 -46.77 -11.59
CA THR A 452 5.62 -46.40 -13.01
C THR A 452 4.57 -45.34 -13.26
N LEU A 453 5.00 -44.19 -13.80
CA LEU A 453 4.10 -43.07 -14.07
C LEU A 453 4.00 -42.88 -15.57
N PRO A 454 2.83 -43.05 -16.16
CA PRO A 454 2.67 -42.77 -17.59
C PRO A 454 2.60 -41.27 -17.82
N PHE A 455 3.29 -40.83 -18.86
CA PHE A 455 3.33 -39.41 -19.25
C PHE A 455 2.89 -39.28 -20.69
N ILE A 456 2.35 -38.11 -21.02
CA ILE A 456 2.02 -37.72 -22.39
C ILE A 456 3.20 -36.88 -22.87
N PHE A 457 4.10 -37.51 -23.63
CA PHE A 457 5.35 -36.86 -24.01
C PHE A 457 5.15 -35.81 -25.10
N ASN A 458 4.12 -35.96 -25.96
CA ASN A 458 3.85 -34.99 -27.03
C ASN A 458 5.10 -34.69 -27.84
N ASP A 459 5.89 -35.74 -28.09
CA ASP A 459 7.07 -35.70 -28.94
C ASP A 459 8.19 -34.81 -28.39
N ASN A 460 8.20 -34.53 -27.10
CA ASN A 460 9.41 -34.05 -26.45
C ASN A 460 10.20 -35.24 -25.92
N THR A 461 11.43 -35.01 -25.51
CA THR A 461 12.18 -36.02 -24.80
C THR A 461 12.40 -35.58 -23.36
N LEU A 462 12.62 -36.56 -22.49
CA LEU A 462 12.95 -36.26 -21.10
C LEU A 462 14.43 -35.96 -21.00
N VAL A 463 14.77 -34.78 -20.49
CA VAL A 463 16.17 -34.39 -20.37
C VAL A 463 16.71 -34.69 -18.98
N SER A 464 16.02 -34.29 -17.91
CA SER A 464 16.55 -34.53 -16.58
C SER A 464 15.41 -34.41 -15.57
N ILE A 465 15.70 -34.83 -14.34
CA ILE A 465 14.77 -34.73 -13.22
C ILE A 465 15.55 -34.26 -12.01
N GLN A 466 14.95 -33.39 -11.19
CA GLN A 466 15.68 -32.85 -10.04
C GLN A 466 14.75 -32.80 -8.85
N ASP A 467 15.23 -33.19 -7.65
CA ASP A 467 14.33 -33.15 -6.51
C ASP A 467 14.33 -31.75 -5.89
N SER A 468 13.43 -31.53 -4.92
CA SER A 468 13.26 -30.17 -4.40
C SER A 468 14.36 -29.78 -3.42
N LYS A 469 15.31 -30.67 -3.12
CA LYS A 469 16.49 -30.31 -2.36
C LYS A 469 17.67 -29.93 -3.24
N GLY A 470 17.48 -29.91 -4.56
CA GLY A 470 18.49 -29.42 -5.48
C GLY A 470 19.34 -30.46 -6.14
N THR A 471 18.98 -31.75 -6.03
CA THR A 471 19.77 -32.84 -6.60
C THR A 471 19.16 -33.33 -7.91
N THR A 472 19.97 -33.36 -8.96
CA THR A 472 19.57 -33.99 -10.21
C THR A 472 19.64 -35.50 -10.06
N LEU A 473 18.57 -36.20 -10.44
CA LEU A 473 18.56 -37.65 -10.28
C LEU A 473 19.42 -38.28 -11.37
N LYS A 474 19.89 -39.50 -11.10
CA LYS A 474 20.75 -40.22 -12.03
C LYS A 474 19.91 -41.05 -13.00
N ALA A 475 19.86 -40.64 -14.27
CA ALA A 475 19.11 -41.38 -15.28
C ALA A 475 19.62 -42.80 -15.40
N ASP A 476 18.70 -43.74 -15.65
CA ASP A 476 18.96 -45.18 -15.72
C ASP A 476 19.48 -45.80 -14.43
N THR A 477 19.53 -45.04 -13.34
CA THR A 477 19.74 -45.62 -12.01
C THR A 477 18.61 -45.25 -11.07
N ASP A 478 18.26 -43.97 -10.98
CA ASP A 478 17.16 -43.49 -10.17
C ASP A 478 15.82 -43.51 -10.90
N TYR A 479 15.84 -43.55 -12.23
CA TYR A 479 14.65 -43.70 -13.02
C TYR A 479 15.08 -44.22 -14.38
N THR A 480 14.13 -44.85 -15.07
CA THR A 480 14.30 -45.32 -16.43
C THR A 480 13.10 -44.86 -17.22
N VAL A 481 13.26 -44.76 -18.53
CA VAL A 481 12.18 -44.35 -19.42
C VAL A 481 11.89 -45.51 -20.35
N SER A 482 10.62 -45.86 -20.50
CA SER A 482 10.22 -46.93 -21.41
C SER A 482 8.94 -46.46 -22.09
N GLY A 483 9.06 -45.98 -23.32
CA GLY A 483 7.90 -45.45 -24.01
C GLY A 483 7.44 -44.16 -23.37
N SER A 484 6.15 -44.10 -23.04
CA SER A 484 5.59 -42.99 -22.30
C SER A 484 5.69 -43.16 -20.80
N ASN A 485 6.37 -44.20 -20.33
CA ASN A 485 6.41 -44.54 -18.93
C ASN A 485 7.70 -44.08 -18.27
N ILE A 486 7.57 -43.51 -17.07
CA ILE A 486 8.72 -43.17 -16.24
C ILE A 486 8.61 -43.98 -14.96
N THR A 487 9.59 -44.84 -14.73
CA THR A 487 9.58 -45.76 -13.61
C THR A 487 10.67 -45.39 -12.62
N PHE A 488 10.31 -45.39 -11.33
CA PHE A 488 11.22 -45.14 -10.23
C PHE A 488 11.39 -46.42 -9.43
N PRO A 489 12.58 -46.99 -9.36
CA PRO A 489 12.75 -48.29 -8.68
C PRO A 489 12.61 -48.19 -7.17
N ALA A 490 12.21 -49.31 -6.55
CA ALA A 490 11.90 -49.29 -5.13
C ALA A 490 13.11 -48.89 -4.31
N SER A 491 14.30 -49.30 -4.74
CA SER A 491 15.50 -48.96 -3.97
C SER A 491 15.75 -47.46 -3.96
N PHE A 492 15.51 -46.77 -5.08
CA PHE A 492 15.65 -45.32 -5.08
C PHE A 492 14.60 -44.66 -4.18
N LEU A 493 13.33 -45.06 -4.35
CA LEU A 493 12.24 -44.47 -3.58
C LEU A 493 12.40 -44.73 -2.09
N SER A 494 13.00 -45.86 -1.73
CA SER A 494 13.18 -46.16 -0.31
C SER A 494 14.12 -45.19 0.37
N THR A 495 14.84 -44.35 -0.40
CA THR A 495 15.65 -43.29 0.18
C THR A 495 14.84 -42.05 0.55
N TYR A 496 13.57 -41.99 0.15
CA TYR A 496 12.69 -40.88 0.49
C TYR A 496 11.61 -41.24 1.50
N TYR A 497 11.25 -42.53 1.59
CA TYR A 497 10.22 -42.99 2.52
C TYR A 497 10.39 -44.49 2.73
N SER A 498 9.70 -45.01 3.74
CA SER A 498 9.81 -46.42 4.13
C SER A 498 8.41 -46.95 4.46
N GLU A 499 8.33 -48.20 4.95
CA GLU A 499 7.03 -48.69 5.40
C GLU A 499 6.53 -48.00 6.66
N THR A 500 7.40 -47.41 7.48
CA THR A 500 6.98 -46.83 8.74
C THR A 500 7.12 -45.31 8.85
N SER A 501 7.66 -44.62 7.83
CA SER A 501 7.84 -43.17 8.01
C SER A 501 6.48 -42.44 8.05
N GLU A 502 6.51 -41.23 8.63
CA GLU A 502 5.27 -40.50 8.91
C GLU A 502 4.57 -40.07 7.63
N PRO A 503 3.24 -40.03 7.64
CA PRO A 503 2.49 -39.57 6.47
C PRO A 503 2.58 -38.06 6.30
N GLY A 504 2.74 -37.64 5.06
CA GLY A 504 2.77 -36.22 4.77
C GLY A 504 3.35 -36.01 3.39
N LEU A 505 3.64 -34.76 3.08
CA LEU A 505 4.30 -34.40 1.83
C LEU A 505 5.82 -34.50 1.98
N LEU A 506 6.44 -35.17 1.02
CA LEU A 506 7.86 -35.43 0.98
C LEU A 506 8.48 -34.50 -0.08
N PRO A 507 9.74 -34.67 -0.48
CA PRO A 507 10.24 -33.89 -1.62
C PRO A 507 9.42 -34.14 -2.88
N ASN A 508 9.58 -33.24 -3.87
CA ASN A 508 8.98 -33.52 -5.17
C ASN A 508 10.05 -33.48 -6.25
N PHE A 509 9.67 -33.92 -7.44
CA PHE A 509 10.58 -34.07 -8.57
C PHE A 509 10.13 -33.12 -9.66
N THR A 510 11.06 -32.35 -10.21
CA THR A 510 10.77 -31.45 -11.33
C THR A 510 11.39 -32.04 -12.59
N LEU A 511 10.54 -32.33 -13.57
CA LEU A 511 10.91 -33.03 -14.80
C LEU A 511 11.18 -32.02 -15.90
N LYS A 512 12.40 -32.04 -16.44
CA LYS A 512 12.82 -31.14 -17.50
C LYS A 512 12.71 -31.87 -18.83
N PHE A 513 11.85 -31.36 -19.72
CA PHE A 513 11.68 -31.95 -21.04
C PHE A 513 12.34 -31.07 -22.10
N SER A 514 12.43 -31.63 -23.30
CA SER A 514 13.03 -30.97 -24.46
C SER A 514 12.48 -29.56 -24.66
N SER A 515 11.20 -29.37 -24.38
CA SER A 515 10.57 -28.06 -24.50
C SER A 515 9.30 -28.11 -23.67
N GLY A 516 8.68 -26.94 -23.48
CA GLY A 516 7.48 -26.85 -22.69
C GLY A 516 7.74 -26.78 -21.20
N ALA A 517 6.64 -26.81 -20.45
CA ALA A 517 6.68 -26.68 -19.00
C ALA A 517 7.36 -27.88 -18.35
N SER A 518 7.80 -27.68 -17.11
CA SER A 518 8.47 -28.72 -16.33
C SER A 518 7.50 -29.23 -15.28
N PRO A 519 6.82 -30.37 -15.50
CA PRO A 519 5.85 -30.84 -14.51
C PRO A 519 6.52 -31.31 -13.23
N VAL A 520 5.74 -31.34 -12.16
CA VAL A 520 6.23 -31.68 -10.82
C VAL A 520 5.51 -32.94 -10.34
N VAL A 521 6.29 -33.93 -9.88
CA VAL A 521 5.74 -35.16 -9.31
C VAL A 521 5.93 -35.06 -7.79
N GLN A 522 4.82 -35.03 -7.04
CA GLN A 522 4.85 -34.87 -5.59
C GLN A 522 4.84 -36.24 -4.89
N LEU A 523 5.85 -36.51 -4.06
CA LEU A 523 5.88 -37.73 -3.25
C LEU A 523 4.99 -37.50 -2.04
N VAL A 524 4.11 -38.44 -1.76
CA VAL A 524 3.13 -38.34 -0.68
C VAL A 524 3.15 -39.67 0.07
N GLN A 525 3.47 -39.62 1.36
CA GLN A 525 3.25 -40.78 2.23
C GLN A 525 1.90 -40.60 2.88
N TRP A 526 1.01 -41.56 2.70
CA TRP A 526 -0.38 -41.36 3.07
C TRP A 526 -0.88 -42.52 3.91
N ASP A 527 -1.93 -42.23 4.69
CA ASP A 527 -2.72 -43.23 5.39
C ASP A 527 -4.15 -42.75 5.44
N THR A 528 -5.03 -43.61 5.90
CA THR A 528 -6.43 -43.26 6.07
C THR A 528 -6.57 -42.27 7.21
N PRO A 529 -7.09 -41.06 6.96
CA PRO A 529 -7.25 -40.10 8.05
C PRO A 529 -8.24 -40.59 9.10
N THR A 530 -8.08 -40.09 10.32
CA THR A 530 -9.04 -40.29 11.39
C THR A 530 -9.68 -38.95 11.75
N LEU A 531 -10.87 -39.01 12.37
CA LEU A 531 -11.57 -37.85 12.90
C LEU A 531 -11.65 -37.94 14.42
N SER A 532 -11.73 -36.79 15.08
CA SER A 532 -11.90 -36.73 16.52
C SER A 532 -13.30 -37.13 16.94
N LYS A 533 -14.24 -37.19 15.99
CA LYS A 533 -15.66 -37.37 16.28
C LYS A 533 -16.28 -38.14 15.13
N THR A 534 -17.18 -39.09 15.42
CA THR A 534 -17.76 -39.90 14.35
C THR A 534 -19.27 -39.69 14.17
N SER A 535 -19.92 -38.96 15.09
CA SER A 535 -21.34 -38.66 14.95
C SER A 535 -21.67 -37.43 15.77
N ALA A 536 -22.86 -36.86 15.49
CA ALA A 536 -23.41 -35.71 16.19
C ALA A 536 -24.89 -35.59 15.86
N ALA A 537 -25.69 -35.16 16.82
CA ALA A 537 -27.07 -34.84 16.51
C ALA A 537 -27.11 -33.54 15.71
N ALA A 538 -27.87 -33.52 14.61
CA ALA A 538 -27.98 -32.29 13.83
C ALA A 538 -28.64 -31.18 14.64
N SER A 539 -29.60 -31.52 15.52
CA SER A 539 -30.24 -30.48 16.34
C SER A 539 -29.23 -29.73 17.18
N SER A 540 -28.23 -30.44 17.70
CA SER A 540 -27.27 -29.90 18.66
C SER A 540 -26.28 -28.92 18.04
N ILE A 541 -26.16 -28.88 16.71
CA ILE A 541 -25.02 -28.22 16.09
C ILE A 541 -25.41 -27.35 14.91
N SER A 542 -26.66 -26.89 14.89
CA SER A 542 -27.15 -26.07 13.79
C SER A 542 -27.06 -24.59 14.13
N GLY A 543 -27.36 -23.76 13.13
CA GLY A 543 -27.10 -22.35 13.20
C GLY A 543 -25.79 -21.92 12.60
N SER A 544 -24.92 -22.86 12.22
CA SER A 544 -23.57 -22.53 11.79
C SER A 544 -22.95 -23.78 11.14
N ASP A 545 -21.75 -23.62 10.60
CA ASP A 545 -21.06 -24.75 10.00
C ASP A 545 -20.63 -25.74 11.08
N LEU A 546 -20.34 -26.98 10.64
CA LEU A 546 -19.85 -28.05 11.51
C LEU A 546 -18.39 -28.31 11.17
N SER A 547 -17.50 -27.98 12.10
CA SER A 547 -16.07 -28.19 11.96
C SER A 547 -15.68 -29.44 12.75
N ILE A 548 -15.07 -30.42 12.08
CA ILE A 548 -14.70 -31.69 12.69
C ILE A 548 -13.18 -31.80 12.66
N PRO A 549 -12.49 -31.79 13.79
CA PRO A 549 -11.02 -31.93 13.77
C PRO A 549 -10.60 -33.26 13.15
N ILE A 550 -9.49 -33.21 12.42
CA ILE A 550 -9.08 -34.35 11.63
C ILE A 550 -7.57 -34.48 11.75
N THR A 551 -7.09 -35.72 11.70
CA THR A 551 -5.68 -36.01 11.57
C THR A 551 -5.45 -36.30 10.09
N TRP A 552 -4.96 -35.30 9.35
CA TRP A 552 -4.53 -35.53 7.97
C TRP A 552 -3.36 -36.49 7.97
N LYS A 553 -3.34 -37.39 6.98
CA LYS A 553 -2.27 -38.36 6.84
C LYS A 553 -1.94 -38.42 5.36
N GLY A 554 -1.08 -37.49 4.93
CA GLY A 554 -0.74 -37.33 3.54
C GLY A 554 -1.06 -35.93 3.05
N LEU A 555 -1.75 -35.84 1.92
CA LEU A 555 -2.24 -34.57 1.41
C LEU A 555 -3.25 -33.98 2.38
N PRO A 556 -3.03 -32.78 2.88
CA PRO A 556 -4.01 -32.10 3.74
C PRO A 556 -5.15 -31.45 2.96
N LYS A 557 -5.81 -32.22 2.11
CA LYS A 557 -6.93 -31.72 1.30
C LYS A 557 -8.03 -32.77 1.28
N LEU A 558 -9.25 -32.31 1.10
CA LEU A 558 -10.42 -33.16 0.90
C LEU A 558 -10.71 -33.27 -0.60
N ALA A 559 -10.91 -34.51 -1.10
CA ALA A 559 -11.26 -34.70 -2.52
C ALA A 559 -12.76 -34.47 -2.77
N THR A 560 -13.61 -35.02 -1.92
CA THR A 560 -15.07 -34.85 -2.01
C THR A 560 -15.71 -35.44 -0.76
N VAL A 561 -17.02 -35.26 -0.63
CA VAL A 561 -17.79 -35.87 0.46
C VAL A 561 -19.01 -36.57 -0.14
N LYS A 562 -19.18 -37.85 0.18
CA LYS A 562 -20.42 -38.55 -0.15
C LYS A 562 -21.43 -38.33 0.97
N ALA A 563 -22.71 -38.20 0.59
CA ALA A 563 -23.75 -38.00 1.59
C ALA A 563 -24.96 -38.87 1.25
N LEU A 564 -25.30 -39.79 2.14
CA LEU A 564 -26.29 -40.82 1.88
C LEU A 564 -27.23 -40.91 3.08
N LEU A 565 -28.53 -40.71 2.85
CA LEU A 565 -29.48 -40.94 3.92
C LEU A 565 -29.54 -42.42 4.29
N ASN A 566 -30.12 -42.68 5.46
CA ASN A 566 -30.17 -44.03 5.99
C ASN A 566 -30.91 -44.98 5.04
N ASN A 567 -32.00 -44.50 4.44
CA ASN A 567 -32.77 -45.36 3.54
C ASN A 567 -32.17 -45.45 2.12
N GLY A 568 -31.01 -44.87 1.88
CA GLY A 568 -30.34 -44.98 0.59
C GLY A 568 -30.59 -43.83 -0.37
N THR A 569 -31.57 -42.98 -0.10
CA THR A 569 -31.74 -41.78 -0.91
C THR A 569 -30.55 -40.83 -0.72
N TYR A 570 -30.19 -40.13 -1.80
CA TYR A 570 -29.11 -39.17 -1.75
C TYR A 570 -29.53 -37.95 -0.94
N LEU A 571 -28.60 -37.39 -0.18
CA LEU A 571 -28.90 -36.16 0.55
C LEU A 571 -29.28 -35.03 -0.39
N VAL A 572 -28.52 -34.84 -1.47
CA VAL A 572 -28.80 -33.78 -2.45
C VAL A 572 -28.46 -34.29 -3.84
N ASP A 573 -29.09 -33.69 -4.85
CA ASP A 573 -28.66 -33.81 -6.24
C ASP A 573 -28.71 -35.26 -6.73
N ASP A 574 -29.94 -35.80 -6.77
CA ASP A 574 -30.19 -37.17 -7.23
C ASP A 574 -29.50 -37.52 -8.54
N PHE A 575 -29.23 -36.52 -9.37
CA PHE A 575 -28.71 -36.76 -10.72
C PHE A 575 -27.28 -37.25 -10.72
N THR A 576 -26.54 -37.11 -9.60
CA THR A 576 -25.19 -37.67 -9.55
C THR A 576 -25.18 -39.19 -9.64
N GLN A 577 -26.35 -39.83 -9.54
CA GLN A 577 -26.42 -41.28 -9.72
C GLN A 577 -25.86 -41.72 -11.06
N TRP A 578 -25.78 -40.81 -12.04
CA TRP A 578 -25.21 -41.12 -13.34
C TRP A 578 -23.72 -40.79 -13.45
N PHE A 579 -23.06 -40.38 -12.36
CA PHE A 579 -21.68 -39.90 -12.45
C PHE A 579 -20.63 -40.96 -12.09
N GLY A 580 -20.99 -42.24 -12.06
CA GLY A 580 -20.00 -43.27 -11.91
C GLY A 580 -19.58 -43.50 -10.46
N PRO A 581 -18.62 -44.40 -10.26
CA PRO A 581 -18.28 -44.82 -8.88
C PRO A 581 -17.79 -43.71 -7.98
N PHE A 582 -17.19 -42.65 -8.53
CA PHE A 582 -16.64 -41.59 -7.69
C PHE A 582 -17.52 -40.35 -7.64
N GLY A 583 -18.65 -40.35 -8.36
CA GLY A 583 -19.56 -39.22 -8.42
C GLY A 583 -20.91 -39.46 -7.77
N GLU A 584 -21.34 -40.72 -7.66
CA GLU A 584 -22.68 -40.98 -7.16
C GLU A 584 -22.82 -40.56 -5.69
N ALA A 585 -23.84 -39.76 -5.41
CA ALA A 585 -24.17 -39.26 -4.07
C ALA A 585 -23.12 -38.31 -3.51
N ARG A 586 -22.17 -37.84 -4.33
CA ARG A 586 -21.21 -36.86 -3.83
C ARG A 586 -21.78 -35.44 -3.88
N THR A 587 -21.24 -34.58 -3.03
CA THR A 587 -21.74 -33.23 -2.83
C THR A 587 -20.65 -32.24 -3.26
N THR A 588 -20.90 -30.94 -3.05
CA THR A 588 -20.14 -29.89 -3.73
C THR A 588 -19.30 -29.05 -2.77
N TYR A 589 -18.06 -28.82 -3.17
CA TYR A 589 -17.14 -27.93 -2.47
C TYR A 589 -17.75 -26.54 -2.22
N SER A 590 -17.44 -26.00 -1.04
CA SER A 590 -17.88 -24.70 -0.53
C SER A 590 -19.38 -24.69 -0.24
N ASN A 591 -20.20 -25.20 -1.16
CA ASN A 591 -21.64 -25.28 -0.94
C ASN A 591 -21.97 -26.19 0.23
N GLN A 592 -21.48 -27.43 0.18
CA GLN A 592 -21.81 -28.47 1.14
C GLN A 592 -20.67 -28.83 2.07
N TRP A 593 -19.44 -28.76 1.60
CA TRP A 593 -18.32 -29.16 2.43
C TRP A 593 -17.14 -28.22 2.19
N ASN A 594 -16.24 -28.19 3.16
CA ASN A 594 -14.98 -27.46 3.07
C ASN A 594 -13.96 -28.16 3.97
N TRP A 595 -12.80 -27.53 4.12
CA TRP A 595 -11.75 -28.00 5.01
C TRP A 595 -10.86 -26.82 5.35
N ASP A 596 -10.16 -26.92 6.48
CA ASP A 596 -9.10 -25.95 6.78
C ASP A 596 -7.90 -26.73 7.32
N ASP A 597 -7.01 -26.01 8.00
N ASP A 597 -6.99 -26.03 8.00
CA ASP A 597 -5.75 -26.61 8.46
CA ASP A 597 -5.74 -26.69 8.38
C ASP A 597 -5.99 -27.79 9.39
C ASP A 597 -5.95 -27.77 9.43
N LYS A 598 -7.02 -27.70 10.23
CA LYS A 598 -7.24 -28.69 11.28
C LYS A 598 -8.58 -29.40 11.20
N ASN A 599 -9.41 -29.13 10.20
CA ASN A 599 -10.80 -29.56 10.22
C ASN A 599 -11.27 -29.95 8.82
N VAL A 600 -12.19 -30.91 8.77
CA VAL A 600 -13.07 -31.04 7.62
C VAL A 600 -14.36 -30.38 8.04
N ILE A 601 -15.11 -29.84 7.08
CA ILE A 601 -16.25 -29.00 7.42
C ILE A 601 -17.47 -29.41 6.60
N LEU A 602 -18.59 -29.52 7.29
CA LEU A 602 -19.91 -29.60 6.67
C LEU A 602 -20.58 -28.25 6.89
N THR A 603 -21.11 -27.66 5.82
CA THR A 603 -21.66 -26.31 5.92
C THR A 603 -23.01 -26.33 6.65
N GLN A 604 -23.43 -25.15 7.10
CA GLN A 604 -24.70 -25.07 7.80
C GLN A 604 -25.85 -25.47 6.89
N ALA A 605 -25.74 -25.21 5.59
CA ALA A 605 -26.76 -25.66 4.64
C ALA A 605 -26.84 -27.19 4.60
N THR A 606 -25.68 -27.86 4.54
CA THR A 606 -25.65 -29.32 4.64
C THR A 606 -26.36 -29.80 5.90
N VAL A 607 -26.08 -29.17 7.05
CA VAL A 607 -26.69 -29.60 8.30
C VAL A 607 -28.20 -29.38 8.25
N GLU A 608 -28.63 -28.26 7.67
CA GLU A 608 -30.07 -27.99 7.56
C GLU A 608 -30.76 -28.94 6.59
N ALA A 609 -30.03 -29.44 5.59
CA ALA A 609 -30.61 -30.44 4.70
C ALA A 609 -30.90 -31.74 5.44
N VAL A 610 -30.03 -32.13 6.38
CA VAL A 610 -30.24 -33.36 7.14
C VAL A 610 -31.48 -33.25 8.01
N VAL A 611 -31.59 -32.14 8.75
CA VAL A 611 -32.77 -31.90 9.58
C VAL A 611 -34.05 -32.00 8.75
N ALA A 612 -34.02 -31.43 7.52
CA ALA A 612 -35.22 -31.44 6.69
C ALA A 612 -35.54 -32.85 6.19
N ALA A 613 -34.51 -33.63 5.85
CA ALA A 613 -34.74 -35.02 5.45
C ALA A 613 -35.35 -35.83 6.56
N GLY A 614 -35.03 -35.49 7.82
CA GLY A 614 -35.58 -36.20 8.96
C GLY A 614 -35.01 -37.58 9.15
N GLN A 615 -33.75 -37.77 8.78
CA GLN A 615 -33.18 -39.11 8.71
C GLN A 615 -31.67 -39.02 8.88
N ASP A 616 -31.11 -39.95 9.69
CA ASP A 616 -29.67 -40.01 9.86
C ASP A 616 -28.98 -40.09 8.50
N THR A 617 -27.87 -39.36 8.37
CA THR A 617 -27.17 -39.24 7.10
C THR A 617 -25.70 -39.57 7.32
N VAL A 618 -25.14 -40.39 6.45
CA VAL A 618 -23.72 -40.77 6.56
C VAL A 618 -22.94 -39.95 5.56
N PHE A 619 -21.96 -39.21 6.07
CA PHE A 619 -21.02 -38.44 5.28
C PHE A 619 -19.72 -39.24 5.19
N THR A 620 -19.27 -39.50 3.97
CA THR A 620 -17.98 -40.15 3.74
C THR A 620 -17.01 -39.10 3.19
N PHE A 621 -16.08 -38.65 4.04
CA PHE A 621 -14.97 -37.82 3.58
C PHE A 621 -13.98 -38.69 2.82
N GLU A 622 -13.55 -38.19 1.65
CA GLU A 622 -12.73 -38.94 0.71
C GLU A 622 -11.49 -38.13 0.38
N PHE A 623 -10.35 -38.82 0.27
CA PHE A 623 -9.05 -38.19 0.23
C PHE A 623 -8.24 -38.74 -0.94
N PHE A 624 -7.15 -38.07 -1.26
CA PHE A 624 -6.22 -38.51 -2.28
C PHE A 624 -5.14 -39.37 -1.63
N PRO A 625 -4.77 -40.47 -2.28
CA PRO A 625 -5.26 -40.95 -3.58
C PRO A 625 -6.63 -41.63 -3.52
N ARG A 626 -7.39 -41.49 -4.62
CA ARG A 626 -8.70 -42.14 -4.73
C ARG A 626 -8.51 -43.53 -5.34
N VAL A 627 -7.87 -44.39 -4.54
CA VAL A 627 -7.50 -45.74 -4.99
C VAL A 627 -8.73 -46.60 -5.18
N ASP A 628 -9.80 -46.29 -4.47
CA ASP A 628 -11.08 -46.94 -4.58
C ASP A 628 -12.07 -46.01 -3.87
N THR A 629 -13.29 -46.47 -3.63
CA THR A 629 -14.31 -45.63 -3.03
C THR A 629 -14.36 -45.66 -1.50
N THR A 630 -13.57 -46.52 -0.84
CA THR A 630 -13.73 -46.71 0.61
C THR A 630 -12.44 -46.67 1.43
N THR A 631 -11.31 -47.06 0.84
CA THR A 631 -10.11 -47.26 1.65
C THR A 631 -9.61 -45.96 2.27
N ASN A 632 -9.38 -44.94 1.44
CA ASN A 632 -8.86 -43.66 1.92
C ASN A 632 -10.02 -42.70 2.22
N THR A 633 -10.87 -43.12 3.14
CA THR A 633 -12.09 -42.39 3.44
C THR A 633 -12.40 -42.60 4.91
N VAL A 634 -13.20 -41.70 5.48
CA VAL A 634 -13.66 -41.85 6.86
C VAL A 634 -15.07 -41.30 6.97
N ASN A 635 -15.88 -41.94 7.80
CA ASN A 635 -17.30 -41.64 7.94
C ASN A 635 -17.59 -40.75 9.13
N PHE A 636 -18.59 -39.87 8.96
CA PHE A 636 -19.20 -39.10 10.03
C PHE A 636 -20.70 -39.13 9.84
N THR A 637 -21.44 -39.43 10.92
CA THR A 637 -22.90 -39.60 10.85
C THR A 637 -23.59 -38.47 11.59
N LEU A 638 -24.46 -37.74 10.89
CA LEU A 638 -25.29 -36.73 11.51
C LEU A 638 -26.61 -37.39 11.88
N THR A 639 -26.97 -37.35 13.15
CA THR A 639 -28.14 -38.08 13.62
C THR A 639 -29.33 -37.13 13.74
N VAL A 640 -30.53 -37.70 13.63
CA VAL A 640 -31.75 -36.91 13.73
C VAL A 640 -32.66 -37.47 14.82
N ALA B 92 2.18 -15.99 23.33
CA ALA B 92 3.05 -15.38 22.34
C ALA B 92 4.45 -15.98 22.42
N ASN B 93 4.75 -16.90 21.50
CA ASN B 93 6.00 -17.65 21.51
C ASN B 93 6.74 -17.44 20.20
N CYS B 94 8.04 -17.18 20.27
CA CYS B 94 8.85 -16.83 19.12
C CYS B 94 9.82 -17.95 18.79
N THR B 95 10.06 -18.17 17.50
CA THR B 95 10.92 -19.24 17.05
C THR B 95 12.19 -18.74 16.36
N GLY B 96 12.34 -17.44 16.17
CA GLY B 96 13.56 -16.87 15.63
C GLY B 96 14.63 -16.70 16.68
N SER B 97 15.71 -16.03 16.28
CA SER B 97 16.70 -15.56 17.22
C SER B 97 16.41 -14.10 17.54
N PHE B 98 16.93 -13.66 18.68
CA PHE B 98 16.83 -12.26 19.07
C PHE B 98 18.21 -11.83 19.54
N ASP B 99 18.76 -10.82 18.89
CA ASP B 99 20.11 -10.33 19.18
C ASP B 99 19.98 -9.16 20.14
N ALA B 100 20.14 -9.44 21.44
CA ALA B 100 19.94 -8.40 22.44
C ALA B 100 20.89 -7.24 22.21
N ILE B 101 20.39 -6.03 22.40
CA ILE B 101 21.17 -4.80 22.22
C ILE B 101 20.87 -3.88 23.39
N SER B 102 21.91 -3.18 23.85
CA SER B 102 21.73 -2.21 24.93
C SER B 102 21.04 -0.96 24.40
N ALA B 103 20.42 -0.21 25.31
CA ALA B 103 19.79 1.04 24.90
C ALA B 103 20.82 2.00 24.33
N SER B 104 21.99 2.09 24.97
CA SER B 104 23.08 2.92 24.46
C SER B 104 23.43 2.58 23.02
N ASP B 105 23.61 1.28 22.72
CA ASP B 105 23.98 0.88 21.37
C ASP B 105 22.85 1.10 20.38
N PHE B 106 21.59 0.88 20.80
CA PHE B 106 20.44 1.17 19.94
C PHE B 106 20.42 2.64 19.55
N VAL B 107 20.51 3.53 20.54
CA VAL B 107 20.46 4.98 20.27
C VAL B 107 21.60 5.39 19.35
N ALA B 108 22.80 4.83 19.57
CA ALA B 108 23.91 5.11 18.67
C ALA B 108 23.60 4.65 17.26
N ASN B 109 22.95 3.49 17.13
CA ASN B 109 22.79 2.86 15.82
C ASN B 109 21.71 3.53 14.97
N ILE B 110 20.74 4.20 15.60
CA ILE B 110 19.62 4.78 14.87
C ILE B 110 19.91 6.18 14.32
N ASN B 111 21.07 6.73 14.64
CA ASN B 111 21.38 8.12 14.33
C ASN B 111 21.82 8.24 12.87
N PRO B 112 21.11 9.03 12.01
CA PRO B 112 19.88 9.78 12.26
C PRO B 112 18.63 9.04 11.76
N GLY B 113 17.46 9.39 12.30
CA GLY B 113 16.20 8.81 11.89
C GLY B 113 15.32 9.80 11.13
N TRP B 114 14.26 9.26 10.54
CA TRP B 114 13.29 10.01 9.76
C TRP B 114 11.89 9.52 10.15
N ASN B 115 10.94 10.44 10.28
CA ASN B 115 9.56 10.07 10.60
C ASN B 115 8.76 9.80 9.33
N LEU B 116 7.92 8.76 9.38
CA LEU B 116 6.88 8.53 8.38
C LEU B 116 5.61 9.24 8.82
N GLY B 117 5.64 10.58 8.73
CA GLY B 117 4.56 11.38 9.26
C GLY B 117 3.33 11.38 8.38
N ASN B 118 2.18 11.63 9.02
CA ASN B 118 0.90 11.80 8.35
C ASN B 118 0.55 10.58 7.50
N SER B 119 0.91 9.40 8.01
CA SER B 119 0.60 8.15 7.36
C SER B 119 -0.19 7.25 8.32
N LEU B 120 0.48 6.35 9.05
CA LEU B 120 -0.28 5.50 9.95
C LEU B 120 -0.82 6.26 11.16
N ASP B 121 -0.34 7.48 11.36
CA ASP B 121 -0.86 8.40 12.35
C ASP B 121 -2.02 9.26 11.82
N ALA B 122 -2.24 9.32 10.51
CA ALA B 122 -3.37 10.05 9.96
C ALA B 122 -4.69 9.42 10.39
N THR B 123 -5.75 10.22 10.38
CA THR B 123 -7.04 9.73 10.87
C THR B 123 -8.16 10.04 9.89
N PRO B 124 -9.11 9.13 9.72
CA PRO B 124 -9.18 7.80 10.37
C PRO B 124 -8.30 6.76 9.70
N ASN B 125 -7.95 6.94 8.43
CA ASN B 125 -7.17 5.98 7.67
C ASN B 125 -5.82 6.57 7.29
N GLU B 126 -4.93 5.68 6.81
CA GLU B 126 -3.56 6.11 6.55
C GLU B 126 -3.45 7.03 5.34
N ASP B 127 -4.45 7.02 4.45
CA ASP B 127 -4.52 7.93 3.32
C ASP B 127 -5.50 9.08 3.56
N SER B 128 -5.83 9.36 4.82
CA SER B 128 -6.87 10.32 5.11
C SER B 128 -6.36 11.75 5.09
N TRP B 129 -5.06 11.93 5.20
CA TRP B 129 -4.48 13.26 5.11
C TRP B 129 -3.77 13.43 3.77
N ASN B 130 -2.59 14.03 3.75
CA ASN B 130 -1.98 14.41 2.48
C ASN B 130 -1.25 13.27 1.80
N ASN B 131 -1.12 12.11 2.45
CA ASN B 131 -0.25 11.11 1.89
C ASN B 131 -1.03 9.91 1.34
N PRO B 132 -0.64 9.38 0.19
CA PRO B 132 -1.23 8.14 -0.28
C PRO B 132 -0.79 6.98 0.59
N THR B 133 -1.44 5.83 0.35
CA THR B 133 -1.10 4.56 0.98
C THR B 133 0.40 4.32 0.94
N VAL B 134 0.95 3.83 2.05
CA VAL B 134 2.38 3.65 2.21
C VAL B 134 2.90 2.58 1.26
N GLN B 135 3.95 2.90 0.51
CA GLN B 135 4.57 1.95 -0.40
C GLN B 135 6.03 1.73 -0.01
N GLU B 136 6.52 0.50 -0.24
CA GLU B 136 7.80 0.11 0.35
C GLU B 136 8.96 0.88 -0.25
N SER B 137 8.84 1.33 -1.50
CA SER B 137 9.94 2.06 -2.13
C SER B 137 10.27 3.33 -1.37
N THR B 138 9.29 3.91 -0.65
CA THR B 138 9.55 5.06 0.18
C THR B 138 10.76 4.82 1.07
N PHE B 139 10.91 3.58 1.58
CA PHE B 139 12.01 3.29 2.51
C PHE B 139 13.34 3.08 1.80
N ASP B 140 13.33 2.66 0.52
CA ASP B 140 14.55 2.68 -0.29
C ASP B 140 15.16 4.09 -0.35
N TYR B 141 14.33 5.11 -0.56
CA TYR B 141 14.83 6.49 -0.64
C TYR B 141 15.40 6.92 0.71
N VAL B 142 14.70 6.58 1.79
CA VAL B 142 15.16 6.92 3.13
C VAL B 142 16.52 6.30 3.39
N LYS B 143 16.67 5.02 3.09
CA LYS B 143 17.96 4.35 3.26
C LYS B 143 19.04 5.02 2.41
N ALA B 144 18.72 5.25 1.13
CA ALA B 144 19.70 5.80 0.21
C ALA B 144 20.18 7.17 0.64
N ALA B 145 19.33 7.96 1.29
CA ALA B 145 19.70 9.29 1.76
C ALA B 145 20.62 9.27 2.98
N GLY B 146 20.86 8.12 3.58
CA GLY B 146 21.77 7.99 4.69
C GLY B 146 21.15 7.91 6.06
N PHE B 147 19.83 7.79 6.17
CA PHE B 147 19.22 7.59 7.47
C PHE B 147 19.45 6.15 7.93
N LYS B 148 19.52 5.97 9.25
CA LYS B 148 19.73 4.67 9.84
C LYS B 148 18.48 4.09 10.50
N SER B 149 17.42 4.89 10.61
CA SER B 149 16.23 4.47 11.34
C SER B 149 15.02 5.24 10.84
N VAL B 150 13.85 4.67 11.09
CA VAL B 150 12.55 5.23 10.73
C VAL B 150 11.70 5.22 12.00
N ARG B 151 11.16 6.38 12.37
CA ARG B 151 10.15 6.42 13.41
C ARG B 151 8.77 6.27 12.77
N LEU B 152 7.95 5.36 13.31
CA LEU B 152 6.67 4.99 12.73
C LEU B 152 5.54 5.43 13.66
N PRO B 153 5.02 6.65 13.52
CA PRO B 153 3.89 7.07 14.37
C PRO B 153 2.62 6.37 13.93
N VAL B 154 1.89 5.79 14.90
CA VAL B 154 0.64 5.09 14.63
C VAL B 154 -0.44 5.63 15.56
N THR B 155 -1.56 6.06 14.97
CA THR B 155 -2.74 6.48 15.72
C THR B 155 -3.76 5.33 15.71
N TRP B 156 -4.07 4.81 16.89
CA TRP B 156 -4.90 3.62 17.04
C TRP B 156 -6.37 3.96 17.24
N THR B 157 -6.69 5.23 17.53
CA THR B 157 -8.04 5.67 17.89
C THR B 157 -9.16 5.10 17.02
N HIS B 158 -8.98 5.14 15.70
CA HIS B 158 -10.05 4.80 14.77
C HIS B 158 -9.91 3.37 14.25
N HIS B 159 -9.27 2.50 15.03
CA HIS B 159 -9.06 1.12 14.62
C HIS B 159 -9.48 0.14 15.70
N PHE B 160 -10.20 0.59 16.72
CA PHE B 160 -10.79 -0.29 17.70
C PHE B 160 -12.11 -0.85 17.16
N THR B 161 -12.36 -2.14 17.42
CA THR B 161 -13.61 -2.77 17.01
C THR B 161 -14.51 -3.13 18.18
N SER B 162 -14.07 -2.91 19.41
CA SER B 162 -14.96 -2.94 20.56
C SER B 162 -14.48 -1.86 21.52
N GLU B 163 -15.30 -1.55 22.52
CA GLU B 163 -14.84 -0.69 23.59
C GLU B 163 -14.62 -1.48 24.87
N SER B 164 -15.05 -0.95 26.00
CA SER B 164 -14.76 -1.58 27.28
C SER B 164 -15.41 -2.97 27.32
N PRO B 165 -14.77 -3.95 27.96
CA PRO B 165 -13.47 -3.89 28.65
C PRO B 165 -12.32 -4.43 27.82
N ASP B 166 -12.58 -4.89 26.60
CA ASP B 166 -11.54 -5.55 25.81
C ASP B 166 -10.83 -4.63 24.85
N TRP B 167 -11.48 -3.58 24.37
CA TRP B 167 -10.87 -2.59 23.48
C TRP B 167 -10.07 -3.28 22.38
N THR B 168 -10.74 -4.18 21.67
CA THR B 168 -10.08 -4.97 20.62
C THR B 168 -9.64 -4.06 19.48
N VAL B 169 -8.41 -4.24 19.03
CA VAL B 169 -7.87 -3.56 17.86
C VAL B 169 -8.16 -4.40 16.63
N ASP B 170 -8.58 -3.77 15.54
CA ASP B 170 -8.84 -4.49 14.29
C ASP B 170 -7.63 -5.35 13.93
N PRO B 171 -7.79 -6.66 13.73
CA PRO B 171 -6.61 -7.46 13.34
C PRO B 171 -5.99 -7.01 12.02
N LYS B 172 -6.79 -6.44 11.10
CA LYS B 172 -6.22 -5.94 9.85
C LYS B 172 -5.34 -4.72 10.07
N TRP B 173 -5.63 -3.92 11.09
CA TRP B 173 -4.76 -2.79 11.37
C TRP B 173 -3.47 -3.24 12.05
N LEU B 174 -3.57 -4.14 13.04
CA LEU B 174 -2.36 -4.74 13.61
C LEU B 174 -1.51 -5.38 12.52
N GLN B 175 -2.15 -6.02 11.53
CA GLN B 175 -1.37 -6.62 10.45
C GLN B 175 -0.69 -5.56 9.57
N ARG B 176 -1.40 -4.47 9.27
CA ARG B 176 -0.82 -3.39 8.48
C ARG B 176 0.42 -2.80 9.17
N VAL B 177 0.31 -2.53 10.47
CA VAL B 177 1.45 -2.00 11.22
C VAL B 177 2.60 -2.99 11.20
N SER B 178 2.30 -4.27 11.43
CA SER B 178 3.33 -5.30 11.37
C SER B 178 4.04 -5.33 10.02
N ASP B 179 3.28 -5.31 8.92
CA ASP B 179 3.91 -5.35 7.58
C ASP B 179 4.76 -4.13 7.29
N VAL B 180 4.34 -2.94 7.75
CA VAL B 180 5.14 -1.75 7.47
C VAL B 180 6.47 -1.79 8.24
N ILE B 181 6.44 -2.26 9.49
CA ILE B 181 7.68 -2.47 10.24
C ILE B 181 8.63 -3.41 9.47
N ASP B 182 8.08 -4.49 8.92
CA ASP B 182 8.89 -5.42 8.12
C ASP B 182 9.48 -4.73 6.89
N MET B 183 8.70 -3.87 6.23
CA MET B 183 9.22 -3.06 5.13
C MET B 183 10.47 -2.30 5.55
N ILE B 184 10.45 -1.74 6.76
CA ILE B 184 11.56 -0.95 7.28
C ILE B 184 12.76 -1.84 7.63
N THR B 185 12.53 -2.88 8.45
CA THR B 185 13.66 -3.64 8.97
C THR B 185 14.31 -4.50 7.88
N SER B 186 13.53 -4.96 6.90
CA SER B 186 14.11 -5.77 5.84
C SER B 186 15.05 -4.97 4.95
N ARG B 187 15.01 -3.65 5.02
CA ARG B 187 15.95 -2.80 4.32
C ARG B 187 17.09 -2.34 5.21
N GLY B 188 17.28 -2.96 6.38
CA GLY B 188 18.37 -2.63 7.26
C GLY B 188 18.14 -1.43 8.17
N LEU B 189 16.92 -0.91 8.25
CA LEU B 189 16.65 0.27 9.06
C LEU B 189 16.02 -0.12 10.38
N TYR B 190 16.41 0.59 11.44
CA TYR B 190 15.82 0.46 12.75
C TYR B 190 14.43 1.10 12.75
N THR B 191 13.56 0.63 13.67
CA THR B 191 12.23 1.22 13.83
C THR B 191 11.95 1.58 15.28
N ILE B 192 11.21 2.68 15.48
CA ILE B 192 10.49 2.98 16.71
C ILE B 192 9.01 3.12 16.34
N VAL B 193 8.15 2.35 17.01
CA VAL B 193 6.70 2.45 16.80
C VAL B 193 6.05 2.87 18.11
N ASN B 194 4.97 3.65 18.03
CA ASN B 194 4.41 4.27 19.24
C ASN B 194 2.89 4.20 19.23
N VAL B 195 2.31 4.88 20.21
CA VAL B 195 0.91 5.29 20.22
C VAL B 195 0.89 6.80 20.01
N HIS B 196 0.20 7.28 18.98
CA HIS B 196 0.39 8.67 18.56
C HIS B 196 -0.78 9.58 18.94
N HIS B 197 -1.70 9.88 18.00
CA HIS B 197 -2.68 10.91 18.29
C HIS B 197 -3.74 10.47 19.28
N ASP B 198 -3.77 9.19 19.63
CA ASP B 198 -4.48 8.71 20.81
C ASP B 198 -4.23 9.61 22.01
N SER B 199 -3.00 10.14 22.11
CA SER B 199 -2.57 10.99 23.21
C SER B 199 -3.57 12.09 23.54
N TRP B 200 -4.11 12.78 22.53
CA TRP B 200 -5.11 13.79 22.78
C TRP B 200 -6.52 13.38 22.37
N GLU B 201 -6.67 12.40 21.46
CA GLU B 201 -8.02 12.01 21.04
C GLU B 201 -8.78 11.28 22.14
N TRP B 202 -8.12 10.46 22.96
CA TRP B 202 -8.82 9.83 24.07
C TRP B 202 -8.01 9.70 25.35
N ALA B 203 -6.69 9.85 25.33
CA ALA B 203 -5.86 9.56 26.50
C ALA B 203 -5.37 10.82 27.20
N ASP B 204 -6.04 11.97 26.98
CA ASP B 204 -5.67 13.27 27.53
C ASP B 204 -6.09 13.33 28.99
N VAL B 205 -5.12 13.21 29.91
CA VAL B 205 -5.47 13.23 31.33
C VAL B 205 -5.76 14.64 31.83
N THR B 206 -5.40 15.68 31.08
CA THR B 206 -5.62 17.04 31.55
C THR B 206 -7.06 17.52 31.39
N LYS B 207 -7.91 16.77 30.70
CA LYS B 207 -9.25 17.28 30.44
C LYS B 207 -10.15 17.16 31.66
N SER B 208 -11.09 18.09 31.76
CA SER B 208 -11.98 18.18 32.91
C SER B 208 -12.70 16.87 33.17
N ASP B 209 -13.30 16.28 32.13
CA ASP B 209 -14.17 15.13 32.27
C ASP B 209 -13.42 13.81 32.12
N ALA B 210 -12.10 13.83 31.99
CA ALA B 210 -11.37 12.62 31.67
C ALA B 210 -11.64 11.54 32.71
N ASN B 211 -11.91 10.33 32.22
CA ASN B 211 -12.12 9.17 33.08
C ASN B 211 -10.79 8.43 33.12
N ILE B 212 -10.01 8.69 34.18
CA ILE B 212 -8.63 8.20 34.26
C ILE B 212 -8.60 6.68 34.30
N THR B 213 -9.54 6.09 35.03
CA THR B 213 -9.62 4.63 35.07
C THR B 213 -9.80 4.05 33.67
N GLN B 214 -10.72 4.61 32.89
CA GLN B 214 -10.92 4.10 31.53
C GLN B 214 -9.69 4.32 30.66
N ILE B 215 -9.05 5.48 30.79
CA ILE B 215 -7.86 5.75 29.97
C ILE B 215 -6.77 4.73 30.27
N GLU B 216 -6.50 4.49 31.57
CA GLU B 216 -5.53 3.48 31.97
C GLU B 216 -5.92 2.08 31.45
N GLN B 217 -7.19 1.73 31.58
CA GLN B 217 -7.62 0.39 31.15
C GLN B 217 -7.48 0.22 29.65
N LYS B 218 -7.89 1.24 28.88
CA LYS B 218 -7.79 1.17 27.42
C LYS B 218 -6.34 1.19 26.95
N PHE B 219 -5.51 2.07 27.53
CA PHE B 219 -4.07 2.09 27.22
C PHE B 219 -3.43 0.74 27.46
N GLU B 220 -3.75 0.09 28.60
CA GLU B 220 -3.15 -1.20 28.90
C GLU B 220 -3.60 -2.28 27.90
N LYS B 221 -4.89 -2.29 27.57
CA LYS B 221 -5.37 -3.24 26.56
C LYS B 221 -4.68 -3.00 25.22
N LEU B 222 -4.57 -1.72 24.81
CA LEU B 222 -3.95 -1.39 23.54
C LEU B 222 -2.51 -1.87 23.48
N TRP B 223 -1.70 -1.54 24.50
CA TRP B 223 -0.29 -1.93 24.46
C TRP B 223 -0.13 -3.44 24.60
N TYR B 224 -1.05 -4.10 25.30
CA TYR B 224 -0.98 -5.56 25.32
C TYR B 224 -1.13 -6.14 23.92
N GLN B 225 -2.07 -5.59 23.15
CA GLN B 225 -2.34 -6.12 21.81
C GLN B 225 -1.22 -5.78 20.84
N ILE B 226 -0.73 -4.52 20.86
CA ILE B 226 0.44 -4.18 20.06
C ILE B 226 1.61 -5.06 20.46
N GLY B 227 1.91 -5.12 21.76
CA GLY B 227 3.02 -5.94 22.22
C GLY B 227 2.90 -7.40 21.81
N THR B 228 1.67 -7.93 21.81
CA THR B 228 1.48 -9.29 21.33
C THR B 228 1.77 -9.40 19.84
N LYS B 229 1.15 -8.55 19.02
CA LYS B 229 1.36 -8.61 17.58
C LYS B 229 2.84 -8.49 17.21
N LEU B 230 3.57 -7.63 17.92
CA LEU B 230 4.96 -7.33 17.58
C LEU B 230 5.97 -8.01 18.51
N ALA B 231 5.54 -9.03 19.25
CA ALA B 231 6.39 -9.65 20.27
C ALA B 231 7.64 -10.28 19.68
N CYS B 232 7.60 -10.74 18.42
CA CYS B 232 8.70 -11.48 17.85
C CYS B 232 9.56 -10.67 16.88
N LYS B 233 9.36 -9.36 16.79
CA LYS B 233 10.24 -8.54 15.96
C LYS B 233 11.66 -8.53 16.53
N SER B 234 12.64 -8.36 15.66
CA SER B 234 14.04 -8.33 16.05
C SER B 234 14.32 -7.14 16.98
N SER B 235 15.52 -7.13 17.52
CA SER B 235 15.90 -6.00 18.38
C SER B 235 16.07 -4.70 17.61
N MET B 236 15.90 -4.70 16.27
CA MET B 236 15.87 -3.43 15.57
C MET B 236 14.57 -2.66 15.75
N VAL B 237 13.59 -3.24 16.45
CA VAL B 237 12.27 -2.63 16.63
C VAL B 237 12.13 -2.23 18.11
N ALA B 238 11.93 -0.93 18.35
CA ALA B 238 11.69 -0.42 19.67
C ALA B 238 10.26 0.09 19.81
N PHE B 239 9.75 0.09 21.03
CA PHE B 239 8.44 0.64 21.36
C PHE B 239 8.61 1.95 22.11
N GLU B 240 7.68 2.87 21.88
CA GLU B 240 7.69 4.19 22.49
C GLU B 240 6.32 4.42 23.11
N THR B 241 6.30 4.78 24.40
CA THR B 241 5.08 4.74 25.23
C THR B 241 3.90 5.45 24.57
N ILE B 242 4.02 6.76 24.35
CA ILE B 242 2.92 7.57 23.83
C ILE B 242 3.48 8.92 23.39
N ASN B 243 2.87 9.50 22.35
CA ASN B 243 3.36 10.74 21.75
C ASN B 243 2.88 11.96 22.53
N GLU B 244 3.82 12.85 22.87
CA GLU B 244 3.56 14.19 23.39
C GLU B 244 2.33 14.25 24.30
N PRO B 245 2.29 13.49 25.39
CA PRO B 245 1.03 13.39 26.17
C PRO B 245 0.76 14.69 26.91
N PRO B 246 -0.43 15.27 26.74
CA PRO B 246 -0.74 16.54 27.38
C PRO B 246 -0.47 16.49 28.89
N CYS B 247 0.11 17.55 29.40
CA CYS B 247 0.62 17.52 30.76
C CYS B 247 0.99 18.93 31.20
N ASN B 248 0.26 19.45 32.19
CA ASN B 248 0.40 20.84 32.58
C ASN B 248 0.91 21.05 34.00
N THR B 249 0.73 20.08 34.89
CA THR B 249 1.05 20.22 36.31
C THR B 249 1.84 19.01 36.77
N ALA B 250 2.46 19.13 37.95
CA ALA B 250 3.17 17.98 38.52
C ALA B 250 2.25 16.80 38.74
N GLU B 251 0.97 17.05 39.04
CA GLU B 251 0.03 15.96 39.22
C GLU B 251 -0.31 15.27 37.89
N ASP B 252 -0.39 16.03 36.77
CA ASP B 252 -0.43 15.39 35.46
C ASP B 252 0.85 14.59 35.21
N GLY B 253 2.00 15.13 35.64
CA GLY B 253 3.27 14.50 35.34
C GLY B 253 3.43 13.14 35.99
N ALA B 254 2.84 12.94 37.16
CA ALA B 254 2.78 11.62 37.76
C ALA B 254 1.87 10.68 36.98
N LYS B 255 0.83 11.21 36.34
CA LYS B 255 0.04 10.36 35.46
C LYS B 255 0.84 9.93 34.23
N ILE B 256 1.76 10.76 33.74
CA ILE B 256 2.55 10.35 32.58
C ILE B 256 3.54 9.25 32.97
N ASN B 257 4.13 9.35 34.16
CA ASN B 257 4.97 8.27 34.63
C ASN B 257 4.19 6.97 34.68
N LYS B 258 2.93 7.06 35.10
CA LYS B 258 2.09 5.87 35.17
C LYS B 258 1.82 5.31 33.78
N PHE B 259 1.72 6.16 32.76
CA PHE B 259 1.63 5.65 31.39
C PHE B 259 2.84 4.77 31.08
N ASN B 260 4.04 5.25 31.43
CA ASN B 260 5.24 4.49 31.18
C ASN B 260 5.17 3.15 31.90
N GLU B 261 4.70 3.14 33.15
CA GLU B 261 4.62 1.91 33.93
C GLU B 261 3.64 0.91 33.32
N ILE B 262 2.42 1.38 33.03
CA ILE B 262 1.39 0.54 32.42
C ILE B 262 1.91 -0.07 31.13
N PHE B 263 2.55 0.76 30.30
CA PHE B 263 3.13 0.33 29.04
C PHE B 263 4.16 -0.78 29.25
N LEU B 264 5.08 -0.60 30.22
CA LEU B 264 6.08 -1.64 30.48
C LEU B 264 5.44 -2.94 30.94
N ARG B 265 4.44 -2.85 31.84
CA ARG B 265 3.79 -4.05 32.33
C ARG B 265 3.02 -4.75 31.21
N ALA B 266 2.45 -3.97 30.28
CA ALA B 266 1.64 -4.57 29.22
C ALA B 266 2.49 -5.39 28.25
N ILE B 267 3.60 -4.82 27.78
CA ILE B 267 4.40 -5.51 26.78
C ILE B 267 5.17 -6.67 27.40
N ASN B 268 5.48 -6.57 28.70
CA ASN B 268 6.14 -7.70 29.35
C ASN B 268 5.18 -8.86 29.54
N ARG B 269 3.92 -8.59 29.89
CA ARG B 269 2.92 -9.66 29.92
C ARG B 269 2.69 -10.23 28.54
N ALA B 270 2.81 -9.40 27.50
CA ALA B 270 2.62 -9.91 26.15
C ALA B 270 3.69 -10.94 25.79
N GLY B 271 4.89 -10.81 26.35
CA GLY B 271 5.89 -11.84 26.16
C GLY B 271 6.70 -11.76 24.87
N GLY B 272 7.00 -12.92 24.28
CA GLY B 272 7.92 -12.96 23.16
C GLY B 272 9.30 -12.45 23.59
N PHE B 273 9.89 -11.59 22.76
CA PHE B 273 11.17 -10.98 23.06
C PHE B 273 11.04 -9.65 23.79
N ASN B 274 9.82 -9.25 24.18
CA ASN B 274 9.64 -7.86 24.62
C ASN B 274 10.38 -7.54 25.90
N ALA B 275 10.71 -8.56 26.71
CA ALA B 275 11.38 -8.28 27.99
C ALA B 275 12.76 -7.67 27.77
N LYS B 276 13.38 -7.95 26.64
CA LYS B 276 14.69 -7.40 26.30
C LYS B 276 14.62 -6.38 25.17
N ARG B 277 13.43 -5.95 24.80
CA ARG B 277 13.26 -4.99 23.73
C ARG B 277 13.54 -3.58 24.23
N VAL B 278 14.20 -2.80 23.38
CA VAL B 278 14.46 -1.40 23.69
C VAL B 278 13.15 -0.63 23.68
N VAL B 279 12.95 0.22 24.68
CA VAL B 279 11.78 1.07 24.74
C VAL B 279 12.23 2.53 24.82
N ASN B 280 11.33 3.43 24.45
CA ASN B 280 11.49 4.87 24.64
C ASN B 280 10.42 5.35 25.62
N LEU B 281 10.83 5.77 26.79
CA LEU B 281 9.88 6.33 27.75
C LEU B 281 9.78 7.85 27.55
N VAL B 282 8.74 8.42 28.10
CA VAL B 282 8.38 9.79 27.72
C VAL B 282 8.02 10.59 28.96
N GLY B 283 8.23 11.91 28.86
CA GLY B 283 7.72 12.88 29.80
C GLY B 283 6.60 13.71 29.18
N GLY B 284 6.06 14.60 30.01
CA GLY B 284 4.89 15.37 29.66
C GLY B 284 5.12 16.26 28.46
N GLY B 285 4.18 16.24 27.52
CA GLY B 285 4.32 16.97 26.27
C GLY B 285 5.51 16.52 25.44
N MET B 286 6.26 15.53 25.91
CA MET B 286 7.58 15.22 25.35
C MET B 286 8.46 16.48 25.36
N ASP B 287 8.21 17.35 26.33
CA ASP B 287 8.91 18.62 26.41
C ASP B 287 10.12 18.50 27.32
N SER B 288 11.24 19.11 26.90
CA SER B 288 12.49 18.96 27.64
C SER B 288 12.36 19.40 29.10
N VAL B 289 11.64 20.49 29.37
CA VAL B 289 11.52 21.00 30.74
C VAL B 289 10.56 20.15 31.58
N LYS B 290 9.38 19.86 31.02
CA LYS B 290 8.42 19.01 31.72
C LYS B 290 9.00 17.64 32.06
N THR B 291 9.80 17.09 31.15
CA THR B 291 10.46 15.81 31.41
C THR B 291 11.45 15.96 32.57
N SER B 292 12.32 16.97 32.51
CA SER B 292 13.27 17.22 33.59
C SER B 292 12.54 17.42 34.93
N GLN B 293 11.41 18.11 34.91
CA GLN B 293 10.73 18.41 36.17
C GLN B 293 10.08 17.17 36.78
N TRP B 294 9.38 16.37 35.97
CA TRP B 294 8.44 15.40 36.53
C TRP B 294 8.72 13.94 36.18
N PHE B 295 9.56 13.65 35.17
CA PHE B 295 9.86 12.26 34.83
C PHE B 295 10.55 11.54 35.99
N LYS B 296 10.13 10.31 36.24
CA LYS B 296 10.79 9.41 37.20
C LYS B 296 10.93 8.04 36.57
N THR B 297 12.13 7.48 36.62
CA THR B 297 12.33 6.13 36.11
C THR B 297 11.34 5.17 36.76
N PRO B 298 10.60 4.37 35.98
CA PRO B 298 9.75 3.33 36.58
C PRO B 298 10.58 2.41 37.47
N ALA B 299 10.08 2.15 38.67
CA ALA B 299 10.83 1.33 39.62
C ALA B 299 11.04 -0.07 39.06
N ASN B 300 12.20 -0.66 39.40
CA ASN B 300 12.60 -2.01 38.95
C ASN B 300 12.47 -2.22 37.44
N ILE B 301 12.66 -1.18 36.63
CA ILE B 301 12.61 -1.38 35.18
C ILE B 301 13.69 -2.38 34.78
N THR B 302 13.36 -3.30 33.87
CA THR B 302 14.35 -4.23 33.36
C THR B 302 14.51 -4.21 31.84
N ASN B 303 13.63 -3.53 31.12
CA ASN B 303 13.84 -3.29 29.70
C ASN B 303 15.02 -2.34 29.47
N PRO B 304 15.84 -2.57 28.46
CA PRO B 304 16.76 -1.51 28.04
C PRO B 304 15.93 -0.31 27.60
N TRP B 305 16.24 0.87 28.16
CA TRP B 305 15.37 2.00 27.94
C TRP B 305 16.15 3.27 27.60
N ALA B 306 15.51 4.10 26.79
CA ALA B 306 16.00 5.42 26.47
C ALA B 306 14.89 6.41 26.75
N LEU B 307 15.25 7.69 26.88
CA LEU B 307 14.30 8.79 26.96
C LEU B 307 14.12 9.42 25.58
N GLN B 308 12.87 9.73 25.21
CA GLN B 308 12.59 10.45 23.98
C GLN B 308 11.94 11.80 24.31
N PHE B 309 12.42 12.86 23.69
CA PHE B 309 11.78 14.17 23.74
C PHE B 309 11.67 14.72 22.33
N HIS B 310 10.88 15.79 22.17
CA HIS B 310 10.75 16.49 20.90
C HIS B 310 11.22 17.93 21.06
N PHE B 311 11.72 18.51 19.98
CA PHE B 311 12.29 19.84 20.04
C PHE B 311 11.80 20.65 18.86
N TYR B 312 10.90 21.60 19.13
CA TYR B 312 10.42 22.52 18.12
C TYR B 312 10.64 23.97 18.54
N SER B 313 11.80 24.26 19.09
CA SER B 313 12.14 25.60 19.55
C SER B 313 13.22 26.21 18.67
N PRO B 314 13.24 27.57 18.53
CA PRO B 314 12.34 28.54 19.15
C PRO B 314 11.01 28.59 18.42
N TYR B 315 9.92 28.70 19.20
CA TYR B 315 8.59 28.73 18.60
C TYR B 315 8.50 29.70 17.41
N ASP B 316 8.97 30.94 17.58
CA ASP B 316 8.66 31.97 16.58
C ASP B 316 9.30 31.67 15.22
N PHE B 317 10.53 31.17 15.21
CA PHE B 317 11.17 30.81 13.94
C PHE B 317 10.58 29.52 13.36
N ILE B 318 10.36 28.50 14.19
CA ILE B 318 9.92 27.22 13.66
C ILE B 318 8.47 27.28 13.19
N PHE B 319 7.64 28.05 13.87
CA PHE B 319 6.22 28.16 13.55
C PHE B 319 5.88 29.41 12.74
N SER B 320 6.87 30.20 12.36
CA SER B 320 6.63 31.44 11.59
C SER B 320 5.61 32.34 12.30
N ALA B 321 5.88 32.61 13.58
CA ALA B 321 5.05 33.52 14.39
C ALA B 321 5.70 34.89 14.46
N TRP B 322 4.85 35.93 14.43
CA TRP B 322 5.25 37.31 14.73
C TRP B 322 6.36 37.83 13.81
N GLY B 323 6.36 37.38 12.55
CA GLY B 323 7.31 37.90 11.57
C GLY B 323 8.74 37.44 11.71
N LYS B 324 9.02 36.42 12.52
CA LYS B 324 10.38 35.94 12.69
C LYS B 324 10.78 35.12 11.46
N THR B 325 11.74 35.62 10.69
CA THR B 325 12.23 34.97 9.47
C THR B 325 13.74 34.86 9.45
N ILE B 326 14.39 34.93 10.62
CA ILE B 326 15.85 34.88 10.71
C ILE B 326 16.19 33.99 11.91
N TRP B 327 17.36 33.38 11.86
CA TRP B 327 17.85 32.55 12.97
C TRP B 327 19.36 32.48 12.87
N GLY B 328 20.03 32.63 14.01
CA GLY B 328 21.47 32.43 14.01
C GLY B 328 22.29 33.39 14.85
N SER B 329 21.62 34.23 15.65
CA SER B 329 22.32 35.11 16.55
C SER B 329 22.94 34.34 17.72
N ASP B 330 23.90 34.98 18.39
CA ASP B 330 24.54 34.37 19.55
C ASP B 330 23.51 33.96 20.58
N SER B 331 22.48 34.78 20.77
CA SER B 331 21.45 34.41 21.75
C SER B 331 20.53 33.31 21.22
N ASP B 332 20.30 33.26 19.90
CA ASP B 332 19.65 32.10 19.30
C ASP B 332 20.41 30.82 19.63
N LYS B 333 21.72 30.83 19.38
CA LYS B 333 22.53 29.65 19.62
C LYS B 333 22.60 29.32 21.11
N SER B 334 22.76 30.35 21.96
CA SER B 334 22.85 30.10 23.39
C SER B 334 21.54 29.51 23.92
N GLU B 335 20.40 29.93 23.36
CA GLU B 335 19.11 29.45 23.87
C GLU B 335 18.84 28.01 23.45
N LEU B 336 19.20 27.64 22.22
CA LEU B 336 19.09 26.25 21.80
C LEU B 336 20.03 25.36 22.62
N ASP B 337 21.29 25.78 22.75
CA ASP B 337 22.25 24.95 23.48
C ASP B 337 21.82 24.76 24.92
N SER B 338 21.29 25.82 25.56
CA SER B 338 20.84 25.72 26.94
C SER B 338 19.69 24.72 27.08
N THR B 339 18.73 24.74 26.16
CA THR B 339 17.57 23.86 26.29
C THR B 339 17.99 22.39 26.27
N LEU B 340 18.79 22.01 25.27
CA LEU B 340 19.31 20.65 25.22
C LEU B 340 20.21 20.37 26.42
N GLY B 341 21.06 21.32 26.78
CA GLY B 341 22.05 21.09 27.82
C GLY B 341 21.42 20.86 29.19
N LEU B 342 20.38 21.61 29.51
CA LEU B 342 19.68 21.38 30.78
C LEU B 342 18.93 20.04 30.79
N LEU B 343 18.53 19.52 29.62
CA LEU B 343 17.96 18.18 29.57
C LEU B 343 19.00 17.11 29.86
N ARG B 344 20.11 17.13 29.09
CA ARG B 344 21.21 16.21 29.36
C ARG B 344 21.67 16.35 30.81
N GLY B 345 21.71 17.59 31.33
CA GLY B 345 22.13 17.83 32.71
C GLY B 345 21.28 17.13 33.76
N ASN B 346 20.03 16.83 33.43
CA ASN B 346 19.13 16.12 34.34
C ASN B 346 19.12 14.61 34.14
N PHE B 347 19.75 14.10 33.07
CA PHE B 347 19.72 12.67 32.75
C PHE B 347 21.12 12.26 32.30
N THR B 348 22.06 12.35 33.23
CA THR B 348 23.47 12.33 32.87
C THR B 348 23.86 11.01 32.23
N ASP B 349 23.28 9.89 32.66
CA ASP B 349 23.71 8.61 32.12
C ASP B 349 22.61 7.91 31.32
N VAL B 350 21.64 8.66 30.80
CA VAL B 350 20.48 8.08 30.13
C VAL B 350 20.63 8.26 28.63
N PRO B 351 20.42 7.22 27.82
CA PRO B 351 20.35 7.43 26.37
C PRO B 351 19.14 8.28 26.00
N ILE B 352 19.33 9.20 25.06
CA ILE B 352 18.28 10.15 24.72
C ILE B 352 18.05 10.17 23.21
N VAL B 353 16.79 10.08 22.82
CA VAL B 353 16.38 10.15 21.42
C VAL B 353 15.64 11.47 21.25
N LEU B 354 16.10 12.29 20.31
CA LEU B 354 15.36 13.48 19.90
C LEU B 354 14.42 13.03 18.78
N GLY B 355 13.17 12.73 19.14
CA GLY B 355 12.30 11.96 18.26
C GLY B 355 11.61 12.74 17.16
N GLU B 356 11.53 14.07 17.31
CA GLU B 356 10.99 14.98 16.29
C GLU B 356 11.70 16.33 16.38
N PHE B 357 12.06 16.87 15.22
CA PHE B 357 12.46 18.26 15.05
C PHE B 357 12.25 18.58 13.58
N ASP B 358 12.09 19.87 13.27
CA ASP B 358 12.02 20.27 11.86
C ASP B 358 11.87 21.77 11.75
N ALA B 359 12.85 22.41 11.12
CA ALA B 359 12.64 23.72 10.51
C ALA B 359 12.18 23.42 9.07
N SER B 360 10.88 23.45 8.84
CA SER B 360 10.34 22.94 7.58
C SER B 360 10.70 23.85 6.41
N PRO B 361 11.09 23.27 5.28
CA PRO B 361 11.31 24.10 4.07
C PRO B 361 10.06 24.81 3.58
N THR B 362 8.88 24.33 3.99
CA THR B 362 7.65 24.94 3.52
C THR B 362 7.52 26.40 3.99
N ASN B 363 7.90 26.69 5.24
CA ASN B 363 7.72 28.02 5.78
C ASN B 363 8.98 28.74 6.24
N THR B 364 10.10 28.04 6.47
CA THR B 364 11.33 28.71 6.95
C THR B 364 12.21 29.19 5.80
N GLU B 365 12.93 30.29 6.05
CA GLU B 365 13.94 30.80 5.12
C GLU B 365 15.15 29.88 5.12
N PRO B 366 15.68 29.50 3.95
CA PRO B 366 16.70 28.41 3.92
C PRO B 366 17.99 28.71 4.66
N ALA B 367 18.59 29.89 4.52
CA ALA B 367 19.85 30.16 5.21
C ALA B 367 19.68 30.04 6.72
N ALA B 368 18.59 30.62 7.25
CA ALA B 368 18.29 30.45 8.66
C ALA B 368 18.02 28.99 9.00
N ARG B 369 17.29 28.29 8.10
CA ARG B 369 16.96 26.88 8.32
C ARG B 369 18.22 26.03 8.38
N TRP B 370 19.20 26.32 7.51
CA TRP B 370 20.41 25.51 7.48
C TRP B 370 21.32 25.83 8.66
N LYS B 371 21.40 27.10 9.05
CA LYS B 371 22.11 27.43 10.29
C LYS B 371 21.49 26.71 11.48
N TYR B 372 20.15 26.66 11.52
CA TYR B 372 19.46 26.03 12.64
C TYR B 372 19.73 24.53 12.68
N HIS B 373 19.56 23.86 11.55
CA HIS B 373 19.78 22.42 11.51
C HIS B 373 21.23 22.09 11.80
N ASP B 374 22.17 22.87 11.24
CA ASP B 374 23.58 22.63 11.52
C ASP B 374 23.86 22.77 13.00
N TYR B 375 23.34 23.82 13.63
CA TYR B 375 23.63 24.06 15.04
C TYR B 375 22.89 23.06 15.94
N LEU B 376 21.66 22.69 15.57
CA LEU B 376 20.96 21.63 16.28
C LEU B 376 21.73 20.31 16.24
N ILE B 377 22.23 19.93 15.06
CA ILE B 377 23.00 18.69 14.97
C ILE B 377 24.29 18.80 15.79
N ARG B 378 24.95 19.96 15.73
CA ARG B 378 26.12 20.20 16.58
C ARG B 378 25.79 19.97 18.05
N SER B 379 24.60 20.42 18.46
CA SER B 379 24.21 20.33 19.86
C SER B 379 23.85 18.89 20.25
N THR B 380 23.19 18.14 19.35
CA THR B 380 22.95 16.73 19.61
C THR B 380 24.25 15.94 19.69
N LYS B 381 25.27 16.33 18.93
CA LYS B 381 26.56 15.67 19.07
C LYS B 381 27.19 15.99 20.41
N LYS B 382 27.17 17.27 20.81
CA LYS B 382 27.72 17.69 22.09
C LYS B 382 27.08 16.95 23.26
N TYR B 383 25.76 16.75 23.22
CA TYR B 383 25.03 16.18 24.34
C TYR B 383 24.61 14.72 24.09
N ASN B 384 25.20 14.06 23.08
CA ASN B 384 24.99 12.62 22.84
C ASN B 384 23.52 12.24 22.72
N MET B 385 22.82 12.99 21.88
CA MET B 385 21.42 12.79 21.52
C MET B 385 21.36 12.28 20.08
N SER B 386 20.44 11.35 19.80
CA SER B 386 20.23 10.88 18.41
C SER B 386 19.02 11.55 17.81
N PRO B 387 19.17 12.35 16.74
CA PRO B 387 18.05 13.09 16.16
C PRO B 387 17.27 12.32 15.11
N ILE B 388 15.96 12.59 15.07
CA ILE B 388 15.03 12.02 14.10
C ILE B 388 14.20 13.19 13.56
N ILE B 389 14.32 13.46 12.26
CA ILE B 389 13.65 14.62 11.66
C ILE B 389 12.18 14.31 11.47
N TRP B 390 11.32 15.30 11.69
CA TRP B 390 9.92 15.11 11.35
C TRP B 390 9.68 15.55 9.89
N ASP B 391 8.86 14.77 9.20
CA ASP B 391 8.54 15.04 7.79
C ASP B 391 7.11 14.56 7.59
N ASN B 392 6.22 15.46 7.20
CA ASN B 392 4.81 15.10 7.03
C ASN B 392 4.47 14.62 5.61
N GLY B 393 5.47 14.42 4.74
CA GLY B 393 5.25 14.09 3.36
C GLY B 393 5.40 15.27 2.41
N LEU B 394 5.07 16.46 2.88
CA LEU B 394 5.31 17.69 2.12
C LEU B 394 6.54 18.44 2.58
N ASP B 395 7.14 18.06 3.72
CA ASP B 395 8.27 18.83 4.23
C ASP B 395 9.56 18.48 3.48
N HIS B 396 9.90 17.19 3.41
CA HIS B 396 11.20 16.80 2.89
C HIS B 396 11.11 15.81 1.72
N LEU B 397 10.99 14.51 2.00
CA LEU B 397 10.99 13.55 0.90
C LEU B 397 9.67 13.59 0.13
N ASP B 398 9.76 13.66 -1.20
CA ASP B 398 8.61 13.43 -2.08
C ASP B 398 8.59 11.92 -2.38
N ARG B 399 7.68 11.22 -1.69
CA ARG B 399 7.63 9.75 -1.80
C ARG B 399 7.31 9.27 -3.22
N SER B 400 6.69 10.11 -4.05
CA SER B 400 6.31 9.66 -5.37
C SER B 400 7.46 9.67 -6.37
N SER B 401 8.51 10.46 -6.10
CA SER B 401 9.64 10.58 -7.01
C SER B 401 11.00 10.27 -6.39
N GLY B 402 11.13 10.30 -5.07
CA GLY B 402 12.43 10.12 -4.45
C GLY B 402 13.24 11.39 -4.30
N ILE B 403 12.69 12.53 -4.68
CA ILE B 403 13.43 13.77 -4.56
C ILE B 403 13.27 14.30 -3.16
N TRP B 404 14.37 14.73 -2.54
CA TRP B 404 14.31 15.43 -1.28
C TRP B 404 14.18 16.91 -1.58
N ARG B 405 13.11 17.53 -1.09
CA ARG B 405 12.85 18.92 -1.42
C ARG B 405 13.96 19.84 -0.96
N ASP B 406 14.66 19.49 0.13
CA ASP B 406 15.76 20.27 0.68
C ASP B 406 16.94 19.33 0.87
N PRO B 407 17.77 19.16 -0.16
CA PRO B 407 18.89 18.21 -0.03
C PRO B 407 19.94 18.69 0.96
N VAL B 408 20.03 20.01 1.18
CA VAL B 408 21.07 20.55 2.07
C VAL B 408 20.83 20.12 3.51
N SER B 409 19.59 20.25 4.00
CA SER B 409 19.29 19.83 5.36
C SER B 409 19.57 18.35 5.55
N ILE B 410 19.23 17.54 4.56
CA ILE B 410 19.40 16.09 4.71
C ILE B 410 20.87 15.72 4.82
N GLU B 411 21.73 16.36 4.01
CA GLU B 411 23.17 16.14 4.11
C GLU B 411 23.69 16.53 5.49
N ILE B 412 23.27 17.71 5.96
CA ILE B 412 23.66 18.19 7.29
C ILE B 412 23.33 17.15 8.36
N ILE B 413 22.14 16.56 8.25
CA ILE B 413 21.65 15.64 9.29
C ILE B 413 22.26 14.24 9.15
N THR B 414 22.56 13.80 7.94
CA THR B 414 23.07 12.45 7.74
C THR B 414 24.58 12.39 7.67
N ASN B 415 25.26 13.54 7.77
CA ASN B 415 26.70 13.58 7.95
C ASN B 415 27.02 14.59 9.07
N GLY B 416 26.60 14.26 10.29
CA GLY B 416 26.95 15.03 11.46
C GLY B 416 28.42 15.02 11.83
N ASN B 417 29.22 14.20 11.15
CA ASN B 417 30.65 14.14 11.43
C ASN B 417 31.46 15.17 10.65
N GLU B 418 30.91 15.79 9.61
CA GLU B 418 31.67 16.74 8.81
C GLU B 418 31.25 18.16 9.15
N THR B 419 32.18 19.09 8.92
CA THR B 419 31.94 20.51 9.13
C THR B 419 31.34 21.12 7.87
N ASN B 420 30.26 21.87 8.03
CA ASN B 420 29.50 22.42 6.92
C ASN B 420 29.82 23.91 6.75
N SER B 421 30.12 24.30 5.50
CA SER B 421 30.16 25.71 5.12
C SER B 421 28.76 26.17 4.77
N LEU B 422 28.35 27.31 5.31
CA LEU B 422 26.96 27.73 5.24
C LEU B 422 26.82 29.15 4.72
N PRO B 423 25.76 29.43 3.97
CA PRO B 423 25.47 30.82 3.58
C PRO B 423 25.14 31.66 4.81
N ASP B 424 25.74 32.84 4.88
CA ASP B 424 25.43 33.73 5.99
C ASP B 424 24.08 34.41 5.74
N SER B 425 23.60 35.15 6.76
CA SER B 425 22.29 35.79 6.69
C SER B 425 22.16 36.76 7.86
N THR B 426 21.24 37.71 7.71
CA THR B 426 20.92 38.62 8.80
C THR B 426 20.40 37.84 10.01
N VAL B 427 20.92 38.15 11.19
CA VAL B 427 20.49 37.52 12.44
C VAL B 427 20.13 38.54 13.51
N ASP B 428 20.29 39.82 13.23
CA ASP B 428 19.99 40.91 14.17
C ASP B 428 18.54 41.36 13.98
N THR B 429 17.71 41.16 15.01
CA THR B 429 16.28 41.48 14.92
C THR B 429 16.00 42.98 14.87
N SER B 430 17.00 43.82 15.09
CA SER B 430 16.82 45.26 15.01
C SER B 430 17.22 45.80 13.65
N ALA B 431 17.70 44.94 12.74
CA ALA B 431 18.17 45.42 11.45
C ALA B 431 16.99 45.83 10.57
N PRO B 432 17.04 46.99 9.92
CA PRO B 432 15.93 47.41 9.05
C PRO B 432 15.92 46.78 7.67
N SER B 433 16.83 45.86 7.35
CA SER B 433 16.83 45.13 6.09
C SER B 433 17.36 43.73 6.37
N GLN B 434 16.84 42.73 5.68
CA GLN B 434 17.25 41.34 5.90
C GLN B 434 17.88 40.77 4.64
N SER B 435 19.02 40.10 4.79
CA SER B 435 19.75 39.51 3.69
C SER B 435 19.92 38.01 3.90
N SER B 436 20.04 37.26 2.81
CA SER B 436 20.31 35.82 2.89
C SER B 436 21.18 35.38 1.73
N SER B 437 22.29 34.71 2.04
CA SER B 437 23.19 34.19 1.02
C SER B 437 22.69 32.87 0.43
N ALA B 438 21.49 32.41 0.81
CA ALA B 438 20.85 31.32 0.10
C ALA B 438 20.13 31.80 -1.15
N TYR B 439 20.12 33.10 -1.42
CA TYR B 439 19.47 33.64 -2.61
C TYR B 439 20.38 34.60 -3.34
N ILE B 440 20.19 34.69 -4.65
CA ILE B 440 20.54 35.88 -5.44
C ILE B 440 19.23 36.49 -5.89
N TYR B 441 18.89 37.65 -5.34
CA TYR B 441 17.66 38.34 -5.65
C TYR B 441 17.91 39.44 -6.68
N HIS B 442 16.96 39.62 -7.60
CA HIS B 442 17.01 40.74 -8.53
C HIS B 442 15.59 41.22 -8.82
N LYS B 443 15.38 42.52 -8.66
CA LYS B 443 14.07 43.12 -8.89
C LYS B 443 13.90 43.50 -10.36
N VAL B 444 12.74 43.11 -10.93
CA VAL B 444 12.37 43.54 -12.27
C VAL B 444 12.48 45.06 -12.38
N GLY B 445 13.00 45.52 -13.52
CA GLY B 445 13.11 46.94 -13.73
C GLY B 445 14.33 47.60 -13.13
N THR B 446 15.26 46.84 -12.58
CA THR B 446 16.52 47.39 -12.10
C THR B 446 17.65 46.75 -12.88
N GLU B 447 18.79 47.46 -12.91
CA GLU B 447 19.92 46.96 -13.66
C GLU B 447 20.50 45.71 -12.98
N VAL B 448 21.19 44.89 -13.77
CA VAL B 448 21.86 43.71 -13.26
C VAL B 448 23.20 44.15 -12.69
N THR B 449 23.45 43.83 -11.42
CA THR B 449 24.63 44.28 -10.69
C THR B 449 25.40 43.08 -10.16
N ASP B 450 26.68 43.29 -9.84
CA ASP B 450 27.46 42.29 -9.09
C ASP B 450 26.71 41.94 -7.81
N GLN B 451 26.78 40.66 -7.41
CA GLN B 451 26.18 40.23 -6.15
C GLN B 451 27.23 39.52 -5.31
N THR B 452 27.43 40.02 -4.09
CA THR B 452 28.43 39.47 -3.17
C THR B 452 27.71 38.75 -2.04
N LEU B 453 27.94 37.45 -1.91
CA LEU B 453 27.27 36.64 -0.91
C LEU B 453 28.27 36.25 0.18
N PRO B 454 28.11 36.73 1.40
CA PRO B 454 28.99 36.29 2.49
C PRO B 454 28.64 34.88 2.94
N PHE B 455 29.67 34.08 3.18
CA PHE B 455 29.49 32.70 3.62
C PHE B 455 30.26 32.46 4.90
N ILE B 456 29.88 31.41 5.61
CA ILE B 456 30.60 30.94 6.78
C ILE B 456 31.35 29.70 6.33
N PHE B 457 32.64 29.86 6.01
CA PHE B 457 33.42 28.77 5.44
C PHE B 457 33.76 27.70 6.47
N ASN B 458 34.00 28.10 7.72
CA ASN B 458 34.31 27.13 8.80
C ASN B 458 35.50 26.25 8.43
N ASP B 459 36.51 26.86 7.81
CA ASP B 459 37.78 26.27 7.41
C ASP B 459 37.70 25.29 6.24
N ASN B 460 36.55 25.15 5.59
CA ASN B 460 36.57 24.47 4.31
C ASN B 460 36.92 25.49 3.22
N THR B 461 37.31 24.98 2.06
CA THR B 461 37.53 25.81 0.90
C THR B 461 36.47 25.48 -0.14
N LEU B 462 36.15 26.46 -0.99
CA LEU B 462 35.21 26.22 -2.07
C LEU B 462 35.90 25.45 -3.19
N VAL B 463 35.30 24.34 -3.62
CA VAL B 463 35.88 23.53 -4.68
C VAL B 463 35.26 23.90 -6.02
N SER B 464 33.93 23.81 -6.14
CA SER B 464 33.31 24.10 -7.43
C SER B 464 31.86 24.48 -7.22
N ILE B 465 31.25 25.01 -8.27
CA ILE B 465 29.85 25.42 -8.25
C ILE B 465 29.22 24.93 -9.55
N GLN B 466 28.05 24.30 -9.45
CA GLN B 466 27.33 23.77 -10.61
C GLN B 466 25.90 24.27 -10.57
N ASP B 467 25.39 24.75 -11.72
CA ASP B 467 24.01 25.21 -11.69
C ASP B 467 23.06 24.05 -11.93
N SER B 468 21.77 24.31 -11.81
CA SER B 468 20.78 23.23 -11.86
C SER B 468 20.52 22.75 -13.26
N LYS B 469 21.14 23.38 -14.27
CA LYS B 469 21.05 22.91 -15.64
C LYS B 469 22.24 22.04 -16.02
N GLY B 470 23.13 21.75 -15.06
CA GLY B 470 24.26 20.88 -15.30
C GLY B 470 25.58 21.60 -15.53
N THR B 471 25.57 22.92 -15.68
CA THR B 471 26.77 23.67 -16.02
C THR B 471 27.64 23.88 -14.77
N THR B 472 28.89 23.46 -14.84
CA THR B 472 29.87 23.82 -13.83
C THR B 472 30.38 25.22 -14.13
N LEU B 473 30.32 26.10 -13.13
CA LEU B 473 30.70 27.50 -13.34
C LEU B 473 32.22 27.63 -13.39
N LYS B 474 32.70 28.66 -14.10
CA LYS B 474 34.14 28.85 -14.31
C LYS B 474 34.70 29.69 -13.17
N ALA B 475 35.51 29.08 -12.32
CA ALA B 475 36.12 29.80 -11.22
C ALA B 475 36.96 30.96 -11.72
N ASP B 476 36.85 32.09 -11.02
CA ASP B 476 37.53 33.36 -11.27
C ASP B 476 37.10 34.02 -12.57
N THR B 477 36.11 33.44 -13.29
CA THR B 477 35.40 34.13 -14.36
C THR B 477 33.94 34.32 -14.00
N ASP B 478 33.22 33.24 -13.67
CA ASP B 478 31.82 33.32 -13.27
C ASP B 478 31.65 33.65 -11.79
N TYR B 479 32.70 33.50 -10.98
CA TYR B 479 32.65 33.87 -9.57
C TYR B 479 34.08 34.03 -9.06
N THR B 480 34.21 34.80 -7.99
CA THR B 480 35.49 35.04 -7.33
C THR B 480 35.29 34.92 -5.83
N VAL B 481 36.30 34.39 -5.13
CA VAL B 481 36.27 34.28 -3.67
C VAL B 481 37.22 35.33 -3.10
N SER B 482 36.78 36.01 -2.05
CA SER B 482 37.57 37.05 -1.40
C SER B 482 37.24 37.00 0.08
N GLY B 483 38.12 36.39 0.87
CA GLY B 483 37.79 36.18 2.28
C GLY B 483 36.68 35.16 2.35
N SER B 484 35.60 35.48 3.05
CA SER B 484 34.42 34.64 3.02
C SER B 484 33.31 35.22 2.13
N ASN B 485 33.66 36.15 1.24
CA ASN B 485 32.73 36.64 0.23
C ASN B 485 32.84 35.78 -1.03
N ILE B 486 31.70 35.37 -1.58
CA ILE B 486 31.64 34.82 -2.94
C ILE B 486 30.88 35.82 -3.81
N THR B 487 31.53 36.30 -4.87
CA THR B 487 30.98 37.36 -5.72
C THR B 487 30.68 36.80 -7.11
N PHE B 488 29.47 37.08 -7.59
CA PHE B 488 29.02 36.73 -8.94
C PHE B 488 28.90 38.01 -9.75
N PRO B 489 29.65 38.20 -10.84
CA PRO B 489 29.65 39.49 -11.52
C PRO B 489 28.45 39.69 -12.46
N ALA B 490 28.12 40.96 -12.66
CA ALA B 490 26.97 41.34 -13.47
C ALA B 490 26.93 40.62 -14.81
N SER B 491 28.05 40.60 -15.54
CA SER B 491 28.06 39.99 -16.86
C SER B 491 27.67 38.51 -16.80
N PHE B 492 28.15 37.80 -15.78
CA PHE B 492 27.75 36.41 -15.61
C PHE B 492 26.27 36.30 -15.26
N LEU B 493 25.83 37.10 -14.29
CA LEU B 493 24.43 37.01 -13.83
C LEU B 493 23.46 37.45 -14.92
N SER B 494 23.90 38.31 -15.84
CA SER B 494 22.98 38.73 -16.89
C SER B 494 22.68 37.61 -17.88
N THR B 495 23.40 36.48 -17.81
CA THR B 495 23.00 35.35 -18.66
C THR B 495 21.83 34.58 -18.08
N TYR B 496 21.47 34.85 -16.82
CA TYR B 496 20.33 34.19 -16.20
C TYR B 496 19.09 35.07 -16.11
N TYR B 497 19.25 36.39 -16.01
CA TYR B 497 18.12 37.30 -15.93
C TYR B 497 18.55 38.66 -16.46
N SER B 498 17.59 39.57 -16.59
CA SER B 498 17.80 40.89 -17.16
C SER B 498 16.91 41.89 -16.42
N GLU B 499 16.86 43.14 -16.91
CA GLU B 499 15.96 44.10 -16.27
C GLU B 499 14.49 43.82 -16.56
N THR B 500 14.17 43.10 -17.64
CA THR B 500 12.78 42.92 -18.05
C THR B 500 12.25 41.49 -17.93
N SER B 501 13.10 40.50 -17.66
CA SER B 501 12.66 39.11 -17.72
C SER B 501 11.62 38.81 -16.63
N GLU B 502 10.86 37.74 -16.83
CA GLU B 502 9.70 37.50 -16.00
C GLU B 502 10.14 37.12 -14.58
N PRO B 503 9.41 37.56 -13.56
CA PRO B 503 9.77 37.18 -12.18
C PRO B 503 9.36 35.75 -11.87
N GLY B 504 10.14 35.14 -10.99
CA GLY B 504 9.94 33.75 -10.64
C GLY B 504 11.27 33.15 -10.24
N LEU B 505 11.25 31.83 -10.05
CA LEU B 505 12.45 31.08 -9.68
C LEU B 505 13.25 30.72 -10.91
N LEU B 506 14.52 31.08 -10.90
CA LEU B 506 15.43 30.79 -11.99
C LEU B 506 16.25 29.56 -11.63
N PRO B 507 17.32 29.20 -12.36
CA PRO B 507 18.19 28.12 -11.89
C PRO B 507 18.78 28.43 -10.52
N ASN B 508 19.31 27.41 -9.86
CA ASN B 508 20.08 27.62 -8.63
C ASN B 508 21.48 27.05 -8.82
N PHE B 509 22.38 27.42 -7.91
CA PHE B 509 23.77 26.99 -7.90
C PHE B 509 24.00 26.08 -6.70
N THR B 510 24.67 24.95 -6.91
CA THR B 510 25.06 24.06 -5.81
C THR B 510 26.55 24.21 -5.55
N LEU B 511 26.91 24.59 -4.32
CA LEU B 511 28.29 24.92 -3.98
C LEU B 511 28.96 23.73 -3.32
N LYS B 512 29.99 23.17 -3.96
CA LYS B 512 30.72 22.03 -3.41
C LYS B 512 31.94 22.54 -2.65
N PHE B 513 32.00 22.23 -1.35
CA PHE B 513 33.11 22.60 -0.49
C PHE B 513 34.00 21.38 -0.24
N SER B 514 35.18 21.62 0.33
CA SER B 514 36.12 20.52 0.54
C SER B 514 35.62 19.53 1.58
N SER B 515 34.64 19.92 2.38
CA SER B 515 34.02 19.03 3.34
C SER B 515 32.60 19.54 3.58
N GLY B 516 31.75 18.65 4.09
CA GLY B 516 30.42 19.04 4.52
C GLY B 516 29.40 19.13 3.38
N ALA B 517 28.22 19.60 3.77
CA ALA B 517 27.09 19.66 2.87
C ALA B 517 27.31 20.71 1.78
N SER B 518 26.54 20.59 0.71
CA SER B 518 26.66 21.45 -0.45
C SER B 518 25.50 22.43 -0.48
N PRO B 519 25.66 23.68 -0.01
CA PRO B 519 24.52 24.59 0.02
C PRO B 519 24.06 25.00 -1.37
N VAL B 520 22.82 25.48 -1.44
CA VAL B 520 22.20 25.83 -2.71
C VAL B 520 21.84 27.32 -2.68
N VAL B 521 22.32 28.07 -3.67
CA VAL B 521 21.98 29.48 -3.82
C VAL B 521 20.93 29.58 -4.92
N GLN B 522 19.76 30.13 -4.59
CA GLN B 522 18.61 30.14 -5.49
C GLN B 522 18.43 31.51 -6.12
N LEU B 523 18.41 31.55 -7.45
CA LEU B 523 18.20 32.80 -8.15
C LEU B 523 16.71 33.07 -8.27
N VAL B 524 16.33 34.32 -8.00
CA VAL B 524 14.94 34.75 -7.89
C VAL B 524 14.81 36.13 -8.53
N GLN B 525 14.19 36.19 -9.70
CA GLN B 525 13.73 37.46 -10.25
C GLN B 525 12.43 37.83 -9.58
N TRP B 526 12.37 38.99 -8.93
CA TRP B 526 11.20 39.30 -8.11
C TRP B 526 10.65 40.67 -8.48
N ASP B 527 9.41 40.89 -8.05
CA ASP B 527 8.78 42.21 -8.12
C ASP B 527 7.70 42.20 -7.06
N THR B 528 7.17 43.39 -6.74
CA THR B 528 6.12 43.50 -5.74
C THR B 528 4.84 42.78 -6.20
N PRO B 529 4.33 41.81 -5.45
CA PRO B 529 3.11 41.11 -5.88
C PRO B 529 1.89 42.02 -5.88
N THR B 530 0.91 41.65 -6.69
CA THR B 530 -0.38 42.32 -6.71
C THR B 530 -1.49 41.37 -6.28
N LEU B 531 -2.60 41.95 -5.82
CA LEU B 531 -3.78 41.20 -5.40
C LEU B 531 -4.94 41.48 -6.34
N SER B 532 -5.84 40.51 -6.48
CA SER B 532 -7.04 40.73 -7.29
C SER B 532 -8.04 41.64 -6.60
N LYS B 533 -7.91 41.88 -5.30
CA LYS B 533 -8.81 42.79 -4.60
C LYS B 533 -8.08 43.37 -3.39
N THR B 534 -8.39 44.61 -3.06
CA THR B 534 -7.61 45.33 -2.05
C THR B 534 -8.38 45.60 -0.78
N SER B 535 -9.67 45.25 -0.73
CA SER B 535 -10.45 45.40 0.50
C SER B 535 -11.72 44.57 0.42
N ALA B 536 -12.30 44.32 1.59
CA ALA B 536 -13.61 43.68 1.70
C ALA B 536 -14.21 44.07 3.05
N ALA B 537 -15.53 43.97 3.15
CA ALA B 537 -16.19 44.12 4.44
C ALA B 537 -16.12 42.80 5.21
N ALA B 538 -15.65 42.86 6.45
CA ALA B 538 -15.49 41.65 7.23
C ALA B 538 -16.82 40.94 7.45
N SER B 539 -17.92 41.68 7.43
CA SER B 539 -19.24 41.07 7.55
C SER B 539 -19.51 40.12 6.39
N SER B 540 -19.07 40.47 5.18
CA SER B 540 -19.43 39.75 3.97
C SER B 540 -18.66 38.45 3.78
N ILE B 541 -17.69 38.14 4.63
CA ILE B 541 -16.89 36.94 4.41
C ILE B 541 -16.63 36.23 5.74
N SER B 542 -17.59 36.33 6.66
CA SER B 542 -17.49 35.64 7.94
C SER B 542 -18.09 34.24 7.80
N GLY B 543 -17.45 33.28 8.46
CA GLY B 543 -17.84 31.88 8.39
C GLY B 543 -16.81 30.96 7.79
N SER B 544 -15.70 31.48 7.27
CA SER B 544 -14.69 30.66 6.60
C SER B 544 -13.43 31.50 6.47
N ASP B 545 -12.37 30.87 5.94
CA ASP B 545 -11.16 31.61 5.61
C ASP B 545 -11.43 32.58 4.46
N LEU B 546 -10.63 33.63 4.38
CA LEU B 546 -10.69 34.58 3.28
C LEU B 546 -9.51 34.29 2.36
N SER B 547 -9.82 33.82 1.15
CA SER B 547 -8.81 33.56 0.12
C SER B 547 -8.77 34.74 -0.84
N ILE B 548 -7.59 35.32 -1.05
CA ILE B 548 -7.42 36.46 -1.95
C ILE B 548 -6.49 36.09 -3.10
N PRO B 549 -7.00 35.96 -4.33
CA PRO B 549 -6.12 35.64 -5.46
C PRO B 549 -4.97 36.64 -5.58
N ILE B 550 -3.77 36.11 -5.84
CA ILE B 550 -2.55 36.91 -5.87
C ILE B 550 -1.80 36.60 -7.16
N THR B 551 -1.10 37.61 -7.67
CA THR B 551 -0.10 37.41 -8.72
C THR B 551 1.26 37.37 -8.02
N TRP B 552 1.77 36.15 -7.78
CA TRP B 552 3.12 35.99 -7.26
C TRP B 552 4.14 36.51 -8.27
N LYS B 553 5.21 37.13 -7.76
CA LYS B 553 6.26 37.69 -8.61
C LYS B 553 7.60 37.40 -7.94
N GLY B 554 8.11 36.19 -8.18
CA GLY B 554 9.32 35.70 -7.56
C GLY B 554 9.07 34.41 -6.78
N LEU B 555 9.42 34.43 -5.51
CA LEU B 555 9.15 33.28 -4.64
C LEU B 555 7.66 33.23 -4.33
N PRO B 556 6.96 32.13 -4.61
CA PRO B 556 5.54 32.01 -4.28
C PRO B 556 5.30 31.63 -2.81
N LYS B 557 5.93 32.37 -1.90
CA LYS B 557 5.84 32.12 -0.47
C LYS B 557 5.46 33.43 0.21
N LEU B 558 4.72 33.32 1.30
CA LEU B 558 4.44 34.45 2.18
C LEU B 558 5.44 34.46 3.33
N ALA B 559 6.07 35.62 3.59
CA ALA B 559 6.97 35.73 4.74
C ALA B 559 6.20 35.98 6.04
N THR B 560 5.29 36.96 6.04
CA THR B 560 4.46 37.21 7.21
C THR B 560 3.33 38.16 6.82
N VAL B 561 2.47 38.48 7.78
CA VAL B 561 1.41 39.45 7.60
C VAL B 561 1.38 40.40 8.79
N LYS B 562 1.50 41.70 8.52
CA LYS B 562 1.25 42.72 9.55
C LYS B 562 -0.24 42.99 9.65
N ALA B 563 -0.72 43.27 10.86
CA ALA B 563 -2.14 43.54 11.06
C ALA B 563 -2.29 44.68 12.06
N LEU B 564 -2.82 45.81 11.57
CA LEU B 564 -2.91 47.05 12.33
C LEU B 564 -4.34 47.58 12.23
N LEU B 565 -4.98 47.81 13.38
CA LEU B 565 -6.28 48.46 13.35
C LEU B 565 -6.12 49.93 12.95
N ASN B 566 -7.27 50.56 12.68
CA ASN B 566 -7.29 51.92 12.17
C ASN B 566 -6.63 52.90 13.14
N ASN B 567 -6.92 52.78 14.43
CA ASN B 567 -6.37 53.69 15.43
C ASN B 567 -4.92 53.38 15.81
N GLY B 568 -4.30 52.35 15.25
CA GLY B 568 -2.91 52.04 15.50
C GLY B 568 -2.67 50.88 16.46
N THR B 569 -3.69 50.44 17.19
CA THR B 569 -3.55 49.27 18.04
C THR B 569 -3.32 48.02 17.20
N TYR B 570 -2.51 47.09 17.72
CA TYR B 570 -2.27 45.83 17.01
C TYR B 570 -3.54 45.00 16.97
N LEU B 571 -3.73 44.26 15.88
CA LEU B 571 -4.87 43.36 15.83
C LEU B 571 -4.75 42.26 16.88
N VAL B 572 -3.58 41.64 17.01
CA VAL B 572 -3.34 40.61 18.02
C VAL B 572 -1.93 40.74 18.57
N ASP B 573 -1.72 40.16 19.76
CA ASP B 573 -0.39 39.93 20.31
C ASP B 573 0.41 41.24 20.43
N ASP B 574 -0.09 42.14 21.29
CA ASP B 574 0.54 43.41 21.63
C ASP B 574 2.05 43.35 21.82
N PHE B 575 2.52 42.23 22.35
CA PHE B 575 3.91 42.07 22.79
C PHE B 575 4.89 42.01 21.63
N THR B 576 4.42 41.86 20.38
CA THR B 576 5.33 41.95 19.26
C THR B 576 5.89 43.35 19.07
N GLN B 577 5.39 44.35 19.80
CA GLN B 577 5.93 45.70 19.69
C GLN B 577 7.41 45.75 20.04
N TRP B 578 7.92 44.74 20.75
CA TRP B 578 9.34 44.62 21.10
C TRP B 578 10.13 43.77 20.11
N PHE B 579 9.53 43.38 18.98
CA PHE B 579 10.16 42.42 18.08
C PHE B 579 10.85 43.09 16.88
N GLY B 580 11.12 44.39 16.96
CA GLY B 580 11.90 45.07 15.94
C GLY B 580 11.15 45.38 14.66
N PRO B 581 11.85 45.94 13.67
CA PRO B 581 11.16 46.42 12.46
C PRO B 581 10.37 45.35 11.71
N PHE B 582 10.81 44.09 11.72
CA PHE B 582 10.16 43.06 10.93
C PHE B 582 9.24 42.18 11.77
N GLY B 583 9.11 42.45 13.07
CA GLY B 583 8.27 41.67 13.95
C GLY B 583 7.08 42.41 14.54
N GLU B 584 7.18 43.73 14.71
CA GLU B 584 6.12 44.50 15.35
C GLU B 584 4.81 44.42 14.56
N ALA B 585 3.73 44.05 15.25
CA ALA B 585 2.38 43.96 14.70
C ALA B 585 2.24 42.82 13.70
N ARG B 586 3.20 41.91 13.65
CA ARG B 586 3.11 40.76 12.77
C ARG B 586 2.31 39.64 13.43
N THR B 587 1.68 38.82 12.57
CA THR B 587 0.80 37.74 13.00
C THR B 587 1.40 36.39 12.62
N THR B 588 0.65 35.31 12.87
CA THR B 588 1.23 33.97 12.95
C THR B 588 0.72 33.06 11.83
N TYR B 589 1.66 32.40 11.17
CA TYR B 589 1.38 31.37 10.18
C TYR B 589 0.39 30.33 10.71
N SER B 590 -0.56 29.95 9.84
CA SER B 590 -1.59 28.95 10.08
C SER B 590 -2.68 29.44 11.03
N ASN B 591 -2.30 30.09 12.13
CA ASN B 591 -3.31 30.63 13.05
C ASN B 591 -4.04 31.83 12.45
N GLN B 592 -3.29 32.78 11.92
CA GLN B 592 -3.88 33.99 11.36
C GLN B 592 -3.84 34.04 9.84
N TRP B 593 -2.85 33.43 9.22
CA TRP B 593 -2.65 33.63 7.79
C TRP B 593 -2.06 32.37 7.17
N ASN B 594 -2.22 32.26 5.86
CA ASN B 594 -1.70 31.14 5.07
C ASN B 594 -1.60 31.58 3.61
N TRP B 595 -1.27 30.62 2.73
CA TRP B 595 -1.18 30.87 1.30
C TRP B 595 -1.23 29.52 0.58
N ASP B 596 -1.49 29.57 -0.72
CA ASP B 596 -1.36 28.37 -1.52
C ASP B 596 -0.90 28.77 -2.91
N ASP B 597 -1.22 27.98 -3.93
CA ASP B 597 -0.64 28.25 -5.24
C ASP B 597 -1.20 29.51 -5.87
N LYS B 598 -2.43 29.89 -5.51
CA LYS B 598 -3.11 30.98 -6.18
C LYS B 598 -3.59 32.08 -5.25
N ASN B 599 -3.45 31.92 -3.94
CA ASN B 599 -4.03 32.86 -2.97
C ASN B 599 -3.11 33.09 -1.78
N VAL B 600 -3.27 34.25 -1.17
CA VAL B 600 -2.88 34.47 0.22
C VAL B 600 -4.18 34.36 1.01
N ILE B 601 -4.07 33.98 2.28
CA ILE B 601 -5.25 33.60 3.04
C ILE B 601 -5.20 34.25 4.42
N LEU B 602 -6.32 34.85 4.83
CA LEU B 602 -6.57 35.26 6.19
C LEU B 602 -7.61 34.31 6.77
N THR B 603 -7.34 33.77 7.96
CA THR B 603 -8.19 32.72 8.50
C THR B 603 -9.47 33.29 9.08
N GLN B 604 -10.45 32.40 9.27
CA GLN B 604 -11.72 32.77 9.90
C GLN B 604 -11.50 33.44 11.24
N ALA B 605 -10.54 32.94 12.01
CA ALA B 605 -10.22 33.56 13.31
C ALA B 605 -9.76 35.00 13.12
N THR B 606 -8.91 35.25 12.11
CA THR B 606 -8.46 36.62 11.83
C THR B 606 -9.62 37.51 11.45
N VAL B 607 -10.52 37.01 10.58
CA VAL B 607 -11.67 37.82 10.19
C VAL B 607 -12.53 38.10 11.40
N GLU B 608 -12.80 37.06 12.21
CA GLU B 608 -13.62 37.22 13.40
C GLU B 608 -12.97 38.18 14.41
N ALA B 609 -11.62 38.26 14.42
CA ALA B 609 -10.96 39.25 15.27
C ALA B 609 -11.20 40.68 14.79
N VAL B 610 -11.31 40.90 13.47
CA VAL B 610 -11.60 42.24 12.98
C VAL B 610 -13.01 42.67 13.35
N VAL B 611 -13.98 41.75 13.21
CA VAL B 611 -15.35 42.04 13.63
C VAL B 611 -15.39 42.38 15.12
N ALA B 612 -14.63 41.63 15.93
CA ALA B 612 -14.66 41.88 17.38
C ALA B 612 -14.01 43.22 17.74
N ALA B 613 -13.07 43.71 16.93
CA ALA B 613 -12.44 45.00 17.23
C ALA B 613 -13.26 46.19 16.76
N GLY B 614 -14.20 45.98 15.82
CA GLY B 614 -15.03 47.07 15.33
C GLY B 614 -14.25 48.19 14.69
N GLN B 615 -13.12 47.87 14.06
CA GLN B 615 -12.18 48.84 13.53
C GLN B 615 -11.68 48.30 12.20
N ASP B 616 -11.62 49.16 11.18
CA ASP B 616 -10.97 48.78 9.92
C ASP B 616 -9.55 48.33 10.23
N THR B 617 -9.12 47.23 9.60
CA THR B 617 -7.81 46.67 9.85
C THR B 617 -7.07 46.53 8.54
N VAL B 618 -5.83 47.00 8.50
CA VAL B 618 -4.99 46.90 7.31
C VAL B 618 -4.07 45.69 7.49
N PHE B 619 -4.12 44.78 6.51
CA PHE B 619 -3.24 43.63 6.43
C PHE B 619 -2.19 43.91 5.39
N THR B 620 -0.93 43.87 5.80
CA THR B 620 0.20 44.02 4.88
C THR B 620 0.83 42.65 4.68
N PHE B 621 0.65 42.10 3.49
CA PHE B 621 1.32 40.86 3.11
C PHE B 621 2.75 41.17 2.71
N GLU B 622 3.69 40.40 3.24
CA GLU B 622 5.11 40.66 3.07
C GLU B 622 5.79 39.44 2.46
N PHE B 623 6.71 39.71 1.53
CA PHE B 623 7.33 38.66 0.72
C PHE B 623 8.84 38.73 0.83
N PHE B 624 9.48 37.73 0.30
CA PHE B 624 10.92 37.61 0.19
C PHE B 624 11.37 38.16 -1.16
N PRO B 625 12.43 38.97 -1.21
CA PRO B 625 13.28 39.42 -0.09
C PRO B 625 12.64 40.48 0.75
N ARG B 626 12.94 40.45 2.06
CA ARG B 626 12.50 41.49 3.00
C ARG B 626 13.58 42.58 3.02
N VAL B 627 13.62 43.32 1.93
CA VAL B 627 14.63 44.36 1.74
C VAL B 627 14.35 45.55 2.64
N ASP B 628 13.10 45.79 2.99
CA ASP B 628 12.69 46.81 3.95
C ASP B 628 11.30 46.38 4.42
N THR B 629 10.57 47.27 5.10
CA THR B 629 9.25 46.89 5.60
C THR B 629 8.10 47.19 4.64
N THR B 630 8.35 47.76 3.44
CA THR B 630 7.26 48.20 2.57
C THR B 630 7.40 47.86 1.08
N THR B 631 8.60 47.78 0.50
CA THR B 631 8.70 47.69 -0.96
C THR B 631 8.05 46.41 -1.47
N ASN B 632 8.50 45.26 -0.98
CA ASN B 632 8.00 43.95 -1.37
C ASN B 632 6.78 43.55 -0.55
N THR B 633 5.76 44.42 -0.51
CA THR B 633 4.58 44.18 0.32
C THR B 633 3.35 44.68 -0.43
N VAL B 634 2.18 44.18 -0.05
CA VAL B 634 0.92 44.67 -0.61
C VAL B 634 -0.15 44.62 0.47
N ASN B 635 -1.01 45.63 0.47
CA ASN B 635 -2.05 45.83 1.48
C ASN B 635 -3.40 45.27 1.08
N PHE B 636 -4.12 44.80 2.10
CA PHE B 636 -5.52 44.43 1.99
C PHE B 636 -6.24 44.90 3.25
N THR B 637 -7.36 45.59 3.08
CA THR B 637 -8.12 46.17 4.19
C THR B 637 -9.43 45.43 4.40
N LEU B 638 -9.65 44.94 5.62
CA LEU B 638 -10.94 44.38 6.01
C LEU B 638 -11.72 45.48 6.72
N THR B 639 -12.87 45.85 6.17
CA THR B 639 -13.61 47.00 6.65
C THR B 639 -14.72 46.61 7.61
N VAL B 640 -15.11 47.56 8.46
CA VAL B 640 -16.26 47.42 9.36
C VAL B 640 -17.10 48.69 9.24
C1 NAG C . -23.26 -18.92 -32.33
C2 NAG C . -22.94 -20.26 -32.99
C3 NAG C . -24.14 -21.18 -32.88
C4 NAG C . -24.61 -21.30 -31.44
C5 NAG C . -24.76 -19.93 -30.77
C6 NAG C . -25.01 -19.98 -29.28
C7 NAG C . -21.38 -20.49 -34.88
C8 NAG C . -21.16 -20.23 -36.34
N2 NAG C . -22.55 -20.09 -34.38
O3 NAG C . -23.75 -22.44 -33.38
O4 NAG C . -25.92 -21.85 -31.44
O5 NAG C . -23.58 -19.14 -30.98
O6 NAG C . -24.09 -20.81 -28.59
O7 NAG C . -20.52 -21.04 -34.18
C1 NAG C . -25.98 -23.08 -30.74
C2 NAG C . -27.46 -23.30 -30.56
C3 NAG C . -27.71 -24.63 -29.84
C4 NAG C . -27.03 -25.76 -30.61
C5 NAG C . -25.55 -25.43 -30.85
C6 NAG C . -24.84 -26.43 -31.74
C7 NAG C . -28.82 -21.26 -30.42
C8 NAG C . -29.36 -20.19 -29.52
N2 NAG C . -28.08 -22.21 -29.82
O3 NAG C . -29.11 -24.87 -29.78
O4 NAG C . -27.11 -26.96 -29.86
O5 NAG C . -25.43 -24.14 -31.48
O6 NAG C . -25.26 -26.33 -33.10
O7 NAG C . -29.04 -21.28 -31.62
C1 BMA C . -28.11 -27.84 -30.41
C2 BMA C . -27.73 -29.24 -29.93
C3 BMA C . -28.82 -30.27 -30.31
C4 BMA C . -30.28 -29.75 -30.01
C5 BMA C . -30.45 -28.33 -30.62
C6 BMA C . -31.85 -27.69 -30.40
O2 BMA C . -27.51 -29.28 -28.50
O3 BMA C . -28.57 -31.56 -29.72
O4 BMA C . -31.23 -30.63 -30.60
O5 BMA C . -29.45 -27.49 -30.02
O6 BMA C . -31.91 -26.41 -31.11
C1 MAN C . -33.22 -25.76 -31.02
C2 MAN C . -33.23 -24.57 -32.04
C3 MAN C . -32.48 -23.34 -31.52
C4 MAN C . -32.87 -22.98 -30.07
C5 MAN C . -32.76 -24.21 -29.14
C6 MAN C . -33.26 -23.93 -27.71
O2 MAN C . -34.57 -24.11 -32.33
O3 MAN C . -32.66 -22.19 -32.39
O4 MAN C . -32.01 -21.96 -29.57
O5 MAN C . -33.54 -25.33 -29.69
O6 MAN C . -34.13 -22.78 -27.72
C1 MAN C . -31.65 -22.15 -33.42
C2 MAN C . -31.61 -20.69 -33.99
C3 MAN C . -32.83 -20.40 -34.88
C4 MAN C . -33.02 -21.51 -35.96
C5 MAN C . -33.09 -22.89 -35.26
C6 MAN C . -33.27 -24.09 -36.22
O2 MAN C . -30.46 -20.48 -34.83
O3 MAN C . -32.78 -19.08 -35.47
O4 MAN C . -34.21 -21.29 -36.69
O5 MAN C . -31.91 -23.11 -34.48
O6 MAN C . -32.00 -24.38 -36.82
C1 MAN C . -27.86 -32.37 -30.70
C2 MAN C . -28.04 -33.86 -30.33
C3 MAN C . -27.22 -34.17 -29.07
C4 MAN C . -25.73 -33.67 -29.18
C5 MAN C . -25.69 -32.18 -29.58
C6 MAN C . -24.28 -31.64 -29.89
O2 MAN C . -27.55 -34.73 -31.38
O3 MAN C . -27.24 -35.55 -28.76
O4 MAN C . -25.08 -33.82 -27.93
O5 MAN C . -26.47 -32.01 -30.79
O6 MAN C . -23.33 -32.30 -29.07
C1 NAG D . 7.38 -28.98 -4.30
C2 NAG D . 6.06 -28.19 -4.35
C3 NAG D . 6.22 -26.80 -3.74
C4 NAG D . 6.98 -26.81 -2.42
C5 NAG D . 8.26 -27.62 -2.55
C6 NAG D . 9.05 -27.73 -1.27
C7 NAG D . 4.43 -28.57 -6.19
C8 NAG D . 4.13 -28.27 -7.64
N2 NAG D . 5.59 -28.06 -5.73
O3 NAG D . 4.92 -26.24 -3.55
O4 NAG D . 7.36 -25.48 -2.06
O5 NAG D . 7.92 -28.95 -2.96
O6 NAG D . 8.24 -28.22 -0.21
O7 NAG D . 3.67 -29.25 -5.50
C1 NAG D . 6.58 -24.84 -1.04
C2 NAG D . 7.43 -23.71 -0.45
C3 NAG D . 6.62 -22.89 0.57
C4 NAG D . 5.26 -22.48 0.02
C5 NAG D . 4.54 -23.67 -0.61
C6 NAG D . 3.29 -23.26 -1.37
C7 NAG D . 9.85 -24.14 -0.37
C8 NAG D . 10.97 -24.76 0.42
N2 NAG D . 8.63 -24.25 0.17
O3 NAG D . 7.37 -21.72 0.91
O4 NAG D . 4.46 -22.01 1.10
O5 NAG D . 5.39 -24.31 -1.57
O6 NAG D . 3.63 -22.64 -2.60
O7 NAG D . 10.05 -23.57 -1.44
C1 BMA D . 4.37 -20.57 1.12
C2 BMA D . 3.03 -20.22 1.78
C3 BMA D . 2.90 -18.68 2.02
C4 BMA D . 4.17 -18.06 2.63
C5 BMA D . 5.47 -18.56 1.96
C6 BMA D . 6.66 -18.20 2.78
O2 BMA D . 2.93 -20.87 3.06
O3 BMA D . 1.85 -18.42 2.90
O4 BMA D . 4.14 -16.64 2.58
O5 BMA D . 5.46 -20.01 1.84
O6 BMA D . 7.82 -18.60 2.10
C1 MAN D . 0.75 -17.80 2.20
C2 MAN D . -0.17 -17.15 3.25
C3 MAN D . -0.84 -18.24 4.10
C4 MAN D . -1.60 -19.25 3.18
C5 MAN D . -0.62 -19.85 2.17
C6 MAN D . -1.32 -20.71 1.12
O2 MAN D . -1.24 -16.45 2.59
O3 MAN D . -1.75 -17.71 5.06
O4 MAN D . -2.16 -20.32 3.96
O5 MAN D . 0.05 -18.76 1.42
O6 MAN D . -0.28 -21.27 0.31
C1 MAN D . -1.54 -15.23 3.27
C2 MAN D . -3.03 -14.98 3.01
C3 MAN D . -3.23 -14.61 1.49
C4 MAN D . -2.25 -13.46 1.07
C5 MAN D . -0.82 -13.93 1.34
C6 MAN D . 0.25 -12.94 0.98
O2 MAN D . -3.50 -13.85 3.73
O3 MAN D . -4.58 -14.28 1.21
O4 MAN D . -2.40 -13.11 -0.30
O5 MAN D . -0.71 -14.19 2.77
O6 MAN D . -0.11 -11.68 1.56
C1 MAN D . -3.83 -14.14 5.11
C2 MAN D . -4.98 -13.19 5.44
C3 MAN D . -4.49 -11.72 5.43
C4 MAN D . -3.14 -11.49 6.22
C5 MAN D . -2.10 -12.58 5.92
C6 MAN D . -0.97 -12.58 6.95
O2 MAN D . -5.48 -13.39 6.76
O3 MAN D . -5.50 -10.89 5.94
O4 MAN D . -2.56 -10.19 5.87
O5 MAN D . -2.73 -13.92 5.96
O6 MAN D . 0.08 -13.38 6.45
C1 MAN D . 8.97 -17.97 2.71
C2 MAN D . 10.16 -18.21 1.76
C3 MAN D . 10.55 -19.70 1.71
C4 MAN D . 10.57 -20.39 3.14
C5 MAN D . 9.42 -19.93 4.08
C6 MAN D . 9.61 -20.34 5.56
O2 MAN D . 11.32 -17.53 2.23
O3 MAN D . 11.85 -19.83 1.13
O4 MAN D . 10.54 -21.81 3.01
O5 MAN D . 9.24 -18.48 4.01
O6 MAN D . 10.85 -19.83 6.08
C1 MAN D . 11.86 -20.17 -0.29
C2 MAN D . 13.34 -20.47 -0.64
C3 MAN D . 14.14 -19.16 -0.65
C4 MAN D . 13.55 -18.19 -1.68
C5 MAN D . 12.08 -17.90 -1.32
C6 MAN D . 11.40 -17.08 -2.41
O2 MAN D . 13.43 -21.03 -1.97
O3 MAN D . 15.53 -19.35 -0.91
O4 MAN D . 14.28 -16.97 -1.70
O5 MAN D . 11.32 -19.14 -1.15
O6 MAN D . 11.67 -17.71 -3.70
C1 NAG E . 17.59 20.23 35.18
C2 NAG E . 18.69 21.29 35.17
C3 NAG E . 18.21 22.56 35.87
C4 NAG E . 16.87 23.03 35.31
C5 NAG E . 15.86 21.88 35.24
C6 NAG E . 14.60 22.23 34.48
C7 NAG E . 21.07 20.69 35.17
C8 NAG E . 22.22 20.16 35.98
N2 NAG E . 19.90 20.79 35.81
O3 NAG E . 19.17 23.59 35.67
O4 NAG E . 16.37 24.00 36.22
O5 NAG E . 16.44 20.75 34.56
O6 NAG E . 14.89 22.71 33.18
O7 NAG E . 21.21 21.01 33.99
C1 NAG E . 16.13 25.28 35.62
C2 NAG E . 15.16 26.01 36.56
C3 NAG E . 14.89 27.42 36.05
C4 NAG E . 16.19 28.17 35.78
C5 NAG E . 17.09 27.33 34.87
C6 NAG E . 18.43 27.97 34.62
C7 NAG E . 13.66 24.53 37.81
C8 NAG E . 12.34 23.81 37.81
N2 NAG E . 13.92 25.27 36.72
O3 NAG E . 14.13 28.13 37.03
O4 NAG E . 15.90 29.42 35.15
O5 NAG E . 17.32 26.05 35.46
O6 NAG E . 19.30 27.82 35.74
O7 NAG E . 14.44 24.46 38.74
C1 BMA E . 16.08 30.46 36.13
C2 BMA E . 16.38 31.78 35.38
C3 BMA E . 16.56 32.88 36.45
C4 BMA E . 15.32 32.97 37.38
C5 BMA E . 15.10 31.59 38.03
C6 BMA E . 13.91 31.52 38.99
O2 BMA E . 15.28 32.14 34.53
O3 BMA E . 16.93 34.15 35.88
O4 BMA E . 15.55 33.94 38.39
O5 BMA E . 14.92 30.62 36.98
O6 BMA E . 14.25 30.55 40.02
C1 MAN E . 13.15 30.26 40.91
C2 MAN E . 13.50 28.94 41.72
C3 MAN E . 13.13 27.65 40.99
C4 MAN E . 11.70 27.74 40.46
C5 MAN E . 11.55 28.94 39.51
C6 MAN E . 10.12 29.08 39.05
O2 MAN E . 12.74 28.85 42.89
O3 MAN E . 13.21 26.52 41.85
O4 MAN E . 11.36 26.55 39.75
O5 MAN E . 11.89 30.18 40.22
O6 MAN E . 9.32 28.87 40.22
C1 MAN E . 14.49 25.86 41.73
C2 MAN E . 14.39 24.39 42.29
C3 MAN E . 14.28 24.38 43.82
C4 MAN E . 15.40 25.25 44.47
C5 MAN E . 15.46 26.67 43.83
C6 MAN E . 16.67 27.46 44.30
O2 MAN E . 15.59 23.67 42.00
O3 MAN E . 14.29 23.02 44.36
O4 MAN E . 15.18 25.43 45.86
O5 MAN E . 15.54 26.59 42.39
O6 MAN E . 16.26 28.83 44.47
C1 MAN E . 7.91 28.92 39.93
C2 MAN E . 7.18 29.31 41.25
C3 MAN E . 7.07 28.10 42.22
C4 MAN E . 6.78 26.72 41.52
C5 MAN E . 7.60 26.54 40.22
C6 MAN E . 7.17 25.34 39.40
O2 MAN E . 5.84 29.80 41.02
O3 MAN E . 6.09 28.34 43.23
O4 MAN E . 7.07 25.66 42.43
O5 MAN E . 7.43 27.69 39.38
O6 MAN E . 7.89 25.39 38.17
C1 MAN E . 18.34 34.13 35.54
C2 MAN E . 19.02 35.45 36.08
C3 MAN E . 18.69 36.66 35.19
C4 MAN E . 18.82 36.32 33.68
C5 MAN E . 18.02 35.03 33.33
C6 MAN E . 18.15 34.61 31.86
O2 MAN E . 20.47 35.38 36.12
O3 MAN E . 19.49 37.78 35.51
O4 MAN E . 18.33 37.39 32.89
O5 MAN E . 18.51 33.94 34.14
O6 MAN E . 18.89 33.38 31.78
C1 NAG F . 17.09 24.02 -7.34
C2 NAG F . 16.10 23.69 -6.19
C3 NAG F . 15.31 22.41 -6.50
C4 NAG F . 14.75 22.40 -7.92
C5 NAG F . 15.83 22.76 -8.92
C6 NAG F . 15.32 22.88 -10.35
C7 NAG F . 16.61 24.37 -3.87
C8 NAG F . 17.39 24.03 -2.63
N2 NAG F . 16.80 23.55 -4.92
O3 NAG F . 14.26 22.32 -5.56
O4 NAG F . 14.28 21.10 -8.25
O5 NAG F . 16.39 24.04 -8.57
O6 NAG F . 14.26 23.82 -10.44
O7 NAG F . 15.87 25.34 -3.92
C1 NAG F . 12.85 20.92 -8.22
C2 NAG F . 12.49 19.68 -9.05
C3 NAG F . 11.00 19.38 -8.94
C4 NAG F . 10.56 19.31 -7.48
C5 NAG F . 11.02 20.55 -6.72
C6 NAG F . 10.77 20.45 -5.23
C7 NAG F . 13.94 19.34 -11.03
C8 NAG F . 14.80 18.46 -10.16
N2 NAG F . 12.87 19.89 -10.45
O3 NAG F . 10.74 18.12 -9.58
O4 NAG F . 9.13 19.27 -7.42
O5 NAG F . 12.42 20.73 -6.89
O6 NAG F . 11.46 19.35 -4.66
O7 NAG F . 14.20 19.53 -12.22
C1 BMA F . 8.61 17.95 -7.18
C2 BMA F . 7.25 18.14 -6.57
C3 BMA F . 6.51 16.77 -6.41
C4 BMA F . 6.56 15.93 -7.70
C5 BMA F . 7.97 15.89 -8.29
C6 BMA F . 7.95 15.31 -9.68
O2 BMA F . 6.45 18.94 -7.43
O3 BMA F . 5.18 16.99 -6.12
O4 BMA F . 6.10 14.59 -7.46
O5 BMA F . 8.51 17.23 -8.39
O6 BMA F . 9.28 15.22 -10.11
C1 MAN F . 4.86 16.74 -4.73
C2 MAN F . 3.32 16.62 -4.64
C3 MAN F . 2.67 18.00 -4.91
C4 MAN F . 3.23 19.04 -3.92
C5 MAN F . 4.75 19.11 -4.04
C6 MAN F . 5.38 20.04 -3.02
O2 MAN F . 2.94 16.27 -3.31
O3 MAN F . 1.24 17.96 -4.80
O4 MAN F . 2.68 20.32 -4.18
O5 MAN F . 5.36 17.77 -3.88
O6 MAN F . 6.77 19.96 -3.22
C1 MAN F . 1.87 15.32 -3.35
C2 MAN F . 1.12 15.46 -2.02
C3 MAN F . 2.01 14.95 -0.86
C4 MAN F . 2.52 13.50 -1.17
C5 MAN F . 3.27 13.49 -2.53
C6 MAN F . 3.71 12.11 -2.99
O2 MAN F . -0.03 14.62 -1.98
O3 MAN F . 1.31 14.98 0.36
O4 MAN F . 3.42 13.01 -0.13
O5 MAN F . 2.39 14.02 -3.55
O6 MAN F . 2.62 11.24 -2.82
C1 MAN F . -1.16 15.21 -2.65
C2 MAN F . -2.38 14.84 -1.83
C3 MAN F . -2.59 13.31 -1.84
C4 MAN F . -2.62 12.71 -3.25
C5 MAN F . -1.47 13.26 -4.12
C6 MAN F . -1.75 13.01 -5.60
O2 MAN F . -3.53 15.42 -2.40
O3 MAN F . -3.78 12.96 -1.16
O4 MAN F . -2.53 11.22 -3.19
O5 MAN F . -1.28 14.70 -3.96
O6 MAN F . -0.82 13.78 -6.32
C1 MAN F . 9.36 14.36 -11.27
C2 MAN F . 10.86 14.05 -11.51
C3 MAN F . 11.61 15.31 -12.01
C4 MAN F . 10.84 16.05 -13.15
C5 MAN F . 9.32 16.21 -12.85
C6 MAN F . 8.55 16.62 -14.08
O2 MAN F . 11.01 13.09 -12.54
O3 MAN F . 12.89 14.95 -12.51
O4 MAN F . 11.41 17.34 -13.38
O5 MAN F . 8.75 14.96 -12.42
O6 MAN F . 7.38 17.29 -13.64
C1 MAN F . 13.97 14.99 -11.53
C2 MAN F . 15.25 15.06 -12.37
C3 MAN F . 15.41 13.73 -13.14
C4 MAN F . 15.39 12.52 -12.17
C5 MAN F . 14.11 12.55 -11.30
C6 MAN F . 14.08 11.47 -10.22
O2 MAN F . 16.44 15.25 -11.58
O3 MAN F . 16.56 13.70 -13.97
O4 MAN F . 15.39 11.31 -12.94
O5 MAN F . 13.97 13.86 -10.66
O6 MAN F . 13.27 10.37 -10.70
C1 NAG G . 0.04 49.79 3.35
C2 NAG G . 0.96 50.72 2.57
C3 NAG G . 1.75 51.60 3.52
C4 NAG G . 0.84 52.31 4.51
C5 NAG G . -0.05 51.29 5.20
C6 NAG G . -1.10 51.92 6.07
C7 NAG G . 1.69 49.76 0.44
C8 NAG G . 2.74 48.96 -0.25
N2 NAG G . 1.87 49.95 1.75
O3 NAG G . 2.50 52.52 2.74
O4 NAG G . 1.63 52.89 5.54
O5 NAG G . -0.77 50.54 4.21
O6 NAG G . -1.79 52.93 5.33
O7 NAG G . 0.72 50.22 -0.14
C1 NAG G . 1.54 54.33 5.58
C2 NAG G . 2.08 54.78 6.96
C3 NAG G . 2.17 56.30 7.05
C4 NAG G . 2.86 56.89 5.82
C5 NAG G . 2.20 56.36 4.55
C6 NAG G . 2.84 56.87 3.28
C7 NAG G . 1.47 53.09 8.66
C8 NAG G . 0.48 52.71 9.71
N2 NAG G . 1.24 54.25 8.02
O3 NAG G . 2.90 56.61 8.22
O4 NAG G . 2.70 58.31 5.79
O5 NAG G . 2.30 54.93 4.53
O6 NAG G . 4.19 56.44 3.13
O7 NAG G . 2.45 52.40 8.41
C1 BMA G . 3.83 59.00 6.32
C2 BMA G . 3.78 60.41 5.72
C3 BMA G . 4.84 61.33 6.34
C4 BMA G . 4.80 61.26 7.87
C5 BMA G . 4.85 59.80 8.32
C6 BMA G . 4.68 59.71 9.78
O2 BMA G . 2.53 60.98 6.05
O3 BMA G . 4.59 62.67 5.92
O4 BMA G . 5.92 61.91 8.41
O5 BMA G . 3.76 59.08 7.71
O6 BMA G . 4.61 58.35 10.11
C1 MAN G . 5.71 63.15 5.14
C2 MAN G . 5.48 64.69 4.92
C3 MAN G . 4.31 64.95 3.98
C4 MAN G . 4.49 64.18 2.67
C5 MAN G . 4.72 62.66 2.96
C6 MAN G . 5.10 61.88 1.73
O2 MAN G . 6.59 65.25 4.24
O3 MAN G . 4.19 66.34 3.73
O4 MAN G . 3.33 64.33 1.85
O5 MAN G . 5.81 62.48 3.91
O6 MAN G . 6.39 62.34 1.35
C1 MAN G . 7.65 65.62 5.15
C2 MAN G . 8.43 66.79 4.50
C3 MAN G . 9.14 66.29 3.22
C4 MAN G . 9.96 64.99 3.54
C5 MAN G . 9.03 63.96 4.16
C6 MAN G . 9.72 62.65 4.45
O2 MAN G . 9.51 67.19 5.34
O3 MAN G . 10.00 67.30 2.64
O4 MAN G . 10.55 64.44 2.38
O5 MAN G . 8.48 64.53 5.39
O6 MAN G . 10.63 62.87 5.53
C1 MAN G . 9.23 68.48 5.90
C2 MAN G . 10.50 68.97 6.66
C3 MAN G . 10.69 68.17 7.95
C4 MAN G . 9.40 68.21 8.82
C5 MAN G . 8.22 67.65 7.99
C6 MAN G . 6.89 67.71 8.70
O2 MAN G . 10.37 70.34 7.06
O3 MAN G . 11.84 68.60 8.69
O4 MAN G . 9.57 67.42 10.00
O5 MAN G . 8.08 68.43 6.76
O6 MAN G . 6.40 69.07 8.61
C1 MAN G . 6.87 61.66 0.17
C2 MAN G . 8.37 61.96 0.08
C3 MAN G . 8.54 63.49 -0.06
C4 MAN G . 7.75 64.06 -1.25
C5 MAN G . 6.26 63.58 -1.22
C6 MAN G . 5.50 63.87 -2.53
O2 MAN G . 9.00 61.33 -1.05
O3 MAN G . 9.90 63.90 -0.18
O4 MAN G . 7.82 65.48 -1.13
O5 MAN G . 6.19 62.12 -0.98
O6 MAN G . 4.07 63.75 -2.28
C1 MAN G . 4.79 58.17 11.52
C2 MAN G . 5.04 56.64 11.75
C3 MAN G . 3.77 55.83 11.46
C4 MAN G . 2.53 56.47 12.13
C5 MAN G . 2.45 57.99 11.79
C6 MAN G . 1.28 58.70 12.46
O2 MAN G . 5.37 56.38 13.13
O3 MAN G . 3.91 54.46 11.90
O4 MAN G . 1.34 55.86 11.68
O5 MAN G . 3.67 58.62 12.21
O6 MAN G . 1.22 58.18 13.79
C1 MAN G . 4.49 53.64 10.88
C2 MAN G . 4.00 52.16 11.08
C3 MAN G . 4.55 51.65 12.39
C4 MAN G . 6.05 51.67 12.35
C5 MAN G . 6.57 53.11 12.07
C6 MAN G . 8.05 53.13 11.75
O2 MAN G . 4.54 51.34 10.03
O3 MAN G . 4.12 50.31 12.74
O4 MAN G . 6.48 51.29 13.62
O5 MAN G . 5.91 53.67 10.91
O6 MAN G . 8.40 54.46 11.35
C1 MAN G . 0.26 58.89 14.59
C2 MAN G . 0.82 58.86 16.02
C3 MAN G . 0.80 57.42 16.55
C4 MAN G . -0.61 56.78 16.39
C5 MAN G . -1.08 56.89 14.94
C6 MAN G . -2.51 56.41 14.75
O2 MAN G . 0.03 59.66 16.92
O3 MAN G . 1.26 57.34 17.89
O4 MAN G . -0.61 55.38 16.78
O5 MAN G . -1.02 58.28 14.50
O6 MAN G . -2.66 55.96 13.41
C1 NAG H . -18.86 -45.75 5.78
C2 NAG H . -18.03 -47.03 5.69
C3 NAG H . -18.62 -47.98 4.64
C4 NAG H . -20.12 -48.17 4.81
C5 NAG H . -20.80 -46.82 4.88
C6 NAG H . -22.28 -46.92 5.15
C7 NAG H . -15.63 -46.75 6.22
C8 NAG H . -14.28 -46.43 5.65
N2 NAG H . -16.65 -46.72 5.36
O3 NAG H . -17.95 -49.23 4.74
O4 NAG H . -20.63 -48.83 3.66
O5 NAG H . -20.23 -46.08 5.96
O6 NAG H . -22.53 -47.53 6.41
O7 NAG H . -15.79 -47.00 7.41
C1 NAG H . -21.21 -50.11 3.94
C2 NAG H . -22.06 -50.50 2.74
C3 NAG H . -22.59 -51.93 2.85
C4 NAG H . -21.48 -52.90 3.28
C5 NAG H . -20.75 -52.35 4.48
C6 NAG H . -19.61 -53.22 4.94
C7 NAG H . -23.10 -48.46 1.85
C8 NAG H . -24.33 -47.61 1.80
N2 NAG H . -23.18 -49.58 2.58
O3 NAG H . -23.13 -52.33 1.60
O4 NAG H . -22.06 -54.16 3.63
O5 NAG H . -20.21 -51.07 4.15
O6 NAG H . -18.68 -53.41 3.89
O7 NAG H . -22.07 -48.15 1.25
C1 BMA H . -21.96 -55.08 2.54
C2 BMA H . -21.89 -56.47 3.18
C3 BMA H . -21.93 -57.58 2.11
C4 BMA H . -22.99 -57.32 1.04
C5 BMA H . -22.98 -55.85 0.56
C6 BMA H . -24.16 -55.55 -0.34
O2 BMA H . -23.03 -56.64 4.01
O3 BMA H . -22.19 -58.83 2.74
O4 BMA H . -22.73 -58.13 -0.07
O5 BMA H . -23.07 -54.99 1.70
O6 BMA H . -24.10 -54.14 -0.68
C1 MAN H . -21.19 -59.79 2.43
C2 MAN H . -21.71 -61.16 2.97
C3 MAN H . -21.77 -61.13 4.47
C4 MAN H . -20.40 -60.75 5.05
C5 MAN H . -19.92 -59.39 4.45
C6 MAN H . -18.51 -59.01 4.89
O2 MAN H . -20.77 -62.18 2.71
O3 MAN H . -22.20 -62.40 4.99
O4 MAN H . -20.48 -60.64 6.46
O5 MAN H . -19.95 -59.47 3.00
O6 MAN H . -17.61 -59.89 4.20
C1 MAN H . -20.96 -62.72 1.38
C2 MAN H . -20.36 -64.16 1.37
C3 MAN H . -18.85 -64.11 1.56
C4 MAN H . -18.20 -63.10 0.53
C5 MAN H . -18.91 -61.74 0.59
C6 MAN H . -18.42 -60.78 -0.46
O2 MAN H . -20.54 -64.75 0.08
O3 MAN H . -18.24 -65.42 1.49
O4 MAN H . -16.80 -62.89 0.80
O5 MAN H . -20.34 -61.92 0.39
O6 MAN H . -18.38 -61.52 -1.69
C1 MAN H . -21.57 -65.76 0.18
C2 MAN H . -21.49 -66.62 -1.12
C3 MAN H . -22.03 -65.86 -2.32
C4 MAN H . -23.42 -65.27 -2.03
C5 MAN H . -23.34 -64.38 -0.77
C6 MAN H . -24.68 -63.86 -0.34
O2 MAN H . -22.29 -67.82 -0.97
O3 MAN H . -22.08 -66.69 -3.49
O4 MAN H . -23.82 -64.46 -3.12
O5 MAN H . -22.84 -65.15 0.35
O6 MAN H . -25.26 -64.88 0.49
C1 MAN H . -16.23 -59.60 4.49
C2 MAN H . -15.40 -60.36 3.45
C3 MAN H . -15.60 -61.87 3.65
C4 MAN H . -15.31 -62.31 5.09
C5 MAN H . -16.10 -61.42 6.11
C6 MAN H . -15.70 -61.66 7.59
O2 MAN H . -14.00 -60.10 3.60
O3 MAN H . -14.80 -62.65 2.76
O4 MAN H . -15.68 -63.67 5.22
O5 MAN H . -15.89 -59.99 5.82
O6 MAN H . -16.73 -61.13 8.46
C1 MAN H . -25.07 -53.83 -1.70
C2 MAN H . -24.71 -52.46 -2.31
C3 MAN H . -24.85 -51.37 -1.26
C4 MAN H . -26.23 -51.45 -0.60
C5 MAN H . -26.47 -52.87 -0.03
C6 MAN H . -27.86 -53.00 0.55
O2 MAN H . -25.65 -52.12 -3.31
O3 MAN H . -24.67 -50.02 -1.81
O4 MAN H . -26.33 -50.51 0.45
O5 MAN H . -26.34 -53.81 -1.12
O6 MAN H . -28.75 -52.52 -0.45
C1 MAN H . -23.32 -49.54 -1.63
C2 MAN H . -23.30 -47.95 -1.67
C3 MAN H . -23.69 -47.49 -3.06
C4 MAN H . -22.80 -48.21 -4.10
C5 MAN H . -22.97 -49.75 -3.93
C6 MAN H . -22.19 -50.58 -4.93
O2 MAN H . -21.96 -47.49 -1.48
O3 MAN H . -23.63 -46.05 -3.25
O4 MAN H . -23.16 -47.81 -5.41
O5 MAN H . -22.51 -50.10 -2.61
O6 MAN H . -21.11 -49.79 -5.39
C1 MAN H . -30.12 -52.55 0.03
C2 MAN H . -31.01 -52.43 -1.23
C3 MAN H . -30.90 -51.00 -1.79
C4 MAN H . -31.19 -49.93 -0.70
C5 MAN H . -30.23 -50.13 0.50
C6 MAN H . -30.54 -49.21 1.69
O2 MAN H . -32.39 -52.66 -0.90
O3 MAN H . -31.74 -50.81 -2.92
O4 MAN H . -30.99 -48.62 -1.25
O5 MAN H . -30.36 -51.50 0.98
O6 MAN H . -29.37 -48.44 2.00
C1 NAG I . 32.96 41.36 1.74
C2 NAG I . 34.17 42.25 2.03
C3 NAG I . 33.75 43.45 2.85
C4 NAG I . 32.63 44.22 2.15
C5 NAG I . 31.48 43.28 1.81
C6 NAG I . 30.42 43.93 0.95
C7 NAG I . 36.28 40.98 2.02
C8 NAG I . 37.29 40.26 2.85
N2 NAG I . 35.25 41.52 2.68
O3 NAG I . 34.87 44.30 3.07
O4 NAG I . 32.16 45.27 2.98
O5 NAG I . 31.95 42.14 1.08
O6 NAG I . 30.89 44.16 -0.37
O7 NAG I . 36.39 41.07 0.80
C1 NAG I . 32.40 46.55 2.35
C2 NAG I . 31.41 47.58 2.88
C3 NAG I . 31.67 48.95 2.24
C4 NAG I . 33.12 49.36 2.42
C5 NAG I . 34.06 48.24 1.95
C6 NAG I . 35.52 48.52 2.26
C7 NAG I . 29.39 46.32 3.48
C8 NAG I . 27.98 46.00 3.10
N2 NAG I . 30.04 47.16 2.66
O3 NAG I . 30.82 49.93 2.84
O4 NAG I . 33.39 50.56 1.69
O5 NAG I . 33.74 47.00 2.59
O6 NAG I . 36.00 47.64 3.27
O7 NAG I . 29.93 45.84 4.47
C1 NAG J . 3.50 -48.57 -19.10
C2 NAG J . 3.76 -49.80 -19.96
C3 NAG J . 2.51 -50.64 -20.07
C4 NAG J . 2.01 -51.04 -18.68
C5 NAG J . 1.89 -49.80 -17.78
C6 NAG J . 1.66 -50.16 -16.33
C7 NAG J . 5.55 -49.56 -21.63
C8 NAG J . 6.47 -50.13 -20.60
N2 NAG J . 4.27 -49.43 -21.28
O3 NAG J . 2.79 -51.81 -20.84
O4 NAG J . 0.74 -51.65 -18.81
O5 NAG J . 3.07 -48.99 -17.80
O6 NAG J . 2.73 -50.94 -15.81
O7 NAG J . 5.95 -49.23 -22.75
C1 NAG J . 0.70 -53.00 -18.32
C2 NAG J . -0.75 -53.29 -17.90
C3 NAG J . -0.90 -54.71 -17.40
C4 NAG J . -0.36 -55.70 -18.42
C5 NAG J . 1.07 -55.34 -18.82
C6 NAG J . 1.62 -56.20 -19.94
C7 NAG J . -2.06 -51.35 -17.15
C8 NAG J . -2.56 -51.26 -18.57
N2 NAG J . -1.19 -52.33 -16.90
O3 NAG J . -2.27 -54.99 -17.14
O4 NAG J . -0.38 -57.02 -17.88
O5 NAG J . 1.12 -53.97 -19.29
O6 NAG J . 3.03 -56.30 -19.89
O7 NAG J . -2.42 -50.55 -16.28
C1 MAN K . -4.75 -45.70 -12.22
C2 MAN K . -5.48 -46.84 -11.48
C3 MAN K . -4.44 -47.63 -10.67
C4 MAN K . -3.31 -48.14 -11.60
C5 MAN K . -2.70 -46.94 -12.39
C6 MAN K . -1.71 -47.35 -13.47
O2 MAN K . -6.08 -47.76 -12.42
O3 MAN K . -5.03 -48.71 -9.94
O4 MAN K . -2.32 -48.77 -10.82
O5 MAN K . -3.75 -46.22 -13.07
O6 MAN K . -0.38 -47.12 -12.96
C1 NAG L . -35.97 -41.78 2.07
C2 NAG L . -37.15 -42.00 1.13
C3 NAG L . -37.56 -40.68 0.48
C4 NAG L . -37.79 -39.59 1.53
C5 NAG L . -36.59 -39.51 2.49
C6 NAG L . -36.83 -38.62 3.69
C7 NAG L . -36.92 -44.30 0.31
C8 NAG L . -36.55 -45.18 -0.84
N2 NAG L . -36.84 -42.98 0.11
O3 NAG L . -38.76 -40.91 -0.26
O4 NAG L . -37.97 -38.36 0.86
O5 NAG L . -36.30 -40.80 3.03
O6 NAG L . -37.58 -37.45 3.34
O7 NAG L . -37.28 -44.77 1.39
C1 NAG M . -35.76 5.61 -9.67
C2 NAG M . -37.06 6.29 -9.20
C3 NAG M . -37.16 7.71 -9.76
C4 NAG M . -35.91 8.50 -9.42
C5 NAG M . -34.68 7.77 -9.96
C6 NAG M . -33.38 8.47 -9.63
C7 NAG M . -38.89 4.73 -8.72
C8 NAG M . -40.08 4.00 -9.29
N2 NAG M . -38.23 5.52 -9.58
O3 NAG M . -38.32 8.36 -9.27
O4 NAG M . -35.98 9.82 -9.98
O5 NAG M . -34.61 6.47 -9.37
O6 NAG M . -32.95 8.17 -8.31
O7 NAG M . -38.55 4.60 -7.55
C1 GOL N . -14.62 -13.88 -0.48
O1 GOL N . -15.62 -13.20 0.25
C2 GOL N . -13.63 -14.32 0.62
O2 GOL N . -13.45 -13.33 1.52
C3 GOL N . -12.31 -14.70 -0.07
O3 GOL N . -11.54 -15.40 0.90
C1 GOL O . -3.90 -32.18 11.34
O1 GOL O . -3.41 -33.48 11.25
C2 GOL O . -2.84 -31.37 12.10
O2 GOL O . -1.73 -31.04 11.30
C3 GOL O . -3.59 -30.12 12.58
O3 GOL O . -4.09 -30.40 13.86
C1 GOL P . -31.43 -9.05 -27.25
O1 GOL P . -30.39 -8.46 -26.55
C2 GOL P . -31.51 -8.17 -28.47
O2 GOL P . -31.11 -6.87 -28.17
C3 GOL P . -30.59 -8.84 -29.49
O3 GOL P . -30.15 -7.77 -30.32
C1 GOL Q . -30.88 -43.36 -6.95
O1 GOL Q . -30.29 -44.45 -6.28
C2 GOL Q . -31.81 -42.59 -5.93
O2 GOL Q . -32.21 -43.39 -4.86
C3 GOL Q . -31.01 -41.31 -5.50
O3 GOL Q . -31.60 -40.79 -4.34
C1 GOL R . -7.88 -23.74 2.18
O1 GOL R . -7.05 -24.85 1.94
C2 GOL R . -9.32 -24.25 2.48
O2 GOL R . -10.15 -23.23 2.99
C3 GOL R . -9.85 -24.88 1.15
O3 GOL R . -11.13 -24.35 0.90
C1 GOL S . -21.48 -18.96 -16.96
O1 GOL S . -21.08 -20.03 -16.14
C2 GOL S . -20.20 -18.09 -17.21
O2 GOL S . -19.24 -18.83 -17.92
C3 GOL S . -19.75 -17.64 -15.79
O3 GOL S . -19.18 -16.34 -15.90
C1 GOL T . 2.89 -46.81 11.82
O1 GOL T . 3.54 -48.05 11.93
C2 GOL T . 3.88 -45.78 12.40
O2 GOL T . 5.05 -46.43 12.90
C3 GOL T . 4.18 -44.81 11.19
O3 GOL T . 3.83 -43.47 11.51
C1 GOL U . 10.80 -1.58 -3.81
O1 GOL U . 11.93 -1.98 -3.05
C2 GOL U . 10.98 -2.09 -5.29
O2 GOL U . 11.29 -3.46 -5.36
C3 GOL U . 9.62 -1.85 -5.96
O3 GOL U . 9.63 -2.58 -7.15
C1 GOL V . -6.33 16.69 -24.37
O1 GOL V . -7.31 16.25 -23.48
C2 GOL V . -6.16 15.59 -25.45
O2 GOL V . -7.37 15.35 -26.11
C3 GOL V . -5.03 16.11 -26.40
O3 GOL V . -3.89 16.32 -25.60
C1 GOL W . -15.86 -14.11 -8.78
O1 GOL W . -15.06 -15.10 -8.11
C2 GOL W . -14.91 -13.40 -9.76
O2 GOL W . -13.78 -14.19 -10.02
C3 GOL W . -15.75 -13.13 -11.02
O3 GOL W . -15.11 -12.09 -11.75
C1 GOL X . 1.73 26.68 3.06
O1 GOL X . 0.96 26.41 4.21
C2 GOL X . 1.39 25.55 2.05
O2 GOL X . 0.07 25.62 1.62
C3 GOL X . 2.35 25.79 0.87
O3 GOL X . 1.53 25.78 -0.26
C1 GOL Y . -1.45 32.38 -10.43
O1 GOL Y . -2.06 31.13 -10.21
C2 GOL Y . -0.13 32.40 -9.67
O2 GOL Y . 0.85 31.63 -10.28
C3 GOL Y . 0.24 33.89 -9.65
O3 GOL Y . 1.54 33.95 -10.11
C1 MAN Z . 21.85 42.27 4.25
C2 MAN Z . 21.20 43.66 4.17
C3 MAN Z . 21.27 44.14 2.71
C4 MAN Z . 22.73 44.13 2.20
C5 MAN Z . 23.37 42.69 2.41
C6 MAN Z . 24.88 42.60 2.11
O2 MAN Z . 21.95 44.59 4.95
O3 MAN Z . 20.69 45.44 2.55
O4 MAN Z . 22.74 44.50 0.83
O5 MAN Z . 23.19 42.31 3.80
O6 MAN Z . 25.43 41.40 2.75
C1 NAG AA . -8.25 51.11 19.30
C2 NAG AA . -8.11 51.54 20.76
C3 NAG AA . -8.27 50.34 21.68
C4 NAG AA . -9.59 49.63 21.41
C5 NAG AA . -9.68 49.25 19.92
C6 NAG AA . -11.00 48.64 19.55
C7 NAG AA . -6.72 53.54 21.06
C8 NAG AA . -5.34 54.05 21.31
N2 NAG AA . -6.85 52.20 21.00
O3 NAG AA . -8.22 50.80 23.03
O4 NAG AA . -9.69 48.47 22.22
O5 NAG AA . -9.52 50.43 19.10
O6 NAG AA . -11.09 47.30 20.01
O7 NAG AA . -7.68 54.29 20.91
C1 NAG BA . -14.96 5.26 33.93
C2 NAG BA . -16.43 5.10 34.36
C3 NAG BA . -16.66 3.75 35.06
C4 NAG BA . -16.09 2.60 34.24
C5 NAG BA . -14.62 2.88 33.92
C6 NAG BA . -13.97 1.80 33.10
C7 NAG BA . -17.57 7.24 34.83
C8 NAG BA . -17.86 8.28 35.86
N2 NAG BA . -16.82 6.20 35.23
O3 NAG BA . -18.05 3.54 35.26
O4 NAG BA . -16.18 1.39 34.98
O5 NAG BA . -14.55 4.10 33.16
O6 NAG BA . -14.66 1.57 31.88
O7 NAG BA . -17.98 7.34 33.67
C1 GOL CA . 0.06 47.74 20.46
O1 GOL CA . -1.34 47.61 20.26
C2 GOL CA . 0.47 49.25 20.22
O2 GOL CA . -0.16 50.13 21.11
C3 GOL CA . 2.03 49.30 20.36
O3 GOL CA . 2.46 50.53 19.84
C1 GOL DA . 7.73 20.27 21.85
O1 GOL DA . 6.79 19.31 22.26
C2 GOL DA . 8.44 20.72 23.15
O2 GOL DA . 7.56 21.35 24.03
C3 GOL DA . 9.71 21.62 22.75
O3 GOL DA . 9.50 22.32 21.55
C1 GOL EA . -2.90 17.70 9.47
O1 GOL EA . -4.05 17.74 10.29
C2 GOL EA . -3.44 17.88 8.03
O2 GOL EA . -4.59 17.13 7.87
C3 GOL EA . -2.29 17.46 7.06
O3 GOL EA . -2.25 18.39 6.00
#